data_1P7L
#
_entry.id   1P7L
#
_cell.length_a   225.82
_cell.length_b   69.13
_cell.length_c   118.23
_cell.angle_alpha   90
_cell.angle_beta   90
_cell.angle_gamma   90
#
_symmetry.space_group_name_H-M   'P 21 21 21'
#
loop_
_entity.id
_entity.type
_entity.pdbx_description
1 polymer 'S-adenosylmethionine synthetase'
2 non-polymer 'POTASSIUM ION'
3 non-polymer 'MAGNESIUM ION'
4 non-polymer 'PHOSPHOAMINOPHOSPHONIC ACID-ADENYLATE ESTER'
5 non-polymer METHIONINE
6 non-polymer S-ADENOSYLMETHIONINE
7 non-polymer '(DIPHOSPHONO)AMINOPHOSPHONIC ACID'
8 water water
#
_entity_poly.entity_id   1
_entity_poly.type   'polypeptide(L)'
_entity_poly.pdbx_seq_one_letter_code
;AKHLFTSESVSEGHPDKIADQISDAVLDAILEQDPKARVACETYVKTGMVLVGGEITTSAWVDIEEITRNTVREIGYVHS
DMGFDANSCAVLSAIGKQSPDINQGVDRADPLEQGAGDQGLMFGYATNETDVLMPAPITYAHRLVQRQAEVRKNGTLPWL
RPDAKSQVTFQYDDGKIVGIDAVVLSTQHSEEIDQKSLQEAVMEEIIKPILPAEWLTSATKFFINPTGRFVIGGPMGDCG
LTGRKIIVDTYGGMARHGGGAFSGKDPSKVDRSAAYAARYVAKNIVAAGLADRCEIQVSYAIGVAEPTSIMVETFGTEKV
PSEQLTLLVREFFDLRPYGLIQMLDLLHPIYKETAAYGHFGREHFPWEKTDKAQLLRDAAGLK
;
_entity_poly.pdbx_strand_id   A,B,C,D
#
loop_
_chem_comp.id
_chem_comp.type
_chem_comp.name
_chem_comp.formula
ANP non-polymer 'PHOSPHOAMINOPHOSPHONIC ACID-ADENYLATE ESTER' 'C10 H17 N6 O12 P3'
K non-polymer 'POTASSIUM ION' 'K 1'
MG non-polymer 'MAGNESIUM ION' 'Mg 2'
PPK non-polymer '(DIPHOSPHONO)AMINOPHOSPHONIC ACID' 'H6 N O9 P3'
SAM non-polymer S-ADENOSYLMETHIONINE 'C15 H22 N6 O5 S'
#
# COMPACT_ATOMS: atom_id res chain seq x y z
N ALA A 1 -31.11 -43.84 11.73
CA ALA A 1 -29.77 -43.55 11.13
C ALA A 1 -29.15 -42.33 11.81
N LYS A 2 -28.16 -42.58 12.66
CA LYS A 2 -27.49 -41.52 13.38
C LYS A 2 -26.29 -40.98 12.61
N HIS A 3 -26.00 -39.70 12.80
CA HIS A 3 -24.86 -39.06 12.14
C HIS A 3 -24.65 -37.66 12.71
N LEU A 4 -23.42 -37.16 12.58
CA LEU A 4 -23.07 -35.84 13.10
C LEU A 4 -22.82 -34.79 12.01
N PHE A 5 -23.36 -33.60 12.22
CA PHE A 5 -23.18 -32.49 11.28
C PHE A 5 -22.71 -31.24 12.04
N THR A 6 -21.64 -30.62 11.54
CA THR A 6 -21.08 -29.44 12.20
C THR A 6 -21.14 -28.17 11.36
N SER A 7 -21.41 -27.05 12.03
CA SER A 7 -21.46 -25.75 11.37
C SER A 7 -20.69 -24.77 12.26
N GLU A 8 -20.40 -23.59 11.74
CA GLU A 8 -19.64 -22.60 12.51
C GLU A 8 -20.06 -21.18 12.17
N SER A 9 -19.68 -20.25 13.04
CA SER A 9 -19.95 -18.84 12.78
C SER A 9 -18.83 -17.97 13.35
N VAL A 10 -18.85 -16.68 13.00
CA VAL A 10 -17.84 -15.74 13.46
C VAL A 10 -18.46 -14.41 13.89
N SER A 11 -17.86 -13.79 14.90
CA SER A 11 -18.31 -12.51 15.44
C SER A 11 -18.11 -11.40 14.43
N GLU A 12 -18.73 -10.26 14.68
CA GLU A 12 -18.56 -9.12 13.79
C GLU A 12 -17.13 -8.62 13.96
N GLY A 13 -16.46 -9.12 15.00
CA GLY A 13 -15.09 -8.70 15.29
C GLY A 13 -14.02 -9.53 14.59
N HIS A 14 -14.45 -10.49 13.78
CA HIS A 14 -13.54 -11.34 13.04
C HIS A 14 -12.98 -10.59 11.80
N PRO A 15 -11.65 -10.65 11.58
CA PRO A 15 -10.98 -9.98 10.45
C PRO A 15 -11.74 -10.06 9.12
N ASP A 16 -12.08 -11.27 8.70
CA ASP A 16 -12.80 -11.49 7.45
C ASP A 16 -14.12 -10.72 7.44
N LYS A 17 -14.88 -10.85 8.52
CA LYS A 17 -16.14 -10.15 8.63
C LYS A 17 -15.95 -8.63 8.65
N ILE A 18 -14.87 -8.17 9.27
CA ILE A 18 -14.60 -6.74 9.32
C ILE A 18 -14.57 -6.25 7.89
N ALA A 19 -13.85 -6.99 7.06
CA ALA A 19 -13.73 -6.64 5.65
C ALA A 19 -15.13 -6.51 5.06
N ASP A 20 -15.86 -7.62 5.09
CA ASP A 20 -17.23 -7.67 4.59
C ASP A 20 -18.02 -6.43 4.99
N GLN A 21 -18.04 -6.16 6.31
CA GLN A 21 -18.78 -5.03 6.86
C GLN A 21 -18.37 -3.76 6.16
N ILE A 22 -17.06 -3.54 6.11
CA ILE A 22 -16.50 -2.38 5.45
C ILE A 22 -16.97 -2.34 3.99
N SER A 23 -16.71 -3.43 3.28
CA SER A 23 -17.11 -3.52 1.89
C SER A 23 -18.59 -3.17 1.70
N ASP A 24 -19.47 -3.81 2.45
CA ASP A 24 -20.89 -3.50 2.30
C ASP A 24 -21.28 -2.15 2.88
N ALA A 25 -20.42 -1.58 3.72
CA ALA A 25 -20.66 -0.28 4.32
C ALA A 25 -20.44 0.77 3.24
N VAL A 26 -19.44 0.55 2.41
CA VAL A 26 -19.15 1.50 1.34
C VAL A 26 -20.29 1.50 0.33
N LEU A 27 -20.73 0.30 -0.05
CA LEU A 27 -21.80 0.14 -1.03
C LEU A 27 -23.08 0.89 -0.61
N ASP A 28 -23.54 0.63 0.61
CA ASP A 28 -24.73 1.28 1.16
C ASP A 28 -24.61 2.79 1.02
N ALA A 29 -23.52 3.34 1.55
CA ALA A 29 -23.28 4.78 1.47
C ALA A 29 -23.42 5.22 0.02
N ILE A 30 -22.78 4.51 -0.88
CA ILE A 30 -22.86 4.85 -2.30
C ILE A 30 -24.30 4.77 -2.77
N LEU A 31 -24.90 3.59 -2.61
CA LEU A 31 -26.27 3.37 -3.06
C LEU A 31 -27.25 4.42 -2.57
N GLU A 32 -27.11 4.80 -1.31
CA GLU A 32 -28.00 5.82 -0.73
C GLU A 32 -28.04 7.01 -1.68
N GLN A 33 -26.88 7.33 -2.24
CA GLN A 33 -26.76 8.45 -3.15
C GLN A 33 -27.11 8.09 -4.60
N ASP A 34 -26.84 6.86 -4.99
CA ASP A 34 -27.10 6.42 -6.35
C ASP A 34 -27.41 4.94 -6.32
N PRO A 35 -28.70 4.60 -6.48
CA PRO A 35 -29.13 3.19 -6.47
C PRO A 35 -28.65 2.35 -7.64
N LYS A 36 -28.45 2.98 -8.80
CA LYS A 36 -28.02 2.24 -9.99
C LYS A 36 -26.51 2.25 -10.18
N ALA A 37 -25.79 2.51 -9.09
CA ALA A 37 -24.34 2.52 -9.10
C ALA A 37 -23.80 1.09 -9.30
N ARG A 38 -22.59 0.98 -9.83
CA ARG A 38 -22.01 -0.34 -10.03
C ARG A 38 -20.81 -0.42 -9.11
N VAL A 39 -20.95 -1.21 -8.05
CA VAL A 39 -19.96 -1.38 -6.98
C VAL A 39 -19.39 -2.78 -6.83
N ALA A 40 -18.08 -2.90 -7.02
CA ALA A 40 -17.38 -4.17 -6.88
C ALA A 40 -16.23 -3.86 -5.93
N CYS A 41 -16.55 -3.79 -4.64
CA CYS A 41 -15.59 -3.41 -3.61
C CYS A 41 -14.98 -4.53 -2.78
N GLU A 42 -13.66 -4.68 -2.87
CA GLU A 42 -12.91 -5.71 -2.15
C GLU A 42 -12.02 -5.12 -1.07
N THR A 43 -12.16 -5.59 0.16
CA THR A 43 -11.37 -5.06 1.27
C THR A 43 -10.35 -6.02 1.88
N TYR A 44 -9.17 -5.50 2.16
CA TYR A 44 -8.08 -6.28 2.75
C TYR A 44 -7.75 -5.63 4.10
N VAL A 45 -7.71 -6.42 5.17
CA VAL A 45 -7.43 -5.88 6.49
C VAL A 45 -6.34 -6.63 7.27
N LYS A 46 -5.35 -5.87 7.75
CA LYS A 46 -4.26 -6.43 8.55
C LYS A 46 -3.80 -5.48 9.66
N THR A 47 -2.88 -5.97 10.46
CA THR A 47 -2.35 -5.26 11.63
C THR A 47 -2.65 -3.76 11.87
N GLY A 48 -2.23 -2.89 10.98
CA GLY A 48 -2.51 -1.50 11.26
C GLY A 48 -3.17 -0.80 10.12
N MET A 49 -3.69 -1.57 9.17
CA MET A 49 -4.32 -0.98 8.01
C MET A 49 -5.63 -1.60 7.56
N VAL A 50 -6.22 -0.95 6.57
CA VAL A 50 -7.45 -1.39 5.96
C VAL A 50 -7.31 -0.96 4.51
N LEU A 51 -7.44 -1.92 3.60
CA LEU A 51 -7.33 -1.63 2.17
C LEU A 51 -8.69 -1.78 1.48
N VAL A 52 -9.22 -0.66 0.98
CA VAL A 52 -10.49 -0.70 0.28
C VAL A 52 -10.17 -0.46 -1.18
N GLY A 53 -10.49 -1.44 -2.03
CA GLY A 53 -10.22 -1.29 -3.44
C GLY A 53 -11.26 -1.96 -4.32
N GLY A 54 -10.90 -2.18 -5.57
CA GLY A 54 -11.83 -2.80 -6.50
C GLY A 54 -12.25 -1.81 -7.56
N GLU A 55 -13.38 -2.05 -8.20
CA GLU A 55 -13.85 -1.15 -9.24
C GLU A 55 -15.21 -0.61 -8.91
N ILE A 56 -15.33 0.72 -8.93
CA ILE A 56 -16.56 1.40 -8.61
C ILE A 56 -16.83 2.47 -9.64
N THR A 57 -18.03 2.46 -10.22
CA THR A 57 -18.44 3.45 -11.20
C THR A 57 -19.79 3.96 -10.71
N THR A 58 -19.77 5.14 -10.09
CA THR A 58 -20.98 5.78 -9.58
C THR A 58 -20.87 7.30 -9.70
N SER A 59 -22.01 7.98 -9.56
CA SER A 59 -22.06 9.44 -9.63
C SER A 59 -22.07 9.99 -8.21
N ALA A 60 -22.09 9.09 -7.24
CA ALA A 60 -22.11 9.42 -5.82
C ALA A 60 -20.76 9.91 -5.35
N TRP A 61 -20.76 10.67 -4.27
CA TRP A 61 -19.52 11.16 -3.69
C TRP A 61 -19.47 10.74 -2.22
N VAL A 62 -18.55 9.84 -1.89
CA VAL A 62 -18.47 9.31 -0.53
C VAL A 62 -17.08 9.42 0.06
N ASP A 63 -17.01 9.32 1.39
CA ASP A 63 -15.73 9.38 2.10
C ASP A 63 -15.36 8.01 2.66
N ILE A 64 -14.46 7.31 1.96
CA ILE A 64 -13.99 5.99 2.37
C ILE A 64 -13.43 5.97 3.79
N GLU A 65 -12.52 6.90 4.11
CA GLU A 65 -11.92 6.92 5.45
C GLU A 65 -12.97 6.98 6.54
N GLU A 66 -13.88 7.94 6.41
CA GLU A 66 -14.94 8.10 7.40
C GLU A 66 -15.80 6.84 7.50
N ILE A 67 -16.31 6.36 6.36
CA ILE A 67 -17.14 5.16 6.35
C ILE A 67 -16.39 4.01 6.99
N THR A 68 -15.12 3.88 6.63
CA THR A 68 -14.27 2.82 7.17
C THR A 68 -14.00 2.97 8.67
N ARG A 69 -13.41 4.09 9.07
CA ARG A 69 -13.12 4.31 10.48
C ARG A 69 -14.36 4.10 11.34
N ASN A 70 -15.47 4.72 10.94
CA ASN A 70 -16.74 4.56 11.65
C ASN A 70 -17.23 3.10 11.69
N THR A 71 -17.10 2.37 10.57
CA THR A 71 -17.53 0.99 10.55
C THR A 71 -16.70 0.13 11.49
N VAL A 72 -15.37 0.33 11.50
CA VAL A 72 -14.52 -0.44 12.41
C VAL A 72 -14.84 0.02 13.82
N ARG A 73 -14.88 1.33 14.01
CA ARG A 73 -15.22 1.86 15.32
C ARG A 73 -16.42 1.13 15.94
N GLU A 74 -17.53 1.08 15.20
CA GLU A 74 -18.72 0.42 15.69
C GLU A 74 -18.46 -1.06 16.01
N ILE A 75 -17.68 -1.73 15.18
CA ILE A 75 -17.36 -3.14 15.43
C ILE A 75 -16.78 -3.26 16.85
N GLY A 76 -15.86 -2.36 17.20
CA GLY A 76 -15.32 -2.40 18.54
C GLY A 76 -13.86 -2.03 18.78
N TYR A 77 -13.01 -2.21 17.78
CA TYR A 77 -11.59 -1.92 17.95
C TYR A 77 -11.33 -0.42 18.04
N VAL A 78 -11.08 0.07 19.25
CA VAL A 78 -10.82 1.50 19.45
C VAL A 78 -9.65 1.81 20.34
N HIS A 79 -8.72 0.87 20.46
CA HIS A 79 -7.54 1.06 21.31
C HIS A 79 -6.45 0.09 20.85
N SER A 80 -5.19 0.49 20.98
CA SER A 80 -4.08 -0.38 20.60
C SER A 80 -4.07 -1.61 21.51
N ASP A 81 -4.71 -1.48 22.67
CA ASP A 81 -4.80 -2.58 23.63
C ASP A 81 -5.43 -3.80 22.98
N MET A 82 -6.43 -3.58 22.13
CA MET A 82 -7.12 -4.68 21.45
C MET A 82 -6.47 -5.07 20.13
N GLY A 83 -5.36 -4.42 19.79
CA GLY A 83 -4.66 -4.75 18.55
C GLY A 83 -4.96 -3.91 17.31
N PHE A 84 -6.15 -3.31 17.23
CA PHE A 84 -6.53 -2.50 16.09
C PHE A 84 -7.31 -1.28 16.63
N ASP A 85 -7.26 -0.15 15.93
CA ASP A 85 -7.98 1.05 16.37
C ASP A 85 -8.50 1.90 15.21
N ALA A 86 -9.82 2.00 15.12
CA ALA A 86 -10.49 2.80 14.09
C ALA A 86 -9.95 4.22 13.94
N ASN A 87 -9.55 4.80 15.05
CA ASN A 87 -9.02 6.16 15.03
C ASN A 87 -7.57 6.29 14.58
N SER A 88 -6.74 5.31 14.93
CA SER A 88 -5.31 5.37 14.60
C SER A 88 -4.81 4.40 13.53
N CYS A 89 -5.69 3.59 12.95
CA CYS A 89 -5.27 2.65 11.91
C CYS A 89 -5.15 3.33 10.54
N ALA A 90 -4.48 2.69 9.60
CA ALA A 90 -4.33 3.25 8.27
C ALA A 90 -5.50 2.86 7.38
N VAL A 91 -5.89 3.77 6.51
CA VAL A 91 -6.97 3.50 5.57
C VAL A 91 -6.43 3.78 4.19
N LEU A 92 -6.29 2.72 3.40
CA LEU A 92 -5.76 2.82 2.04
C LEU A 92 -6.86 2.56 1.01
N SER A 93 -6.69 3.13 -0.19
CA SER A 93 -7.68 2.94 -1.24
C SER A 93 -7.07 2.75 -2.64
N ALA A 94 -7.52 1.68 -3.30
CA ALA A 94 -7.11 1.37 -4.67
C ALA A 94 -8.39 1.03 -5.41
N ILE A 95 -9.22 2.05 -5.64
CA ILE A 95 -10.49 1.87 -6.32
C ILE A 95 -10.48 2.49 -7.71
N GLY A 96 -10.64 1.64 -8.73
CA GLY A 96 -10.69 2.10 -10.10
C GLY A 96 -12.14 2.01 -10.52
N LYS A 97 -12.40 2.22 -11.81
CA LYS A 97 -13.77 2.16 -12.32
C LYS A 97 -14.04 0.83 -13.03
N GLN A 98 -15.32 0.46 -13.14
CA GLN A 98 -15.68 -0.77 -13.83
C GLN A 98 -15.32 -0.74 -15.32
N SER A 99 -14.78 -1.84 -15.80
CA SER A 99 -14.40 -1.96 -17.18
C SER A 99 -15.63 -1.81 -18.08
N PRO A 100 -15.53 -0.94 -19.09
CA PRO A 100 -16.64 -0.72 -20.03
C PRO A 100 -16.96 -2.02 -20.79
N ASP A 101 -15.94 -2.86 -20.96
CA ASP A 101 -16.10 -4.14 -21.66
C ASP A 101 -17.13 -5.04 -20.97
N ILE A 102 -17.16 -4.97 -19.65
CA ILE A 102 -18.12 -5.75 -18.90
C ILE A 102 -19.45 -5.02 -19.02
N ASN A 103 -19.41 -3.73 -18.76
CA ASN A 103 -20.62 -2.90 -18.78
C ASN A 103 -21.55 -2.99 -19.99
N GLN A 104 -20.98 -3.11 -21.19
CA GLN A 104 -21.81 -3.16 -22.37
C GLN A 104 -22.68 -4.40 -22.35
N GLY A 105 -22.22 -5.42 -21.64
CA GLY A 105 -22.97 -6.66 -21.57
C GLY A 105 -23.99 -6.63 -20.44
N VAL A 106 -23.80 -5.72 -19.50
CA VAL A 106 -24.70 -5.61 -18.36
C VAL A 106 -25.87 -4.66 -18.62
N ASP A 107 -25.53 -3.39 -18.86
CA ASP A 107 -26.53 -2.39 -19.11
C ASP A 107 -26.71 -2.21 -20.59
N ARG A 108 -27.80 -2.76 -21.13
CA ARG A 108 -28.07 -2.60 -22.56
C ARG A 108 -29.21 -1.59 -22.76
N ALA A 109 -29.51 -1.27 -24.01
CA ALA A 109 -30.56 -0.30 -24.31
C ALA A 109 -31.80 -0.60 -23.49
N ASP A 110 -32.41 -1.75 -23.74
CA ASP A 110 -33.60 -2.12 -23.02
C ASP A 110 -33.17 -2.63 -21.66
N PRO A 111 -33.72 -2.02 -20.59
CA PRO A 111 -33.42 -2.39 -19.20
C PRO A 111 -33.76 -3.85 -18.84
N LEU A 112 -34.85 -4.37 -19.39
CA LEU A 112 -35.24 -5.75 -19.14
C LEU A 112 -34.17 -6.72 -19.65
N GLU A 113 -33.68 -6.45 -20.86
CA GLU A 113 -32.68 -7.28 -21.52
C GLU A 113 -31.35 -7.24 -20.80
N GLN A 114 -31.18 -6.24 -19.94
CA GLN A 114 -29.93 -6.07 -19.22
C GLN A 114 -29.39 -7.38 -18.68
N GLY A 115 -28.11 -7.62 -18.94
CA GLY A 115 -27.46 -8.87 -18.55
C GLY A 115 -26.77 -9.08 -17.22
N ALA A 116 -26.54 -10.37 -16.95
CA ALA A 116 -25.90 -10.81 -15.72
C ALA A 116 -24.52 -10.18 -15.61
N GLY A 117 -24.18 -9.79 -14.38
CA GLY A 117 -22.89 -9.15 -14.15
C GLY A 117 -21.71 -10.06 -14.35
N ASP A 118 -21.96 -11.37 -14.35
CA ASP A 118 -20.89 -12.33 -14.53
C ASP A 118 -21.48 -13.72 -14.76
N GLN A 119 -20.60 -14.68 -15.06
CA GLN A 119 -21.04 -16.05 -15.24
C GLN A 119 -20.98 -16.69 -13.84
N GLY A 120 -21.63 -17.83 -13.66
CA GLY A 120 -21.57 -18.47 -12.36
C GLY A 120 -22.84 -19.19 -11.96
N LEU A 121 -22.75 -19.94 -10.88
CA LEU A 121 -23.90 -20.68 -10.38
C LEU A 121 -24.15 -20.31 -8.91
N MET A 122 -25.42 -20.33 -8.51
CA MET A 122 -25.79 -19.99 -7.14
C MET A 122 -26.77 -21.00 -6.54
N PHE A 123 -26.64 -21.24 -5.24
CA PHE A 123 -27.50 -22.22 -4.57
C PHE A 123 -28.41 -21.62 -3.50
N GLY A 124 -29.72 -21.88 -3.63
CA GLY A 124 -30.68 -21.41 -2.66
C GLY A 124 -31.09 -22.58 -1.79
N TYR A 125 -31.58 -22.34 -0.58
CA TYR A 125 -31.95 -23.45 0.27
C TYR A 125 -33.00 -23.11 1.31
N ALA A 126 -33.81 -24.10 1.65
CA ALA A 126 -34.87 -23.95 2.64
C ALA A 126 -35.14 -25.29 3.35
N THR A 127 -35.54 -25.21 4.61
CA THR A 127 -35.80 -26.43 5.40
C THR A 127 -36.80 -26.15 6.52
N ASN A 128 -37.70 -27.09 6.77
CA ASN A 128 -38.69 -26.90 7.81
C ASN A 128 -38.13 -27.23 9.20
N GLU A 129 -36.82 -27.37 9.30
CA GLU A 129 -36.18 -27.67 10.57
C GLU A 129 -36.43 -26.58 11.60
N THR A 130 -36.79 -25.39 11.13
CA THR A 130 -37.05 -24.24 12.01
C THR A 130 -38.06 -23.26 11.40
N ASP A 131 -38.70 -22.47 12.26
CA ASP A 131 -39.69 -21.47 11.82
C ASP A 131 -39.23 -20.61 10.67
N VAL A 132 -37.99 -20.13 10.73
CA VAL A 132 -37.47 -19.29 9.67
C VAL A 132 -36.99 -20.15 8.53
N LEU A 133 -37.39 -21.42 8.55
CA LEU A 133 -37.02 -22.37 7.50
C LEU A 133 -35.52 -22.43 7.21
N MET A 134 -34.69 -22.23 8.24
CA MET A 134 -33.24 -22.27 8.10
C MET A 134 -32.76 -23.51 8.79
N PRO A 135 -31.55 -23.97 8.43
CA PRO A 135 -31.02 -25.17 9.09
C PRO A 135 -30.74 -24.74 10.52
N ALA A 136 -30.69 -25.69 11.45
CA ALA A 136 -30.48 -25.36 12.84
C ALA A 136 -29.03 -25.08 13.19
N PRO A 137 -28.10 -25.96 12.82
CA PRO A 137 -26.70 -25.69 13.16
C PRO A 137 -26.19 -24.29 12.88
N ILE A 138 -26.46 -23.75 11.69
CA ILE A 138 -25.98 -22.41 11.39
C ILE A 138 -26.72 -21.36 12.24
N THR A 139 -28.01 -21.59 12.53
CA THR A 139 -28.80 -20.67 13.34
C THR A 139 -28.24 -20.50 14.76
N TYR A 140 -27.90 -21.60 15.42
CA TYR A 140 -27.37 -21.51 16.77
C TYR A 140 -25.95 -20.99 16.85
N ALA A 141 -25.15 -21.32 15.85
CA ALA A 141 -23.78 -20.84 15.82
C ALA A 141 -23.77 -19.32 15.69
N HIS A 142 -24.61 -18.79 14.82
CA HIS A 142 -24.72 -17.35 14.64
C HIS A 142 -25.12 -16.73 15.99
N ARG A 143 -26.15 -17.32 16.60
CA ARG A 143 -26.64 -16.85 17.89
C ARG A 143 -25.53 -16.79 18.92
N LEU A 144 -24.62 -17.76 18.88
CA LEU A 144 -23.55 -17.77 19.84
C LEU A 144 -22.64 -16.57 19.69
N VAL A 145 -22.13 -16.31 18.49
CA VAL A 145 -21.22 -15.17 18.33
C VAL A 145 -21.97 -13.87 18.54
N GLN A 146 -23.24 -13.87 18.15
CA GLN A 146 -24.05 -12.67 18.32
C GLN A 146 -24.27 -12.34 19.79
N ARG A 147 -24.42 -13.36 20.61
CA ARG A 147 -24.61 -13.16 22.04
C ARG A 147 -23.31 -12.60 22.64
N GLN A 148 -22.19 -13.24 22.33
CA GLN A 148 -20.90 -12.79 22.84
C GLN A 148 -20.70 -11.32 22.55
N ALA A 149 -21.12 -10.89 21.36
CA ALA A 149 -20.95 -9.51 20.94
C ALA A 149 -21.83 -8.56 21.77
N GLU A 150 -23.01 -9.05 22.10
CA GLU A 150 -23.97 -8.27 22.84
C GLU A 150 -23.63 -8.17 24.33
N VAL A 151 -23.06 -9.25 24.86
CA VAL A 151 -22.68 -9.29 26.27
C VAL A 151 -21.42 -8.45 26.46
N ARG A 152 -20.74 -8.18 25.34
CA ARG A 152 -19.51 -7.37 25.36
C ARG A 152 -19.90 -5.90 25.32
N LYS A 153 -20.76 -5.55 24.37
CA LYS A 153 -21.22 -4.17 24.20
C LYS A 153 -22.00 -3.66 25.42
N ASN A 154 -22.93 -4.48 25.94
CA ASN A 154 -23.73 -4.08 27.07
C ASN A 154 -22.94 -3.96 28.37
N GLY A 155 -21.66 -4.34 28.32
CA GLY A 155 -20.84 -4.27 29.52
C GLY A 155 -20.97 -5.41 30.51
N THR A 156 -21.69 -6.47 30.16
CA THR A 156 -21.83 -7.62 31.05
C THR A 156 -20.46 -8.23 31.26
N LEU A 157 -19.74 -8.47 30.16
CA LEU A 157 -18.39 -9.03 30.24
C LEU A 157 -17.46 -8.02 29.56
N PRO A 158 -17.13 -6.95 30.27
CA PRO A 158 -16.26 -5.89 29.75
C PRO A 158 -14.87 -6.31 29.26
N TRP A 159 -14.38 -7.47 29.72
CA TRP A 159 -13.06 -7.92 29.31
C TRP A 159 -13.08 -8.68 27.98
N LEU A 160 -14.25 -8.77 27.35
CA LEU A 160 -14.38 -9.46 26.08
C LEU A 160 -13.90 -8.53 24.97
N ARG A 161 -13.26 -9.09 23.95
CA ARG A 161 -12.78 -8.27 22.84
C ARG A 161 -13.64 -8.63 21.62
N PRO A 162 -13.59 -7.81 20.55
CA PRO A 162 -14.40 -8.08 19.36
C PRO A 162 -14.24 -9.42 18.63
N ASP A 163 -12.99 -9.86 18.51
CA ASP A 163 -12.71 -11.11 17.80
C ASP A 163 -13.22 -12.37 18.50
N ALA A 164 -14.01 -13.16 17.78
CA ALA A 164 -14.56 -14.39 18.32
C ALA A 164 -15.13 -15.32 17.24
N LYS A 165 -15.08 -16.62 17.51
CA LYS A 165 -15.60 -17.63 16.59
C LYS A 165 -16.31 -18.75 17.37
N SER A 166 -17.34 -19.31 16.76
CA SER A 166 -18.16 -20.35 17.39
C SER A 166 -18.43 -21.56 16.50
N GLN A 167 -18.32 -22.74 17.10
CA GLN A 167 -18.56 -23.98 16.40
C GLN A 167 -19.43 -24.94 17.22
N VAL A 168 -20.44 -25.51 16.56
CA VAL A 168 -21.37 -26.45 17.17
C VAL A 168 -21.65 -27.63 16.25
N THR A 169 -21.75 -28.81 16.86
CA THR A 169 -22.03 -29.99 16.08
C THR A 169 -23.25 -30.66 16.69
N PHE A 170 -24.27 -30.89 15.87
CA PHE A 170 -25.51 -31.51 16.34
C PHE A 170 -25.54 -33.03 16.10
N GLN A 171 -26.36 -33.72 16.89
CA GLN A 171 -26.53 -35.16 16.75
C GLN A 171 -27.77 -35.34 15.90
N TYR A 172 -27.66 -36.05 14.79
CA TYR A 172 -28.81 -36.25 13.94
C TYR A 172 -29.19 -37.72 13.81
N ASP A 173 -30.33 -38.08 14.36
CA ASP A 173 -30.82 -39.45 14.33
C ASP A 173 -32.21 -39.42 13.76
N ASP A 174 -32.54 -40.40 12.95
CA ASP A 174 -33.87 -40.43 12.37
C ASP A 174 -34.06 -39.15 11.55
N GLY A 175 -32.96 -38.53 11.16
CA GLY A 175 -33.03 -37.31 10.38
C GLY A 175 -33.40 -36.06 11.16
N LYS A 176 -33.57 -36.20 12.47
CA LYS A 176 -33.92 -35.06 13.29
C LYS A 176 -32.84 -34.85 14.34
N ILE A 177 -32.86 -33.70 14.98
CA ILE A 177 -31.88 -33.41 16.01
C ILE A 177 -32.22 -34.08 17.33
N VAL A 178 -31.22 -34.71 17.95
CA VAL A 178 -31.44 -35.36 19.22
C VAL A 178 -30.66 -34.62 20.29
N GLY A 179 -29.62 -33.90 19.87
CA GLY A 179 -28.80 -33.16 20.81
C GLY A 179 -27.57 -32.54 20.19
N ILE A 180 -26.61 -32.15 21.03
CA ILE A 180 -25.38 -31.53 20.56
C ILE A 180 -24.20 -32.19 21.24
N ASP A 181 -23.30 -32.76 20.43
CA ASP A 181 -22.13 -33.46 20.95
C ASP A 181 -20.99 -32.57 21.44
N ALA A 182 -20.56 -31.63 20.60
CA ALA A 182 -19.48 -30.73 20.99
C ALA A 182 -19.76 -29.26 20.72
N VAL A 183 -19.29 -28.40 21.61
CA VAL A 183 -19.47 -26.96 21.49
C VAL A 183 -18.13 -26.24 21.47
N VAL A 184 -17.91 -25.37 20.49
CA VAL A 184 -16.65 -24.63 20.40
C VAL A 184 -16.95 -23.15 20.44
N LEU A 185 -16.23 -22.43 21.30
CA LEU A 185 -16.38 -21.00 21.45
C LEU A 185 -15.03 -20.35 21.77
N SER A 186 -14.50 -19.61 20.80
CA SER A 186 -13.23 -18.92 20.97
C SER A 186 -13.48 -17.43 20.93
N THR A 187 -13.02 -16.72 21.96
CA THR A 187 -13.18 -15.26 22.03
C THR A 187 -11.92 -14.56 22.53
N GLN A 188 -11.62 -13.42 21.94
CA GLN A 188 -10.47 -12.62 22.34
C GLN A 188 -10.80 -12.01 23.72
N HIS A 189 -9.78 -11.69 24.51
CA HIS A 189 -9.99 -11.12 25.85
C HIS A 189 -8.84 -10.24 26.31
N SER A 190 -8.99 -9.67 27.50
CA SER A 190 -7.97 -8.79 28.06
C SER A 190 -6.98 -9.54 28.93
N GLU A 191 -5.82 -8.93 29.15
CA GLU A 191 -4.78 -9.52 29.97
C GLU A 191 -5.23 -9.57 31.42
N GLU A 192 -6.41 -9.03 31.70
CA GLU A 192 -6.92 -8.96 33.07
C GLU A 192 -7.59 -10.21 33.68
N ILE A 193 -8.25 -11.01 32.84
CA ILE A 193 -8.94 -12.20 33.33
C ILE A 193 -8.25 -13.54 33.01
N ASP A 194 -8.43 -14.54 33.88
CA ASP A 194 -7.82 -15.85 33.72
C ASP A 194 -8.68 -16.83 32.90
N GLN A 195 -8.04 -17.85 32.35
CA GLN A 195 -8.73 -18.85 31.54
C GLN A 195 -9.95 -19.47 32.23
N LYS A 196 -9.73 -20.13 33.35
CA LYS A 196 -10.84 -20.75 34.05
C LYS A 196 -12.02 -19.81 34.20
N SER A 197 -11.78 -18.65 34.81
CA SER A 197 -12.83 -17.67 35.01
C SER A 197 -13.52 -17.45 33.68
N LEU A 198 -12.72 -17.04 32.69
CA LEU A 198 -13.22 -16.80 31.34
C LEU A 198 -14.11 -17.96 30.84
N GLN A 199 -13.57 -19.16 30.89
CA GLN A 199 -14.32 -20.33 30.46
C GLN A 199 -15.63 -20.43 31.23
N GLU A 200 -15.54 -20.41 32.56
CA GLU A 200 -16.73 -20.51 33.41
C GLU A 200 -17.74 -19.40 33.09
N ALA A 201 -17.21 -18.21 32.81
CA ALA A 201 -18.04 -17.06 32.50
C ALA A 201 -18.70 -17.20 31.13
N VAL A 202 -17.95 -17.74 30.17
CA VAL A 202 -18.47 -17.90 28.82
C VAL A 202 -19.65 -18.85 28.81
N MET A 203 -19.59 -19.87 29.68
CA MET A 203 -20.68 -20.82 29.76
C MET A 203 -21.97 -20.19 30.26
N GLU A 204 -21.89 -19.49 31.39
CA GLU A 204 -23.06 -18.87 31.97
C GLU A 204 -23.67 -17.81 31.09
N GLU A 205 -22.83 -16.88 30.63
CA GLU A 205 -23.25 -15.75 29.81
C GLU A 205 -23.49 -15.97 28.34
N ILE A 206 -22.68 -16.81 27.70
CA ILE A 206 -22.86 -16.99 26.27
C ILE A 206 -23.41 -18.31 25.77
N ILE A 207 -22.92 -19.41 26.33
CA ILE A 207 -23.37 -20.72 25.87
C ILE A 207 -24.67 -21.17 26.50
N LYS A 208 -24.68 -21.26 27.83
CA LYS A 208 -25.88 -21.72 28.53
C LYS A 208 -27.15 -20.98 28.13
N PRO A 209 -27.10 -19.64 28.01
CA PRO A 209 -28.33 -18.93 27.63
C PRO A 209 -28.76 -19.13 26.18
N ILE A 210 -27.84 -19.53 25.31
CA ILE A 210 -28.17 -19.68 23.91
C ILE A 210 -28.52 -21.10 23.45
N LEU A 211 -27.79 -22.11 23.92
CA LEU A 211 -28.10 -23.46 23.51
C LEU A 211 -29.24 -24.09 24.32
N PRO A 212 -30.23 -24.68 23.62
CA PRO A 212 -31.35 -25.31 24.30
C PRO A 212 -30.86 -26.34 25.29
N ALA A 213 -31.24 -26.16 26.56
CA ALA A 213 -30.81 -27.09 27.61
C ALA A 213 -31.13 -28.56 27.33
N GLU A 214 -32.16 -28.81 26.52
CA GLU A 214 -32.55 -30.17 26.16
C GLU A 214 -31.44 -30.89 25.40
N TRP A 215 -30.84 -30.19 24.45
CA TRP A 215 -29.78 -30.76 23.63
C TRP A 215 -28.43 -30.85 24.35
N LEU A 216 -28.36 -30.29 25.55
CA LEU A 216 -27.12 -30.34 26.32
C LEU A 216 -27.22 -31.46 27.35
N THR A 217 -26.27 -32.38 27.28
CA THR A 217 -26.24 -33.52 28.19
C THR A 217 -24.84 -33.67 28.73
N SER A 218 -24.65 -34.60 29.68
CA SER A 218 -23.36 -34.84 30.30
C SER A 218 -22.34 -35.29 29.25
N ALA A 219 -22.83 -35.64 28.06
CA ALA A 219 -21.98 -36.09 26.97
C ALA A 219 -21.33 -34.91 26.24
N THR A 220 -22.11 -33.87 25.97
CA THR A 220 -21.59 -32.69 25.28
C THR A 220 -20.21 -32.31 25.76
N LYS A 221 -19.36 -31.90 24.82
CA LYS A 221 -17.99 -31.51 25.12
C LYS A 221 -17.79 -30.04 24.77
N PHE A 222 -17.26 -29.27 25.72
CA PHE A 222 -17.05 -27.85 25.50
C PHE A 222 -15.59 -27.45 25.28
N PHE A 223 -15.36 -26.74 24.19
CA PHE A 223 -14.03 -26.28 23.84
C PHE A 223 -14.03 -24.77 23.91
N ILE A 224 -13.43 -24.23 24.96
CA ILE A 224 -13.36 -22.78 25.18
C ILE A 224 -11.91 -22.27 25.18
N ASN A 225 -11.58 -21.50 24.15
CA ASN A 225 -10.24 -20.94 23.99
C ASN A 225 -9.13 -21.98 24.19
N PRO A 226 -9.23 -23.12 23.48
CA PRO A 226 -8.29 -24.24 23.54
C PRO A 226 -6.78 -23.96 23.63
N THR A 227 -6.24 -23.13 22.75
CA THR A 227 -4.80 -22.88 22.83
C THR A 227 -4.46 -22.45 24.25
N GLY A 228 -5.49 -22.13 25.02
CA GLY A 228 -5.28 -21.71 26.38
C GLY A 228 -5.03 -20.22 26.51
N ARG A 229 -4.89 -19.53 25.38
CA ARG A 229 -4.65 -18.09 25.41
C ARG A 229 -5.01 -17.38 24.09
N PHE A 230 -5.94 -16.44 24.17
CA PHE A 230 -6.41 -15.66 23.03
C PHE A 230 -6.53 -14.18 23.46
N VAL A 231 -5.39 -13.52 23.58
CA VAL A 231 -5.35 -12.12 23.99
C VAL A 231 -5.09 -11.30 22.73
N ILE A 232 -4.35 -11.92 21.82
CA ILE A 232 -4.00 -11.30 20.54
C ILE A 232 -5.01 -11.79 19.52
N GLY A 233 -5.70 -10.87 18.86
CA GLY A 233 -6.68 -11.23 17.86
C GLY A 233 -6.82 -10.13 16.83
N GLY A 234 -7.95 -10.14 16.13
CA GLY A 234 -8.19 -9.14 15.10
C GLY A 234 -7.17 -9.23 13.98
N PRO A 235 -7.12 -8.22 13.11
CA PRO A 235 -6.16 -8.25 12.00
C PRO A 235 -4.73 -8.54 12.46
N MET A 236 -4.40 -8.32 13.73
CA MET A 236 -3.05 -8.57 14.21
C MET A 236 -2.78 -10.07 14.27
N GLY A 237 -3.77 -10.82 14.73
CA GLY A 237 -3.60 -12.26 14.82
C GLY A 237 -4.02 -12.98 13.55
N ASP A 238 -4.79 -12.33 12.68
CA ASP A 238 -5.26 -12.98 11.47
C ASP A 238 -5.72 -12.02 10.38
N CYS A 239 -5.19 -12.19 9.17
CA CYS A 239 -5.54 -11.34 8.01
C CYS A 239 -7.02 -11.43 7.60
N GLY A 240 -7.66 -10.28 7.49
CA GLY A 240 -9.06 -10.26 7.10
C GLY A 240 -9.22 -9.93 5.62
N LEU A 241 -10.11 -10.62 4.94
CA LEU A 241 -10.32 -10.39 3.51
C LEU A 241 -11.81 -10.46 3.20
N THR A 242 -12.25 -9.77 2.16
CA THR A 242 -13.66 -9.80 1.76
C THR A 242 -14.05 -11.11 1.04
N GLY A 243 -15.26 -11.60 1.33
CA GLY A 243 -15.72 -12.81 0.70
C GLY A 243 -15.01 -14.12 1.07
N ARG A 244 -14.59 -14.26 2.32
CA ARG A 244 -13.94 -15.48 2.76
C ARG A 244 -14.78 -16.18 3.84
N LYS A 245 -16.04 -15.78 3.96
CA LYS A 245 -16.96 -16.40 4.91
C LYS A 245 -18.19 -16.85 4.14
N ILE A 246 -17.95 -17.16 2.87
CA ILE A 246 -18.94 -17.66 1.94
C ILE A 246 -19.98 -18.60 2.57
N ILE A 247 -19.53 -19.58 3.36
CA ILE A 247 -20.43 -20.56 3.96
C ILE A 247 -21.21 -20.12 5.21
N VAL A 248 -20.55 -19.46 6.16
CA VAL A 248 -21.27 -19.05 7.36
C VAL A 248 -22.25 -17.95 6.94
N ASP A 249 -21.95 -17.33 5.80
CA ASP A 249 -22.80 -16.26 5.27
C ASP A 249 -24.12 -16.83 4.78
N THR A 250 -24.11 -18.10 4.40
CA THR A 250 -25.30 -18.76 3.88
C THR A 250 -26.06 -19.81 4.72
N TYR A 251 -25.67 -21.08 4.61
CA TYR A 251 -26.34 -22.17 5.32
C TYR A 251 -25.48 -23.08 6.20
N GLY A 252 -24.29 -22.63 6.54
CA GLY A 252 -23.42 -23.43 7.40
C GLY A 252 -22.83 -24.72 6.89
N GLY A 253 -22.96 -24.99 5.59
CA GLY A 253 -22.43 -26.22 5.04
C GLY A 253 -23.49 -27.29 4.86
N MET A 254 -24.71 -26.99 5.28
CA MET A 254 -25.82 -27.94 5.15
C MET A 254 -26.27 -28.05 3.69
N ALA A 255 -26.31 -26.92 3.00
CA ALA A 255 -26.71 -26.91 1.61
C ALA A 255 -25.46 -26.74 0.78
N ARG A 256 -25.62 -26.54 -0.53
CA ARG A 256 -24.49 -26.35 -1.43
C ARG A 256 -24.14 -24.87 -1.66
N HIS A 257 -23.07 -24.61 -2.41
CA HIS A 257 -22.61 -23.26 -2.70
C HIS A 257 -21.83 -23.22 -4.02
N GLY A 258 -21.98 -22.12 -4.76
CA GLY A 258 -21.32 -22.02 -6.05
C GLY A 258 -20.00 -21.29 -6.04
N GLY A 259 -19.76 -20.52 -5.00
CA GLY A 259 -18.50 -19.80 -4.91
C GLY A 259 -18.57 -18.29 -5.04
N GLY A 260 -19.75 -17.72 -5.06
CA GLY A 260 -19.86 -16.27 -5.18
C GLY A 260 -20.08 -15.57 -3.86
N ALA A 261 -19.22 -14.61 -3.52
CA ALA A 261 -19.36 -13.87 -2.26
C ALA A 261 -20.51 -12.86 -2.36
N PHE A 262 -20.91 -12.29 -1.23
CA PHE A 262 -21.99 -11.30 -1.22
C PHE A 262 -21.57 -9.83 -1.02
N SER A 263 -20.85 -9.55 0.04
CA SER A 263 -20.45 -8.18 0.35
C SER A 263 -19.61 -7.47 -0.69
N GLY A 264 -19.84 -6.17 -0.81
CA GLY A 264 -19.07 -5.35 -1.72
C GLY A 264 -19.64 -5.17 -3.12
N LYS A 265 -20.67 -5.94 -3.47
CA LYS A 265 -21.25 -5.83 -4.80
C LYS A 265 -22.69 -5.37 -4.87
N ASP A 266 -23.00 -4.61 -5.91
CA ASP A 266 -24.36 -4.13 -6.10
C ASP A 266 -25.16 -5.30 -6.66
N PRO A 267 -26.50 -5.21 -6.61
CA PRO A 267 -27.41 -6.25 -7.10
C PRO A 267 -27.25 -6.71 -8.56
N SER A 268 -26.65 -5.90 -9.41
CA SER A 268 -26.50 -6.34 -10.80
C SER A 268 -25.52 -7.51 -10.82
N LYS A 269 -24.97 -7.81 -9.65
CA LYS A 269 -24.04 -8.93 -9.50
C LYS A 269 -24.81 -10.17 -9.05
N VAL A 270 -25.08 -11.06 -10.00
CA VAL A 270 -25.82 -12.29 -9.75
C VAL A 270 -25.33 -13.12 -8.55
N ASP A 271 -24.04 -13.00 -8.23
CA ASP A 271 -23.50 -13.71 -7.09
C ASP A 271 -24.37 -13.41 -5.85
N ARG A 272 -24.79 -12.16 -5.71
CA ARG A 272 -25.61 -11.74 -4.57
C ARG A 272 -27.12 -11.73 -4.81
N SER A 273 -27.57 -11.15 -5.93
CA SER A 273 -28.99 -11.07 -6.25
C SER A 273 -29.68 -12.40 -6.60
N ALA A 274 -28.99 -13.26 -7.38
CA ALA A 274 -29.51 -14.55 -7.80
C ALA A 274 -29.47 -15.48 -6.62
N ALA A 275 -28.53 -15.21 -5.73
CA ALA A 275 -28.40 -16.03 -4.53
C ALA A 275 -29.66 -15.75 -3.67
N TYR A 276 -29.88 -14.48 -3.39
CA TYR A 276 -31.02 -14.05 -2.59
C TYR A 276 -32.31 -14.59 -3.22
N ALA A 277 -32.50 -14.36 -4.52
CA ALA A 277 -33.70 -14.83 -5.20
C ALA A 277 -33.86 -16.34 -5.04
N ALA A 278 -32.74 -17.05 -4.93
CA ALA A 278 -32.76 -18.48 -4.78
C ALA A 278 -33.25 -18.90 -3.40
N ARG A 279 -32.87 -18.14 -2.37
CA ARG A 279 -33.33 -18.46 -1.01
C ARG A 279 -34.81 -18.14 -0.97
N TYR A 280 -35.18 -17.13 -1.73
CA TYR A 280 -36.54 -16.67 -1.84
C TYR A 280 -37.51 -17.76 -2.33
N VAL A 281 -37.19 -18.39 -3.46
CA VAL A 281 -38.10 -19.43 -3.97
C VAL A 281 -38.04 -20.70 -3.13
N ALA A 282 -36.83 -21.10 -2.70
CA ALA A 282 -36.69 -22.30 -1.88
C ALA A 282 -37.49 -22.16 -0.58
N LYS A 283 -37.36 -21.01 0.08
CA LYS A 283 -38.10 -20.77 1.30
C LYS A 283 -39.59 -20.78 0.98
N ASN A 284 -39.97 -20.01 -0.04
CA ASN A 284 -41.37 -19.92 -0.46
C ASN A 284 -41.99 -21.25 -0.84
N ILE A 285 -41.19 -22.16 -1.40
CA ILE A 285 -41.69 -23.47 -1.79
C ILE A 285 -42.02 -24.27 -0.54
N VAL A 286 -41.12 -24.27 0.43
CA VAL A 286 -41.37 -25.01 1.67
C VAL A 286 -42.52 -24.40 2.46
N ALA A 287 -42.61 -23.08 2.47
CA ALA A 287 -43.69 -22.42 3.17
C ALA A 287 -44.99 -22.79 2.47
N ALA A 288 -44.94 -22.88 1.14
CA ALA A 288 -46.09 -23.24 0.35
C ALA A 288 -46.44 -24.69 0.62
N GLY A 289 -45.55 -25.38 1.33
CA GLY A 289 -45.77 -26.78 1.66
C GLY A 289 -45.57 -27.77 0.53
N LEU A 290 -44.96 -27.32 -0.57
CA LEU A 290 -44.72 -28.21 -1.71
C LEU A 290 -43.54 -29.16 -1.46
N ALA A 291 -42.80 -28.94 -0.38
CA ALA A 291 -41.66 -29.78 -0.05
C ALA A 291 -41.21 -29.47 1.37
N ASP A 292 -40.54 -30.42 2.00
CA ASP A 292 -40.05 -30.22 3.37
C ASP A 292 -38.71 -29.51 3.34
N ARG A 293 -37.98 -29.70 2.26
CA ARG A 293 -36.70 -29.06 2.10
C ARG A 293 -36.25 -29.13 0.63
N CYS A 294 -35.88 -28.00 0.08
CA CYS A 294 -35.43 -28.03 -1.28
C CYS A 294 -34.31 -27.06 -1.55
N GLU A 295 -33.39 -27.51 -2.39
CA GLU A 295 -32.22 -26.75 -2.78
C GLU A 295 -32.47 -26.29 -4.22
N ILE A 296 -32.25 -25.00 -4.48
CA ILE A 296 -32.42 -24.47 -5.82
C ILE A 296 -31.06 -24.08 -6.37
N GLN A 297 -30.92 -24.12 -7.69
CA GLN A 297 -29.65 -23.75 -8.27
C GLN A 297 -29.80 -23.11 -9.63
N VAL A 298 -29.28 -21.89 -9.76
CA VAL A 298 -29.33 -21.18 -11.03
C VAL A 298 -27.90 -20.90 -11.41
N SER A 299 -27.68 -20.68 -12.69
CA SER A 299 -26.36 -20.38 -13.21
C SER A 299 -26.54 -19.32 -14.29
N TYR A 300 -25.57 -18.43 -14.46
CA TYR A 300 -25.69 -17.38 -15.46
C TYR A 300 -24.47 -17.25 -16.38
N ALA A 301 -24.63 -16.44 -17.41
CA ALA A 301 -23.57 -16.16 -18.36
C ALA A 301 -23.44 -14.63 -18.49
N ILE A 302 -22.25 -14.11 -18.25
CA ILE A 302 -22.02 -12.69 -18.33
C ILE A 302 -22.64 -12.02 -19.57
N GLY A 303 -23.26 -10.87 -19.38
CA GLY A 303 -23.88 -10.15 -20.49
C GLY A 303 -25.15 -10.79 -21.01
N VAL A 304 -25.51 -11.93 -20.44
CA VAL A 304 -26.71 -12.65 -20.83
C VAL A 304 -27.80 -12.52 -19.77
N ALA A 305 -28.97 -12.06 -20.18
CA ALA A 305 -30.09 -11.88 -19.25
C ALA A 305 -30.83 -13.14 -18.80
N GLU A 306 -30.94 -14.12 -19.70
CA GLU A 306 -31.66 -15.35 -19.38
C GLU A 306 -30.80 -16.46 -18.77
N PRO A 307 -31.18 -16.91 -17.58
CA PRO A 307 -30.46 -17.96 -16.87
C PRO A 307 -30.02 -19.15 -17.73
N THR A 308 -28.77 -19.59 -17.53
CA THR A 308 -28.22 -20.72 -18.30
C THR A 308 -28.65 -22.07 -17.72
N SER A 309 -29.04 -22.08 -16.44
CA SER A 309 -29.47 -23.30 -15.80
C SER A 309 -30.32 -23.08 -14.53
N ILE A 310 -31.24 -24.00 -14.31
CA ILE A 310 -32.12 -23.95 -13.14
C ILE A 310 -32.47 -25.37 -12.79
N MET A 311 -32.42 -25.68 -11.50
CA MET A 311 -32.74 -27.03 -11.03
C MET A 311 -33.21 -27.01 -9.57
N VAL A 312 -34.31 -27.70 -9.30
CA VAL A 312 -34.82 -27.76 -7.95
C VAL A 312 -34.59 -29.18 -7.43
N GLU A 313 -34.12 -29.28 -6.19
CA GLU A 313 -33.86 -30.57 -5.59
C GLU A 313 -34.63 -30.63 -4.29
N THR A 314 -35.56 -31.58 -4.20
CA THR A 314 -36.39 -31.70 -3.01
C THR A 314 -36.06 -32.93 -2.16
N PHE A 315 -35.00 -33.64 -2.51
CA PHE A 315 -34.59 -34.81 -1.75
C PHE A 315 -35.74 -35.75 -1.46
N GLY A 316 -36.65 -35.89 -2.42
CA GLY A 316 -37.79 -36.77 -2.25
C GLY A 316 -38.89 -36.24 -1.34
N THR A 317 -38.58 -35.22 -0.55
CA THR A 317 -39.56 -34.66 0.37
C THR A 317 -40.64 -33.82 -0.33
N GLU A 318 -40.61 -33.80 -1.66
CA GLU A 318 -41.59 -33.02 -2.41
C GLU A 318 -42.99 -33.61 -2.28
N LYS A 319 -43.99 -32.79 -2.58
CA LYS A 319 -45.38 -33.22 -2.46
C LYS A 319 -46.15 -33.12 -3.79
N VAL A 320 -45.49 -32.58 -4.79
CA VAL A 320 -46.07 -32.49 -6.13
C VAL A 320 -44.91 -32.95 -7.01
N PRO A 321 -45.18 -33.81 -8.01
CA PRO A 321 -44.07 -34.23 -8.84
C PRO A 321 -43.18 -33.06 -9.26
N SER A 322 -41.88 -33.21 -9.00
CA SER A 322 -40.90 -32.19 -9.33
C SER A 322 -41.27 -31.49 -10.62
N GLU A 323 -41.68 -32.27 -11.60
CA GLU A 323 -42.08 -31.75 -12.91
C GLU A 323 -42.83 -30.43 -12.79
N GLN A 324 -44.05 -30.47 -12.26
CA GLN A 324 -44.84 -29.26 -12.12
C GLN A 324 -44.17 -28.33 -11.15
N LEU A 325 -43.37 -28.89 -10.25
CA LEU A 325 -42.67 -28.10 -9.25
C LEU A 325 -41.57 -27.25 -9.87
N THR A 326 -41.02 -27.72 -10.99
CA THR A 326 -39.95 -27.00 -11.66
C THR A 326 -40.51 -26.07 -12.71
N LEU A 327 -41.65 -26.45 -13.27
CA LEU A 327 -42.32 -25.66 -14.28
C LEU A 327 -43.06 -24.53 -13.59
N LEU A 328 -43.29 -24.71 -12.30
CA LEU A 328 -43.98 -23.70 -11.50
C LEU A 328 -42.98 -22.59 -11.17
N VAL A 329 -41.73 -22.98 -10.89
CA VAL A 329 -40.66 -22.06 -10.54
C VAL A 329 -40.47 -20.94 -11.57
N ARG A 330 -40.13 -21.31 -12.79
CA ARG A 330 -39.93 -20.32 -13.84
C ARG A 330 -41.26 -19.67 -14.22
N GLU A 331 -42.34 -20.24 -13.71
CA GLU A 331 -43.66 -19.72 -14.00
C GLU A 331 -43.94 -18.54 -13.07
N PHE A 332 -43.64 -18.74 -11.79
CA PHE A 332 -43.88 -17.70 -10.80
C PHE A 332 -42.83 -16.60 -10.65
N PHE A 333 -41.56 -16.97 -10.58
CA PHE A 333 -40.51 -15.98 -10.41
C PHE A 333 -39.74 -15.65 -11.68
N ASP A 334 -39.12 -14.46 -11.68
CA ASP A 334 -38.29 -13.96 -12.77
C ASP A 334 -36.83 -13.97 -12.28
N LEU A 335 -36.02 -14.87 -12.80
CA LEU A 335 -34.64 -14.93 -12.37
C LEU A 335 -33.72 -14.16 -13.29
N ARG A 336 -34.29 -13.37 -14.18
CA ARG A 336 -33.47 -12.56 -15.08
C ARG A 336 -32.91 -11.39 -14.26
N PRO A 337 -31.65 -11.03 -14.50
CA PRO A 337 -31.05 -9.93 -13.74
C PRO A 337 -32.00 -8.81 -13.37
N TYR A 338 -32.62 -8.20 -14.37
CA TYR A 338 -33.49 -7.08 -14.13
C TYR A 338 -34.93 -7.41 -13.79
N GLY A 339 -35.10 -8.61 -13.25
CA GLY A 339 -36.39 -9.09 -12.80
C GLY A 339 -36.34 -9.37 -11.30
N LEU A 340 -35.19 -9.89 -10.84
CA LEU A 340 -34.99 -10.19 -9.43
C LEU A 340 -34.76 -8.92 -8.62
N ILE A 341 -34.13 -7.93 -9.24
CA ILE A 341 -33.89 -6.69 -8.52
C ILE A 341 -35.22 -6.02 -8.22
N GLN A 342 -36.17 -6.06 -9.15
CA GLN A 342 -37.47 -5.47 -8.90
C GLN A 342 -38.20 -6.42 -7.96
N MET A 343 -38.08 -7.71 -8.25
CA MET A 343 -38.72 -8.75 -7.45
C MET A 343 -38.44 -8.56 -5.98
N LEU A 344 -37.19 -8.22 -5.65
CA LEU A 344 -36.81 -8.03 -4.27
C LEU A 344 -36.46 -6.60 -3.89
N ASP A 345 -36.64 -5.67 -4.84
CA ASP A 345 -36.33 -4.26 -4.60
C ASP A 345 -34.95 -4.12 -3.98
N LEU A 346 -33.93 -4.56 -4.72
CA LEU A 346 -32.57 -4.51 -4.24
C LEU A 346 -31.82 -3.17 -4.40
N LEU A 347 -32.42 -2.16 -5.06
CA LEU A 347 -31.72 -0.88 -5.25
C LEU A 347 -31.85 0.00 -4.01
N HIS A 348 -31.32 -0.47 -2.89
CA HIS A 348 -31.39 0.29 -1.65
C HIS A 348 -30.21 -0.05 -0.75
N PRO A 349 -29.86 0.87 0.15
CA PRO A 349 -28.73 0.60 1.04
C PRO A 349 -29.16 -0.24 2.21
N ILE A 350 -29.25 -1.54 1.99
CA ILE A 350 -29.68 -2.47 3.04
C ILE A 350 -28.69 -3.61 3.26
N TYR A 351 -27.48 -3.50 2.72
CA TYR A 351 -26.55 -4.61 2.83
C TYR A 351 -25.56 -4.69 3.97
N LYS A 352 -25.05 -3.55 4.46
CA LYS A 352 -24.12 -3.60 5.60
C LYS A 352 -24.70 -4.51 6.68
N GLU A 353 -25.96 -4.28 7.04
CA GLU A 353 -26.66 -5.06 8.06
C GLU A 353 -26.58 -6.57 7.78
N THR A 354 -26.40 -6.92 6.53
CA THR A 354 -26.34 -8.31 6.12
C THR A 354 -24.94 -8.90 6.20
N ALA A 355 -23.94 -8.05 6.43
CA ALA A 355 -22.53 -8.46 6.48
C ALA A 355 -22.03 -9.25 7.71
N ALA A 356 -22.87 -9.41 8.73
CA ALA A 356 -22.44 -10.15 9.89
C ALA A 356 -23.63 -10.94 10.41
N TYR A 357 -23.36 -12.18 10.79
CA TYR A 357 -24.39 -13.06 11.32
C TYR A 357 -25.42 -13.64 10.34
N GLY A 358 -24.99 -13.94 9.12
CA GLY A 358 -25.87 -14.57 8.17
C GLY A 358 -26.69 -13.68 7.28
N HIS A 359 -26.83 -14.08 6.03
CA HIS A 359 -27.61 -13.31 5.06
C HIS A 359 -29.02 -13.87 5.01
N PHE A 360 -29.22 -15.00 5.69
CA PHE A 360 -30.52 -15.62 5.71
C PHE A 360 -30.96 -15.89 7.14
N GLY A 361 -32.28 -15.92 7.35
CA GLY A 361 -32.83 -16.16 8.67
C GLY A 361 -33.51 -14.95 9.27
N ARG A 362 -33.22 -13.77 8.72
CA ARG A 362 -33.82 -12.51 9.19
C ARG A 362 -35.06 -12.19 8.34
N GLU A 363 -36.21 -12.59 8.86
CA GLU A 363 -37.49 -12.42 8.19
C GLU A 363 -37.85 -11.03 7.71
N HIS A 364 -37.11 -10.01 8.15
CA HIS A 364 -37.43 -8.67 7.68
C HIS A 364 -36.71 -8.35 6.39
N PHE A 365 -35.79 -9.21 5.98
CA PHE A 365 -35.05 -9.02 4.73
C PHE A 365 -36.06 -9.33 3.63
N PRO A 366 -35.98 -8.63 2.49
CA PRO A 366 -36.89 -8.86 1.37
C PRO A 366 -36.92 -10.29 0.84
N TRP A 367 -35.80 -11.02 0.96
CA TRP A 367 -35.77 -12.39 0.44
C TRP A 367 -36.25 -13.43 1.44
N GLU A 368 -36.45 -13.00 2.69
CA GLU A 368 -36.92 -13.90 3.73
C GLU A 368 -38.44 -13.95 3.79
N LYS A 369 -39.09 -13.01 3.13
CA LYS A 369 -40.54 -12.95 3.13
C LYS A 369 -41.16 -14.08 2.32
N THR A 370 -42.30 -14.57 2.77
CA THR A 370 -42.95 -15.64 2.04
C THR A 370 -44.36 -15.20 1.68
N ASP A 371 -44.49 -14.44 0.60
CA ASP A 371 -45.79 -13.96 0.15
C ASP A 371 -46.29 -14.83 -0.98
N LYS A 372 -45.38 -15.32 -1.80
CA LYS A 372 -45.72 -16.16 -2.94
C LYS A 372 -46.14 -17.60 -2.58
N ALA A 373 -45.92 -18.00 -1.33
CA ALA A 373 -46.26 -19.35 -0.90
C ALA A 373 -47.72 -19.70 -1.19
N GLN A 374 -48.64 -19.02 -0.51
CA GLN A 374 -50.06 -19.29 -0.71
C GLN A 374 -50.44 -19.31 -2.18
N LEU A 375 -49.81 -18.46 -2.99
CA LEU A 375 -50.11 -18.41 -4.41
C LEU A 375 -49.40 -19.54 -5.14
N LEU A 376 -48.27 -19.97 -4.57
CA LEU A 376 -47.49 -21.06 -5.12
C LEU A 376 -48.24 -22.33 -4.79
N ARG A 377 -49.18 -22.20 -3.86
CA ARG A 377 -50.01 -23.33 -3.43
C ARG A 377 -51.20 -23.49 -4.37
N ASP A 378 -51.82 -22.36 -4.72
CA ASP A 378 -52.95 -22.36 -5.62
C ASP A 378 -52.60 -23.09 -6.90
N ALA A 379 -51.38 -22.89 -7.37
CA ALA A 379 -50.95 -23.52 -8.60
C ALA A 379 -50.78 -25.03 -8.45
N ALA A 380 -51.16 -25.56 -7.29
CA ALA A 380 -51.09 -27.00 -7.06
C ALA A 380 -51.98 -27.39 -5.88
N GLY A 381 -53.07 -28.10 -6.16
CA GLY A 381 -53.97 -28.50 -5.09
C GLY A 381 -54.08 -27.46 -3.98
N LEU A 382 -54.83 -26.40 -4.27
CA LEU A 382 -55.00 -25.33 -3.30
C LEU A 382 -55.49 -25.89 -1.98
N LYS A 383 -56.81 -26.09 -1.90
CA LYS A 383 -57.50 -26.59 -0.70
C LYS A 383 -56.70 -26.46 0.59
N ALA B 1 -35.82 -39.26 -14.23
CA ALA B 1 -35.79 -37.92 -13.55
C ALA B 1 -34.71 -37.02 -14.15
N LYS B 2 -35.13 -36.08 -15.00
CA LYS B 2 -34.21 -35.16 -15.66
C LYS B 2 -33.96 -33.93 -14.82
N HIS B 3 -32.76 -33.36 -14.96
CA HIS B 3 -32.40 -32.15 -14.25
C HIS B 3 -31.07 -31.60 -14.76
N LEU B 4 -30.84 -30.32 -14.56
CA LEU B 4 -29.63 -29.66 -15.02
C LEU B 4 -28.68 -29.22 -13.91
N PHE B 5 -27.40 -29.51 -14.08
CA PHE B 5 -26.38 -29.13 -13.10
C PHE B 5 -25.23 -28.38 -13.78
N THR B 6 -24.90 -27.21 -13.25
CA THR B 6 -23.85 -26.37 -13.82
C THR B 6 -22.61 -26.17 -12.94
N SER B 7 -21.44 -26.20 -13.57
CA SER B 7 -20.18 -25.99 -12.88
C SER B 7 -19.34 -25.00 -13.70
N GLU B 8 -18.24 -24.52 -13.14
CA GLU B 8 -17.42 -23.53 -13.83
C GLU B 8 -15.96 -23.63 -13.43
N SER B 9 -15.10 -23.05 -14.27
CA SER B 9 -13.68 -23.02 -13.98
C SER B 9 -13.06 -21.72 -14.48
N VAL B 10 -11.83 -21.46 -14.06
CA VAL B 10 -11.12 -20.25 -14.45
C VAL B 10 -9.67 -20.54 -14.83
N SER B 11 -9.16 -19.80 -15.82
CA SER B 11 -7.79 -19.98 -16.28
C SER B 11 -6.77 -19.56 -15.24
N GLU B 12 -5.52 -19.93 -15.47
CA GLU B 12 -4.46 -19.58 -14.55
C GLU B 12 -4.23 -18.06 -14.66
N GLY B 13 -4.83 -17.45 -15.67
CA GLY B 13 -4.69 -16.01 -15.85
C GLY B 13 -5.77 -15.20 -15.16
N HIS B 14 -6.65 -15.88 -14.44
CA HIS B 14 -7.72 -15.21 -13.71
C HIS B 14 -7.17 -14.54 -12.43
N PRO B 15 -7.51 -13.26 -12.17
CA PRO B 15 -7.05 -12.51 -11.00
C PRO B 15 -7.00 -13.31 -9.71
N ASP B 16 -8.13 -13.91 -9.35
CA ASP B 16 -8.22 -14.71 -8.14
C ASP B 16 -7.18 -15.81 -8.17
N LYS B 17 -7.13 -16.55 -9.26
CA LYS B 17 -6.15 -17.63 -9.38
C LYS B 17 -4.71 -17.11 -9.33
N ILE B 18 -4.47 -15.91 -9.89
CA ILE B 18 -3.13 -15.34 -9.88
C ILE B 18 -2.69 -15.25 -8.42
N ALA B 19 -3.62 -14.78 -7.58
CA ALA B 19 -3.35 -14.66 -6.15
C ALA B 19 -2.93 -16.03 -5.61
N ASP B 20 -3.84 -17.00 -5.69
CA ASP B 20 -3.60 -18.36 -5.24
C ASP B 20 -2.22 -18.86 -5.67
N GLN B 21 -1.93 -18.74 -6.96
CA GLN B 21 -0.65 -19.18 -7.49
C GLN B 21 0.47 -18.51 -6.73
N ILE B 22 0.39 -17.18 -6.64
CA ILE B 22 1.40 -16.42 -5.92
C ILE B 22 1.52 -16.94 -4.50
N SER B 23 0.39 -16.94 -3.80
CA SER B 23 0.32 -17.41 -2.43
C SER B 23 0.99 -18.77 -2.26
N ASP B 24 0.58 -19.76 -3.05
CA ASP B 24 1.16 -21.09 -2.94
C ASP B 24 2.58 -21.16 -3.50
N ALA B 25 2.95 -20.15 -4.29
CA ALA B 25 4.31 -20.10 -4.84
C ALA B 25 5.27 -19.71 -3.74
N VAL B 26 4.82 -18.82 -2.84
CA VAL B 26 5.65 -18.39 -1.74
C VAL B 26 5.84 -19.54 -0.73
N LEU B 27 4.76 -20.27 -0.46
CA LEU B 27 4.84 -21.38 0.50
C LEU B 27 5.88 -22.42 0.07
N ASP B 28 5.73 -22.93 -1.15
CA ASP B 28 6.65 -23.91 -1.70
C ASP B 28 8.08 -23.44 -1.50
N ALA B 29 8.40 -22.27 -2.02
CA ALA B 29 9.74 -21.73 -1.86
C ALA B 29 10.16 -21.85 -0.39
N ILE B 30 9.32 -21.36 0.51
CA ILE B 30 9.64 -21.43 1.92
C ILE B 30 9.83 -22.87 2.36
N LEU B 31 8.81 -23.69 2.14
CA LEU B 31 8.87 -25.08 2.53
C LEU B 31 10.15 -25.76 2.04
N GLU B 32 10.50 -25.53 0.78
CA GLU B 32 11.68 -26.14 0.22
C GLU B 32 12.84 -25.98 1.20
N GLN B 33 12.88 -24.82 1.83
CA GLN B 33 13.92 -24.49 2.77
C GLN B 33 13.62 -24.97 4.19
N ASP B 34 12.34 -24.98 4.54
CA ASP B 34 11.92 -25.40 5.87
C ASP B 34 10.53 -26.01 5.78
N PRO B 35 10.44 -27.35 5.90
CA PRO B 35 9.18 -28.07 5.83
C PRO B 35 8.21 -27.81 6.99
N LYS B 36 8.75 -27.54 8.17
CA LYS B 36 7.93 -27.31 9.35
C LYS B 36 7.60 -25.83 9.58
N ALA B 37 7.76 -25.04 8.53
CA ALA B 37 7.47 -23.60 8.58
C ALA B 37 5.96 -23.38 8.72
N ARG B 38 5.57 -22.26 9.32
CA ARG B 38 4.15 -21.98 9.44
C ARG B 38 3.84 -20.80 8.52
N VAL B 39 3.11 -21.08 7.45
CA VAL B 39 2.78 -20.10 6.43
C VAL B 39 1.29 -19.84 6.23
N ALA B 40 0.87 -18.60 6.44
CA ALA B 40 -0.53 -18.18 6.25
C ALA B 40 -0.41 -16.94 5.39
N CYS B 41 -0.22 -17.16 4.09
CA CYS B 41 0.00 -16.08 3.13
C CYS B 41 -1.19 -15.68 2.26
N GLU B 42 -1.64 -14.45 2.42
CA GLU B 42 -2.79 -13.96 1.66
C GLU B 42 -2.35 -12.93 0.62
N THR B 43 -2.77 -13.11 -0.63
CA THR B 43 -2.38 -12.18 -1.68
C THR B 43 -3.54 -11.37 -2.27
N TYR B 44 -3.29 -10.10 -2.55
CA TYR B 44 -4.28 -9.17 -3.10
C TYR B 44 -3.68 -8.65 -4.40
N VAL B 45 -4.43 -8.73 -5.49
CA VAL B 45 -3.92 -8.29 -6.79
C VAL B 45 -4.83 -7.37 -7.58
N LYS B 46 -4.28 -6.22 -7.98
CA LYS B 46 -5.05 -5.25 -8.76
C LYS B 46 -4.18 -4.58 -9.81
N THR B 47 -4.84 -3.72 -10.59
CA THR B 47 -4.24 -3.01 -11.73
C THR B 47 -2.72 -2.97 -11.95
N GLY B 48 -1.96 -2.48 -11.00
CA GLY B 48 -0.53 -2.46 -11.27
C GLY B 48 0.25 -2.96 -10.09
N MET B 49 -0.43 -3.64 -9.19
CA MET B 49 0.23 -4.12 -8.01
C MET B 49 -0.12 -5.55 -7.62
N VAL B 50 0.64 -6.04 -6.64
CA VAL B 50 0.46 -7.37 -6.10
C VAL B 50 0.83 -7.19 -4.62
N LEU B 51 -0.09 -7.58 -3.75
CA LEU B 51 0.12 -7.46 -2.30
C LEU B 51 0.23 -8.85 -1.68
N VAL B 52 1.40 -9.15 -1.14
CA VAL B 52 1.60 -10.43 -0.49
C VAL B 52 1.69 -10.11 0.98
N GLY B 53 0.74 -10.64 1.76
CA GLY B 53 0.73 -10.39 3.19
C GLY B 53 0.29 -11.59 4.01
N GLY B 54 0.03 -11.36 5.29
CA GLY B 54 -0.38 -12.42 6.19
C GLY B 54 0.64 -12.66 7.28
N GLU B 55 0.67 -13.87 7.81
CA GLU B 55 1.61 -14.21 8.88
C GLU B 55 2.43 -15.43 8.55
N ILE B 56 3.74 -15.24 8.53
CA ILE B 56 4.69 -16.30 8.23
C ILE B 56 5.77 -16.36 9.30
N THR B 57 5.96 -17.54 9.86
CA THR B 57 6.99 -17.78 10.87
C THR B 57 7.82 -18.95 10.38
N THR B 58 8.98 -18.62 9.79
CA THR B 58 9.90 -19.62 9.26
C THR B 58 11.35 -19.19 9.42
N SER B 59 12.26 -20.15 9.29
CA SER B 59 13.70 -19.92 9.41
C SER B 59 14.27 -19.76 8.02
N ALA B 60 13.41 -20.00 7.02
CA ALA B 60 13.75 -19.89 5.62
C ALA B 60 14.00 -18.45 5.21
N TRP B 61 14.75 -18.25 4.14
CA TRP B 61 15.00 -16.90 3.66
C TRP B 61 14.66 -16.88 2.17
N VAL B 62 13.58 -16.17 1.84
CA VAL B 62 13.09 -16.11 0.47
C VAL B 62 12.94 -14.71 -0.09
N ASP B 63 12.84 -14.61 -1.41
CA ASP B 63 12.65 -13.32 -2.08
C ASP B 63 11.25 -13.20 -2.69
N ILE B 64 10.35 -12.50 -2.00
CA ILE B 64 8.97 -12.31 -2.47
C ILE B 64 8.85 -11.69 -3.85
N GLU B 65 9.59 -10.60 -4.10
CA GLU B 65 9.53 -9.96 -5.41
C GLU B 65 9.84 -10.97 -6.50
N GLU B 66 10.96 -11.68 -6.36
CA GLU B 66 11.38 -12.65 -7.36
C GLU B 66 10.37 -13.76 -7.53
N ILE B 67 9.96 -14.37 -6.42
CA ILE B 67 8.98 -15.44 -6.53
C ILE B 67 7.71 -14.93 -7.19
N THR B 68 7.28 -13.73 -6.79
CA THR B 68 6.08 -13.11 -7.36
C THR B 68 6.22 -12.78 -8.84
N ARG B 69 7.17 -11.91 -9.19
CA ARG B 69 7.39 -11.52 -10.58
C ARG B 69 7.49 -12.73 -11.51
N ASN B 70 8.26 -13.73 -11.07
CA ASN B 70 8.44 -14.98 -11.84
C ASN B 70 7.10 -15.77 -11.97
N THR B 71 6.33 -15.82 -10.90
CA THR B 71 5.06 -16.54 -10.91
C THR B 71 4.08 -15.86 -11.87
N VAL B 72 4.01 -14.53 -11.84
CA VAL B 72 3.12 -13.82 -12.72
C VAL B 72 3.66 -13.98 -14.15
N ARG B 73 4.96 -13.78 -14.29
CA ARG B 73 5.59 -13.93 -15.59
C ARG B 73 5.16 -15.26 -16.26
N GLU B 74 5.31 -16.38 -15.54
CA GLU B 74 4.91 -17.67 -16.09
C GLU B 74 3.43 -17.70 -16.46
N ILE B 75 2.59 -17.10 -15.63
CA ILE B 75 1.17 -17.06 -15.92
C ILE B 75 0.99 -16.47 -17.33
N GLY B 76 1.68 -15.37 -17.63
CA GLY B 76 1.57 -14.81 -18.95
C GLY B 76 1.59 -13.31 -19.11
N TYR B 77 1.22 -12.55 -18.07
CA TYR B 77 1.20 -11.09 -18.19
C TYR B 77 2.61 -10.52 -18.24
N VAL B 78 3.04 -10.09 -19.42
CA VAL B 78 4.38 -9.55 -19.58
C VAL B 78 4.47 -8.30 -20.44
N HIS B 79 3.36 -7.57 -20.55
CA HIS B 79 3.34 -6.36 -21.35
C HIS B 79 2.15 -5.52 -20.90
N SER B 80 2.28 -4.20 -20.94
CA SER B 80 1.19 -3.33 -20.54
C SER B 80 0.02 -3.56 -21.50
N ASP B 81 0.32 -4.07 -22.69
CA ASP B 81 -0.70 -4.37 -23.68
C ASP B 81 -1.79 -5.28 -23.13
N MET B 82 -1.40 -6.24 -22.29
CA MET B 82 -2.36 -7.17 -21.70
C MET B 82 -2.90 -6.69 -20.35
N GLY B 83 -2.53 -5.47 -19.95
CA GLY B 83 -3.03 -4.94 -18.70
C GLY B 83 -2.19 -5.10 -17.44
N PHE B 84 -1.35 -6.13 -17.38
CA PHE B 84 -0.49 -6.36 -16.22
C PHE B 84 0.88 -6.82 -16.74
N ASP B 85 1.94 -6.55 -15.98
CA ASP B 85 3.29 -6.97 -16.38
C ASP B 85 4.16 -7.31 -15.18
N ALA B 86 4.54 -8.58 -15.09
CA ALA B 86 5.41 -9.09 -14.04
C ALA B 86 6.67 -8.25 -13.84
N ASN B 87 7.21 -7.75 -14.94
CA ASN B 87 8.43 -6.95 -14.87
C ASN B 87 8.21 -5.54 -14.36
N SER B 88 7.11 -4.92 -14.77
CA SER B 88 6.86 -3.54 -14.37
C SER B 88 5.77 -3.29 -13.34
N CYS B 89 5.17 -4.34 -12.81
CA CYS B 89 4.13 -4.15 -11.81
C CYS B 89 4.74 -3.92 -10.43
N ALA B 90 3.92 -3.51 -9.47
CA ALA B 90 4.42 -3.28 -8.12
C ALA B 90 4.28 -4.55 -7.29
N VAL B 91 5.25 -4.80 -6.41
CA VAL B 91 5.18 -5.95 -5.53
C VAL B 91 5.28 -5.39 -4.11
N LEU B 92 4.20 -5.52 -3.35
CA LEU B 92 4.13 -5.03 -1.99
C LEU B 92 4.07 -6.18 -1.00
N SER B 93 4.57 -5.94 0.20
CA SER B 93 4.56 -6.95 1.25
C SER B 93 4.15 -6.44 2.66
N ALA B 94 3.24 -7.17 3.28
CA ALA B 94 2.78 -6.89 4.62
C ALA B 94 2.72 -8.24 5.32
N ILE B 95 3.88 -8.82 5.58
CA ILE B 95 3.95 -10.12 6.23
C ILE B 95 4.52 -10.06 7.64
N GLY B 96 3.67 -10.41 8.61
CA GLY B 96 4.07 -10.43 10.00
C GLY B 96 4.28 -11.88 10.35
N LYS B 97 4.48 -12.17 11.63
CA LYS B 97 4.71 -13.55 12.09
C LYS B 97 3.46 -14.13 12.76
N GLN B 98 3.38 -15.46 12.82
CA GLN B 98 2.24 -16.12 13.43
C GLN B 98 2.12 -15.80 14.91
N SER B 99 0.89 -15.54 15.34
CA SER B 99 0.65 -15.24 16.74
C SER B 99 1.05 -16.42 17.63
N PRO B 100 1.86 -16.17 18.66
CA PRO B 100 2.27 -17.23 19.57
C PRO B 100 1.06 -17.85 20.26
N ASP B 101 0.03 -17.05 20.46
CA ASP B 101 -1.20 -17.51 21.10
C ASP B 101 -1.76 -18.70 20.35
N ILE B 102 -1.78 -18.60 19.03
CA ILE B 102 -2.29 -19.70 18.22
C ILE B 102 -1.31 -20.87 18.30
N ASN B 103 -0.03 -20.56 18.13
CA ASN B 103 1.03 -21.55 18.13
C ASN B 103 1.09 -22.52 19.31
N GLN B 104 0.85 -22.04 20.53
CA GLN B 104 0.92 -22.91 21.69
C GLN B 104 -0.09 -24.03 21.60
N GLY B 105 -1.16 -23.80 20.85
CA GLY B 105 -2.18 -24.81 20.72
C GLY B 105 -1.91 -25.73 19.56
N VAL B 106 -1.03 -25.29 18.66
CA VAL B 106 -0.70 -26.10 17.49
C VAL B 106 0.46 -27.04 17.74
N ASP B 107 1.61 -26.46 18.05
CA ASP B 107 2.81 -27.23 18.31
C ASP B 107 3.01 -27.39 19.80
N ARG B 108 2.67 -28.58 20.31
CA ARG B 108 2.84 -28.88 21.73
C ARG B 108 4.04 -29.81 21.91
N ALA B 109 4.39 -30.08 23.17
CA ALA B 109 5.53 -30.94 23.49
C ALA B 109 5.55 -32.19 22.62
N ASP B 110 4.53 -33.02 22.77
CA ASP B 110 4.43 -34.23 22.01
C ASP B 110 3.91 -33.87 20.62
N PRO B 111 4.67 -34.20 19.58
CA PRO B 111 4.30 -33.91 18.19
C PRO B 111 2.96 -34.55 17.74
N LEU B 112 2.64 -35.73 18.28
CA LEU B 112 1.39 -36.40 17.93
C LEU B 112 0.20 -35.57 18.41
N GLU B 113 0.28 -35.16 19.68
CA GLU B 113 -0.77 -34.36 20.33
C GLU B 113 -0.97 -33.01 19.64
N GLN B 114 0.00 -32.60 18.83
CA GLN B 114 -0.07 -31.31 18.17
C GLN B 114 -1.44 -31.04 17.59
N GLY B 115 -1.96 -29.84 17.88
CA GLY B 115 -3.29 -29.45 17.45
C GLY B 115 -3.61 -28.79 16.12
N ALA B 116 -4.91 -28.83 15.80
CA ALA B 116 -5.44 -28.26 14.58
C ALA B 116 -5.12 -26.79 14.54
N GLY B 117 -4.78 -26.32 13.34
CA GLY B 117 -4.42 -24.92 13.16
C GLY B 117 -5.57 -23.97 13.45
N ASP B 118 -6.80 -24.47 13.38
CA ASP B 118 -7.96 -23.63 13.60
C ASP B 118 -9.19 -24.50 13.73
N GLN B 119 -10.34 -23.87 13.97
CA GLN B 119 -11.59 -24.59 14.08
C GLN B 119 -12.19 -24.60 12.67
N GLY B 120 -13.21 -25.43 12.43
CA GLY B 120 -13.82 -25.46 11.11
C GLY B 120 -14.20 -26.84 10.64
N LEU B 121 -14.90 -26.90 9.52
CA LEU B 121 -15.35 -28.17 8.97
C LEU B 121 -14.89 -28.30 7.51
N MET B 122 -14.61 -29.54 7.08
CA MET B 122 -14.16 -29.80 5.71
C MET B 122 -14.91 -30.94 5.05
N PHE B 123 -15.13 -30.80 3.74
CA PHE B 123 -15.87 -31.80 2.99
C PHE B 123 -15.04 -32.50 1.92
N GLY B 124 -15.06 -33.84 1.96
CA GLY B 124 -14.36 -34.63 0.98
C GLY B 124 -15.40 -35.25 0.06
N TYR B 125 -15.01 -35.61 -1.17
CA TYR B 125 -15.99 -36.19 -2.09
C TYR B 125 -15.41 -37.10 -3.14
N ALA B 126 -16.18 -38.12 -3.51
CA ALA B 126 -15.79 -39.09 -4.53
C ALA B 126 -17.03 -39.59 -5.29
N THR B 127 -16.85 -39.90 -6.56
CA THR B 127 -17.96 -40.37 -7.38
C THR B 127 -17.45 -41.28 -8.52
N ASN B 128 -18.19 -42.32 -8.86
CA ASN B 128 -17.76 -43.23 -9.93
C ASN B 128 -18.16 -42.72 -11.33
N GLU B 129 -18.56 -41.46 -11.40
CA GLU B 129 -18.94 -40.85 -12.67
C GLU B 129 -17.77 -40.88 -13.64
N THR B 130 -16.55 -40.90 -13.10
CA THR B 130 -15.34 -40.89 -13.92
C THR B 130 -14.18 -41.71 -13.32
N ASP B 131 -13.24 -42.10 -14.18
CA ASP B 131 -12.07 -42.88 -13.78
C ASP B 131 -11.36 -42.32 -12.56
N VAL B 132 -11.13 -41.01 -12.54
CA VAL B 132 -10.45 -40.39 -11.42
C VAL B 132 -11.44 -40.12 -10.31
N LEU B 133 -12.59 -40.77 -10.39
CA LEU B 133 -13.63 -40.62 -9.38
C LEU B 133 -14.00 -39.19 -9.04
N MET B 134 -13.97 -38.32 -10.05
CA MET B 134 -14.34 -36.92 -9.87
C MET B 134 -15.64 -36.69 -10.60
N PRO B 135 -16.39 -35.66 -10.21
CA PRO B 135 -17.65 -35.38 -10.90
C PRO B 135 -17.25 -34.93 -12.31
N ALA B 136 -18.15 -35.10 -13.26
CA ALA B 136 -17.85 -34.74 -14.63
C ALA B 136 -17.81 -33.24 -14.90
N PRO B 137 -18.89 -32.51 -14.55
CA PRO B 137 -18.90 -31.07 -14.82
C PRO B 137 -17.63 -30.30 -14.48
N ILE B 138 -17.07 -30.50 -13.30
CA ILE B 138 -15.87 -29.76 -12.95
C ILE B 138 -14.68 -30.24 -13.76
N THR B 139 -14.67 -31.52 -14.12
CA THR B 139 -13.55 -32.05 -14.90
C THR B 139 -13.47 -31.43 -16.28
N TYR B 140 -14.60 -31.30 -16.96
CA TYR B 140 -14.59 -30.70 -18.29
C TYR B 140 -14.35 -29.20 -18.30
N ALA B 141 -14.89 -28.51 -17.31
CA ALA B 141 -14.69 -27.06 -17.22
C ALA B 141 -13.21 -26.76 -17.03
N HIS B 142 -12.55 -27.54 -16.18
CA HIS B 142 -11.13 -27.35 -15.94
C HIS B 142 -10.38 -27.56 -17.25
N ARG B 143 -10.75 -28.63 -17.95
CA ARG B 143 -10.13 -28.96 -19.22
C ARG B 143 -10.29 -27.81 -20.20
N LEU B 144 -11.45 -27.16 -20.17
CA LEU B 144 -11.65 -26.05 -21.09
C LEU B 144 -10.67 -24.91 -20.87
N VAL B 145 -10.58 -24.38 -19.65
CA VAL B 145 -9.65 -23.27 -19.42
C VAL B 145 -8.21 -23.71 -19.60
N GLN B 146 -7.94 -24.95 -19.26
CA GLN B 146 -6.60 -25.48 -19.37
C GLN B 146 -6.19 -25.58 -20.84
N ARG B 147 -7.16 -25.90 -21.70
CA ARG B 147 -6.89 -26.00 -23.12
C ARG B 147 -6.55 -24.60 -23.64
N GLN B 148 -7.44 -23.64 -23.38
CA GLN B 148 -7.25 -22.26 -23.81
C GLN B 148 -5.85 -21.78 -23.46
N ALA B 149 -5.41 -22.13 -22.26
CA ALA B 149 -4.11 -21.69 -21.81
C ALA B 149 -2.99 -22.29 -22.64
N GLU B 150 -3.18 -23.55 -23.01
CA GLU B 150 -2.17 -24.29 -23.78
C GLU B 150 -2.13 -23.87 -25.25
N VAL B 151 -3.28 -23.54 -25.80
CA VAL B 151 -3.38 -23.12 -27.19
C VAL B 151 -2.82 -21.70 -27.30
N ARG B 152 -2.72 -21.03 -26.15
CA ARG B 152 -2.20 -19.67 -26.08
C ARG B 152 -0.68 -19.75 -25.99
N LYS B 153 -0.20 -20.60 -25.08
CA LYS B 153 1.23 -20.77 -24.85
C LYS B 153 1.95 -21.40 -26.03
N ASN B 154 1.35 -22.42 -26.64
CA ASN B 154 1.97 -23.07 -27.80
C ASN B 154 1.93 -22.19 -29.05
N GLY B 155 1.26 -21.04 -28.97
CA GLY B 155 1.22 -20.15 -30.12
C GLY B 155 0.19 -20.48 -31.18
N THR B 156 -0.73 -21.39 -30.88
CA THR B 156 -1.77 -21.74 -31.83
C THR B 156 -2.66 -20.52 -32.05
N LEU B 157 -3.10 -19.91 -30.94
CA LEU B 157 -3.93 -18.70 -31.00
C LEU B 157 -3.15 -17.63 -30.25
N PRO B 158 -2.16 -17.04 -30.93
CA PRO B 158 -1.33 -16.00 -30.33
C PRO B 158 -2.06 -14.77 -29.80
N TRP B 159 -3.26 -14.50 -30.29
CA TRP B 159 -3.99 -13.33 -29.85
C TRP B 159 -4.76 -13.55 -28.56
N LEU B 160 -4.63 -14.75 -27.97
CA LEU B 160 -5.29 -15.06 -26.70
C LEU B 160 -4.50 -14.44 -25.54
N ARG B 161 -5.22 -13.97 -24.52
CA ARG B 161 -4.57 -13.37 -23.36
C ARG B 161 -4.80 -14.34 -22.20
N PRO B 162 -4.04 -14.19 -21.11
CA PRO B 162 -4.16 -15.09 -19.95
C PRO B 162 -5.53 -15.23 -19.31
N ASP B 163 -6.21 -14.12 -19.07
CA ASP B 163 -7.52 -14.14 -18.43
C ASP B 163 -8.61 -14.89 -19.20
N ALA B 164 -9.27 -15.82 -18.52
CA ALA B 164 -10.33 -16.59 -19.16
C ALA B 164 -11.15 -17.40 -18.15
N LYS B 165 -12.42 -17.61 -18.48
CA LYS B 165 -13.31 -18.38 -17.63
C LYS B 165 -14.19 -19.30 -18.46
N SER B 166 -14.57 -20.42 -17.86
CA SER B 166 -15.39 -21.39 -18.56
C SER B 166 -16.54 -21.94 -17.74
N GLN B 167 -17.70 -22.08 -18.39
CA GLN B 167 -18.89 -22.61 -17.74
C GLN B 167 -19.60 -23.68 -18.61
N VAL B 168 -19.98 -24.79 -17.99
CA VAL B 168 -20.65 -25.86 -18.69
C VAL B 168 -21.79 -26.43 -17.84
N THR B 169 -22.89 -26.75 -18.49
CA THR B 169 -24.02 -27.31 -17.77
C THR B 169 -24.41 -28.62 -18.43
N PHE B 170 -24.45 -29.68 -17.64
CA PHE B 170 -24.77 -31.02 -18.16
C PHE B 170 -26.24 -31.37 -18.01
N GLN B 171 -26.70 -32.30 -18.85
CA GLN B 171 -28.08 -32.78 -18.79
C GLN B 171 -28.02 -34.07 -17.98
N TYR B 172 -28.77 -34.15 -16.90
CA TYR B 172 -28.75 -35.36 -16.09
C TYR B 172 -30.12 -36.03 -16.03
N ASP B 173 -30.20 -37.20 -16.65
CA ASP B 173 -31.44 -37.95 -16.67
C ASP B 173 -31.13 -39.33 -16.15
N ASP B 174 -32.05 -39.87 -15.36
CA ASP B 174 -31.84 -41.20 -14.80
C ASP B 174 -30.57 -41.16 -13.95
N GLY B 175 -30.18 -39.97 -13.51
CA GLY B 175 -28.99 -39.84 -12.68
C GLY B 175 -27.67 -39.90 -13.44
N LYS B 176 -27.73 -40.05 -14.75
CA LYS B 176 -26.52 -40.10 -15.56
C LYS B 176 -26.53 -38.97 -16.58
N ILE B 177 -25.38 -38.73 -17.17
CA ILE B 177 -25.26 -37.66 -18.15
C ILE B 177 -25.83 -38.09 -19.49
N VAL B 178 -26.59 -37.21 -20.12
CA VAL B 178 -27.16 -37.51 -21.42
C VAL B 178 -26.58 -36.53 -22.41
N GLY B 179 -26.09 -35.41 -21.91
CA GLY B 179 -25.51 -34.41 -22.78
C GLY B 179 -25.22 -33.07 -22.10
N ILE B 180 -25.01 -32.04 -22.91
CA ILE B 180 -24.71 -30.72 -22.39
C ILE B 180 -25.59 -29.67 -23.07
N ASP B 181 -26.34 -28.93 -22.27
CA ASP B 181 -27.25 -27.92 -22.80
C ASP B 181 -26.55 -26.62 -23.19
N ALA B 182 -25.82 -26.01 -22.27
CA ALA B 182 -25.14 -24.75 -22.57
C ALA B 182 -23.64 -24.74 -22.25
N VAL B 183 -22.90 -24.03 -23.09
CA VAL B 183 -21.46 -23.93 -22.94
C VAL B 183 -21.08 -22.46 -22.86
N VAL B 184 -20.28 -22.09 -21.86
CA VAL B 184 -19.82 -20.71 -21.72
C VAL B 184 -18.31 -20.67 -21.72
N LEU B 185 -17.76 -19.79 -22.54
CA LEU B 185 -16.32 -19.63 -22.62
C LEU B 185 -15.92 -18.17 -22.85
N SER B 186 -15.36 -17.56 -21.80
CA SER B 186 -14.93 -16.18 -21.89
C SER B 186 -13.41 -16.15 -21.83
N THR B 187 -12.79 -15.45 -22.78
CA THR B 187 -11.34 -15.32 -22.84
C THR B 187 -10.93 -13.92 -23.26
N GLN B 188 -9.89 -13.39 -22.62
CA GLN B 188 -9.37 -12.07 -22.96
C GLN B 188 -8.62 -12.18 -24.31
N HIS B 189 -8.60 -11.12 -25.10
CA HIS B 189 -7.94 -11.16 -26.41
C HIS B 189 -7.31 -9.82 -26.80
N SER B 190 -6.64 -9.80 -27.97
CA SER B 190 -5.97 -8.62 -28.49
C SER B 190 -6.87 -7.76 -29.35
N GLU B 191 -6.53 -6.50 -29.48
CA GLU B 191 -7.31 -5.57 -30.28
C GLU B 191 -7.21 -5.96 -31.74
N GLU B 192 -6.43 -6.99 -32.05
CA GLU B 192 -6.22 -7.39 -33.44
C GLU B 192 -7.25 -8.30 -34.10
N ILE B 193 -7.97 -9.12 -33.31
CA ILE B 193 -8.95 -10.03 -33.89
C ILE B 193 -10.40 -9.64 -33.60
N ASP B 194 -11.32 -10.02 -34.50
CA ASP B 194 -12.74 -9.72 -34.36
C ASP B 194 -13.52 -10.80 -33.60
N GLN B 195 -14.69 -10.43 -33.10
CA GLN B 195 -15.54 -11.34 -32.34
C GLN B 195 -15.86 -12.62 -33.08
N LYS B 196 -16.49 -12.52 -34.25
CA LYS B 196 -16.85 -13.72 -35.02
C LYS B 196 -15.65 -14.64 -35.19
N SER B 197 -14.55 -14.10 -35.71
CA SER B 197 -13.36 -14.91 -35.92
C SER B 197 -13.04 -15.60 -34.61
N LEU B 198 -12.89 -14.78 -33.56
CA LEU B 198 -12.58 -15.28 -32.22
C LEU B 198 -13.53 -16.41 -31.82
N GLN B 199 -14.82 -16.14 -31.87
CA GLN B 199 -15.81 -17.15 -31.50
C GLN B 199 -15.61 -18.42 -32.33
N GLU B 200 -15.56 -18.27 -33.64
CA GLU B 200 -15.38 -19.41 -34.55
C GLU B 200 -14.10 -20.16 -34.24
N ALA B 201 -13.07 -19.40 -33.87
CA ALA B 201 -11.79 -19.99 -33.54
C ALA B 201 -11.84 -20.73 -32.21
N VAL B 202 -12.52 -20.14 -31.22
CA VAL B 202 -12.62 -20.75 -29.91
C VAL B 202 -13.30 -22.09 -29.95
N MET B 203 -14.24 -22.24 -30.87
CA MET B 203 -14.95 -23.50 -30.99
C MET B 203 -14.04 -24.61 -31.53
N GLU B 204 -13.31 -24.30 -32.60
CA GLU B 204 -12.44 -25.29 -33.25
C GLU B 204 -11.28 -25.72 -32.39
N GLU B 205 -10.58 -24.74 -31.84
CA GLU B 205 -9.42 -24.95 -31.01
C GLU B 205 -9.64 -25.28 -29.53
N ILE B 206 -10.65 -24.70 -28.89
CA ILE B 206 -10.84 -24.96 -27.47
C ILE B 206 -12.04 -25.79 -27.05
N ILE B 207 -13.21 -25.51 -27.59
CA ILE B 207 -14.38 -26.26 -27.20
C ILE B 207 -14.53 -27.59 -27.89
N LYS B 208 -14.62 -27.58 -29.21
CA LYS B 208 -14.78 -28.81 -29.98
C LYS B 208 -13.78 -29.93 -29.61
N PRO B 209 -12.50 -29.60 -29.42
CA PRO B 209 -11.54 -30.67 -29.07
C PRO B 209 -11.66 -31.17 -27.64
N ILE B 210 -12.36 -30.43 -26.78
CA ILE B 210 -12.44 -30.81 -25.38
C ILE B 210 -13.76 -31.45 -24.97
N LEU B 211 -14.87 -30.97 -25.52
CA LEU B 211 -16.15 -31.55 -25.14
C LEU B 211 -16.50 -32.79 -25.98
N PRO B 212 -16.92 -33.87 -25.32
CA PRO B 212 -17.27 -35.08 -26.07
C PRO B 212 -18.33 -34.76 -27.11
N ALA B 213 -18.03 -35.06 -28.37
CA ALA B 213 -18.98 -34.80 -29.46
C ALA B 213 -20.36 -35.45 -29.24
N GLU B 214 -20.40 -36.53 -28.47
CA GLU B 214 -21.67 -37.23 -28.18
C GLU B 214 -22.62 -36.33 -27.42
N TRP B 215 -22.09 -35.62 -26.43
CA TRP B 215 -22.89 -34.73 -25.61
C TRP B 215 -23.25 -33.40 -26.26
N LEU B 216 -22.70 -33.15 -27.43
CA LEU B 216 -22.99 -31.92 -28.14
C LEU B 216 -24.02 -32.20 -29.21
N THR B 217 -25.13 -31.48 -29.15
CA THR B 217 -26.21 -31.65 -30.11
C THR B 217 -26.64 -30.30 -30.61
N SER B 218 -27.54 -30.29 -31.59
CA SER B 218 -28.03 -29.05 -32.17
C SER B 218 -28.73 -28.20 -31.12
N ALA B 219 -29.01 -28.81 -29.97
CA ALA B 219 -29.68 -28.13 -28.86
C ALA B 219 -28.70 -27.26 -28.05
N THR B 220 -27.51 -27.79 -27.79
CA THR B 220 -26.50 -27.08 -27.04
C THR B 220 -26.42 -25.61 -27.45
N LYS B 221 -26.21 -24.74 -26.47
CA LYS B 221 -26.12 -23.31 -26.72
C LYS B 221 -24.74 -22.84 -26.29
N PHE B 222 -24.06 -22.13 -27.19
CA PHE B 222 -22.72 -21.64 -26.89
C PHE B 222 -22.66 -20.14 -26.62
N PHE B 223 -22.05 -19.78 -25.50
CA PHE B 223 -21.90 -18.39 -25.11
C PHE B 223 -20.41 -18.07 -25.10
N ILE B 224 -19.97 -17.31 -26.10
CA ILE B 224 -18.57 -16.96 -26.24
C ILE B 224 -18.36 -15.45 -26.20
N ASN B 225 -17.73 -14.98 -25.12
CA ASN B 225 -17.45 -13.55 -24.88
C ASN B 225 -18.68 -12.69 -25.10
N PRO B 226 -19.80 -13.05 -24.46
CA PRO B 226 -21.09 -12.36 -24.55
C PRO B 226 -21.16 -10.84 -24.56
N THR B 227 -20.44 -10.17 -23.66
CA THR B 227 -20.52 -8.71 -23.66
C THR B 227 -20.17 -8.21 -25.04
N GLY B 228 -19.60 -9.09 -25.84
CA GLY B 228 -19.22 -8.72 -27.19
C GLY B 228 -17.80 -8.18 -27.26
N ARG B 229 -17.19 -7.97 -26.10
CA ARG B 229 -15.83 -7.45 -26.05
C ARG B 229 -15.11 -7.72 -24.74
N PHE B 230 -13.97 -8.40 -24.82
CA PHE B 230 -13.17 -8.73 -23.66
C PHE B 230 -11.68 -8.51 -24.04
N VAL B 231 -11.26 -7.25 -24.09
CA VAL B 231 -9.88 -6.89 -24.44
C VAL B 231 -9.17 -6.52 -23.15
N ILE B 232 -9.94 -5.97 -22.23
CA ILE B 232 -9.46 -5.55 -20.93
C ILE B 232 -9.76 -6.67 -19.95
N GLY B 233 -8.74 -7.19 -19.29
CA GLY B 233 -8.94 -8.26 -18.33
C GLY B 233 -7.88 -8.21 -17.26
N GLY B 234 -7.67 -9.34 -16.59
CA GLY B 234 -6.69 -9.41 -15.53
C GLY B 234 -7.02 -8.48 -14.38
N PRO B 235 -6.08 -8.25 -13.47
CA PRO B 235 -6.37 -7.37 -12.35
C PRO B 235 -6.91 -6.01 -12.75
N MET B 236 -6.72 -5.59 -14.01
CA MET B 236 -7.23 -4.28 -14.45
C MET B 236 -8.75 -4.30 -14.54
N GLY B 237 -9.27 -5.39 -15.08
CA GLY B 237 -10.71 -5.51 -15.21
C GLY B 237 -11.36 -6.12 -13.98
N ASP B 238 -10.58 -6.80 -13.14
CA ASP B 238 -11.14 -7.44 -11.95
C ASP B 238 -10.15 -7.76 -10.84
N CYS B 239 -10.50 -7.37 -9.63
CA CYS B 239 -9.63 -7.57 -8.45
C CYS B 239 -9.39 -9.04 -8.09
N GLY B 240 -8.11 -9.43 -7.99
CA GLY B 240 -7.79 -10.81 -7.63
C GLY B 240 -7.48 -10.95 -6.14
N LEU B 241 -7.99 -12.00 -5.52
CA LEU B 241 -7.80 -12.21 -4.09
C LEU B 241 -7.58 -13.69 -3.80
N THR B 242 -6.82 -13.99 -2.76
CA THR B 242 -6.58 -15.39 -2.41
C THR B 242 -7.79 -16.09 -1.77
N GLY B 243 -7.99 -17.35 -2.13
CA GLY B 243 -9.08 -18.12 -1.56
C GLY B 243 -10.47 -17.69 -1.95
N ARG B 244 -10.67 -17.28 -3.21
CA ARG B 244 -11.99 -16.87 -3.64
C ARG B 244 -12.48 -17.76 -4.77
N LYS B 245 -11.79 -18.90 -4.92
CA LYS B 245 -12.18 -19.88 -5.92
C LYS B 245 -12.39 -21.20 -5.21
N ILE B 246 -12.80 -21.09 -3.96
CA ILE B 246 -13.10 -22.21 -3.09
C ILE B 246 -13.75 -23.41 -3.83
N ILE B 247 -14.83 -23.14 -4.57
CA ILE B 247 -15.56 -24.21 -5.27
C ILE B 247 -14.92 -24.83 -6.53
N VAL B 248 -14.40 -24.01 -7.42
CA VAL B 248 -13.78 -24.58 -8.61
C VAL B 248 -12.50 -25.31 -8.16
N ASP B 249 -11.98 -24.94 -7.01
CA ASP B 249 -10.77 -25.56 -6.47
C ASP B 249 -11.05 -27.00 -6.09
N THR B 250 -12.30 -27.27 -5.71
CA THR B 250 -12.71 -28.58 -5.26
C THR B 250 -13.56 -29.50 -6.16
N TYR B 251 -14.89 -29.39 -6.06
CA TYR B 251 -15.78 -30.27 -6.83
C TYR B 251 -16.81 -29.61 -7.73
N GLY B 252 -16.64 -28.32 -8.00
CA GLY B 252 -17.56 -27.63 -8.88
C GLY B 252 -18.97 -27.37 -8.38
N GLY B 253 -19.24 -27.60 -7.09
CA GLY B 253 -20.56 -27.37 -6.54
C GLY B 253 -21.43 -28.61 -6.46
N MET B 254 -20.88 -29.73 -6.92
CA MET B 254 -21.58 -31.00 -6.89
C MET B 254 -21.65 -31.50 -5.47
N ALA B 255 -20.54 -31.37 -4.75
CA ALA B 255 -20.44 -31.79 -3.36
C ALA B 255 -20.52 -30.56 -2.47
N ARG B 256 -20.38 -30.75 -1.17
CA ARG B 256 -20.46 -29.63 -0.24
C ARG B 256 -19.10 -28.98 0.07
N HIS B 257 -19.12 -27.91 0.86
CA HIS B 257 -17.91 -27.18 1.23
C HIS B 257 -18.09 -26.50 2.59
N GLY B 258 -17.00 -26.42 3.36
CA GLY B 258 -17.05 -25.81 4.67
C GLY B 258 -16.64 -24.35 4.74
N GLY B 259 -15.89 -23.89 3.75
CA GLY B 259 -15.48 -22.50 3.74
C GLY B 259 -14.00 -22.24 3.90
N GLY B 260 -13.18 -23.28 3.82
CA GLY B 260 -11.74 -23.10 4.01
C GLY B 260 -10.98 -23.09 2.70
N ALA B 261 -10.16 -22.06 2.50
CA ALA B 261 -9.37 -21.95 1.28
C ALA B 261 -8.15 -22.84 1.38
N PHE B 262 -7.52 -23.10 0.24
CA PHE B 262 -6.33 -23.95 0.22
C PHE B 262 -4.99 -23.21 0.10
N SER B 263 -4.84 -22.40 -0.94
CA SER B 263 -3.58 -21.70 -1.18
C SER B 263 -3.09 -20.77 -0.09
N GLY B 264 -1.77 -20.73 0.07
CA GLY B 264 -1.17 -19.87 1.07
C GLY B 264 -0.93 -20.44 2.44
N LYS B 265 -1.44 -21.64 2.70
CA LYS B 265 -1.25 -22.23 4.02
C LYS B 265 -0.50 -23.56 4.06
N ASP B 266 0.30 -23.74 5.11
CA ASP B 266 1.05 -24.98 5.29
C ASP B 266 0.05 -26.03 5.78
N PRO B 267 0.43 -27.32 5.73
CA PRO B 267 -0.42 -28.46 6.14
C PRO B 267 -0.97 -28.45 7.58
N SER B 268 -0.31 -27.76 8.49
CA SER B 268 -0.80 -27.72 9.86
C SER B 268 -2.16 -27.03 9.85
N LYS B 269 -2.54 -26.51 8.69
CA LYS B 269 -3.82 -25.83 8.55
C LYS B 269 -4.84 -26.84 8.03
N VAL B 270 -5.70 -27.30 8.93
CA VAL B 270 -6.72 -28.28 8.59
C VAL B 270 -7.59 -27.92 7.41
N ASP B 271 -7.68 -26.63 7.09
CA ASP B 271 -8.49 -26.19 5.96
C ASP B 271 -8.01 -26.92 4.71
N ARG B 272 -6.69 -27.06 4.58
CA ARG B 272 -6.09 -27.72 3.42
C ARG B 272 -5.77 -29.21 3.61
N SER B 273 -5.15 -29.56 4.74
CA SER B 273 -4.78 -30.95 5.03
C SER B 273 -5.94 -31.92 5.34
N ALA B 274 -6.92 -31.46 6.13
CA ALA B 274 -8.08 -32.28 6.47
C ALA B 274 -8.95 -32.38 5.22
N ALA B 275 -8.88 -31.35 4.40
CA ALA B 275 -9.65 -31.33 3.16
C ALA B 275 -9.11 -32.44 2.26
N TYR B 276 -7.80 -32.42 2.02
CA TYR B 276 -7.15 -33.42 1.20
C TYR B 276 -7.40 -34.84 1.77
N ALA B 277 -7.17 -35.02 3.07
CA ALA B 277 -7.40 -36.31 3.70
C ALA B 277 -8.83 -36.78 3.52
N ALA B 278 -9.77 -35.85 3.38
CA ALA B 278 -11.18 -36.19 3.18
C ALA B 278 -11.46 -36.69 1.76
N ARG B 279 -10.76 -36.14 0.78
CA ARG B 279 -10.94 -36.58 -0.61
C ARG B 279 -10.29 -37.95 -0.69
N TYR B 280 -9.25 -38.13 0.11
CA TYR B 280 -8.49 -39.37 0.15
C TYR B 280 -9.35 -40.57 0.58
N VAL B 281 -10.08 -40.43 1.69
CA VAL B 281 -10.91 -41.56 2.14
C VAL B 281 -12.15 -41.73 1.25
N ALA B 282 -12.75 -40.61 0.84
CA ALA B 282 -13.93 -40.68 -0.01
C ALA B 282 -13.58 -41.41 -1.31
N LYS B 283 -12.51 -40.97 -1.95
CA LYS B 283 -12.09 -41.61 -3.19
C LYS B 283 -11.79 -43.08 -2.92
N ASN B 284 -10.96 -43.34 -1.91
CA ASN B 284 -10.57 -44.70 -1.53
C ASN B 284 -11.76 -45.59 -1.18
N ILE B 285 -12.83 -45.00 -0.65
CA ILE B 285 -14.00 -45.79 -0.30
C ILE B 285 -14.65 -46.26 -1.58
N VAL B 286 -14.88 -45.35 -2.52
CA VAL B 286 -15.50 -45.72 -3.78
C VAL B 286 -14.63 -46.70 -4.56
N ALA B 287 -13.32 -46.47 -4.55
CA ALA B 287 -12.40 -47.36 -5.25
C ALA B 287 -12.54 -48.73 -4.60
N ALA B 288 -12.64 -48.75 -3.29
CA ALA B 288 -12.78 -49.98 -2.55
C ALA B 288 -14.12 -50.62 -2.89
N GLY B 289 -14.94 -49.89 -3.66
CA GLY B 289 -16.25 -50.40 -4.04
C GLY B 289 -17.30 -50.44 -2.94
N LEU B 290 -17.05 -49.78 -1.81
CA LEU B 290 -17.99 -49.77 -0.69
C LEU B 290 -19.18 -48.85 -0.92
N ALA B 291 -19.11 -48.02 -1.97
CA ALA B 291 -20.19 -47.08 -2.28
C ALA B 291 -19.92 -46.44 -3.63
N ASP B 292 -20.98 -46.04 -4.33
CA ASP B 292 -20.84 -45.44 -5.66
C ASP B 292 -20.42 -43.99 -5.55
N ARG B 293 -20.80 -43.35 -4.46
CA ARG B 293 -20.42 -41.97 -4.25
C ARG B 293 -20.61 -41.65 -2.80
N CYS B 294 -19.62 -41.00 -2.19
CA CYS B 294 -19.80 -40.66 -0.81
C CYS B 294 -19.09 -39.36 -0.46
N GLU B 295 -19.77 -38.59 0.39
CA GLU B 295 -19.29 -37.31 0.88
C GLU B 295 -18.86 -37.53 2.33
N ILE B 296 -17.66 -37.06 2.66
CA ILE B 296 -17.12 -37.19 4.00
C ILE B 296 -17.06 -35.79 4.60
N GLN B 297 -17.13 -35.69 5.92
CA GLN B 297 -17.06 -34.41 6.57
C GLN B 297 -16.44 -34.48 7.96
N VAL B 298 -15.38 -33.72 8.16
CA VAL B 298 -14.71 -33.66 9.46
C VAL B 298 -14.75 -32.21 9.90
N SER B 299 -14.64 -31.99 11.20
CA SER B 299 -14.64 -30.64 11.73
C SER B 299 -13.60 -30.65 12.82
N TYR B 300 -12.97 -29.50 13.09
CA TYR B 300 -11.94 -29.42 14.12
C TYR B 300 -12.11 -28.23 15.08
N ALA B 301 -11.30 -28.24 16.14
CA ALA B 301 -11.28 -27.19 17.15
C ALA B 301 -9.80 -26.79 17.35
N ILE B 302 -9.53 -25.51 17.17
CA ILE B 302 -8.17 -24.99 17.30
C ILE B 302 -7.43 -25.52 18.52
N GLY B 303 -6.15 -25.83 18.33
CA GLY B 303 -5.32 -26.33 19.42
C GLY B 303 -5.68 -27.72 19.86
N VAL B 304 -6.71 -28.29 19.25
CA VAL B 304 -7.19 -29.61 19.59
C VAL B 304 -6.82 -30.61 18.51
N ALA B 305 -6.11 -31.67 18.90
CA ALA B 305 -5.68 -32.69 17.94
C ALA B 305 -6.76 -33.64 17.45
N GLU B 306 -7.71 -34.01 18.31
CA GLU B 306 -8.76 -34.94 17.92
C GLU B 306 -9.99 -34.32 17.29
N PRO B 307 -10.32 -34.73 16.05
CA PRO B 307 -11.48 -34.21 15.33
C PRO B 307 -12.73 -34.08 16.20
N THR B 308 -13.47 -32.98 15.99
CA THR B 308 -14.70 -32.72 16.73
C THR B 308 -15.91 -33.41 16.08
N SER B 309 -15.80 -33.74 14.80
CA SER B 309 -16.90 -34.39 14.10
C SER B 309 -16.47 -35.12 12.81
N ILE B 310 -17.15 -36.22 12.53
CA ILE B 310 -16.89 -37.01 11.34
C ILE B 310 -18.22 -37.62 10.92
N MET B 311 -18.47 -37.63 9.62
CA MET B 311 -19.71 -38.19 9.09
C MET B 311 -19.55 -38.58 7.63
N VAL B 312 -20.02 -39.77 7.29
CA VAL B 312 -19.91 -40.24 5.92
C VAL B 312 -21.29 -40.29 5.33
N GLU B 313 -21.44 -39.80 4.11
CA GLU B 313 -22.73 -39.83 3.44
C GLU B 313 -22.59 -40.56 2.10
N THR B 314 -23.30 -41.68 1.98
CA THR B 314 -23.22 -42.46 0.76
C THR B 314 -24.46 -42.36 -0.12
N PHE B 315 -25.39 -41.49 0.25
CA PHE B 315 -26.61 -41.27 -0.52
C PHE B 315 -27.28 -42.61 -0.92
N GLY B 316 -27.30 -43.56 0.01
CA GLY B 316 -27.91 -44.84 -0.27
C GLY B 316 -27.09 -45.75 -1.17
N THR B 317 -26.14 -45.19 -1.89
CA THR B 317 -25.31 -45.98 -2.80
C THR B 317 -24.27 -46.85 -2.11
N GLU B 318 -24.32 -46.91 -0.78
CA GLU B 318 -23.36 -47.73 -0.03
C GLU B 318 -23.64 -49.23 -0.24
N LYS B 319 -22.63 -50.06 0.03
CA LYS B 319 -22.77 -51.51 -0.14
C LYS B 319 -22.57 -52.29 1.16
N VAL B 320 -22.24 -51.57 2.21
CA VAL B 320 -22.07 -52.17 3.53
C VAL B 320 -22.77 -51.18 4.44
N PRO B 321 -23.59 -51.66 5.38
CA PRO B 321 -24.27 -50.71 6.26
C PRO B 321 -23.32 -49.61 6.75
N SER B 322 -23.74 -48.37 6.53
CA SER B 322 -22.98 -47.20 6.92
C SER B 322 -22.23 -47.45 8.21
N GLU B 323 -22.94 -48.07 9.16
CA GLU B 323 -22.37 -48.39 10.46
C GLU B 323 -20.91 -48.84 10.37
N GLN B 324 -20.70 -50.02 9.82
CA GLN B 324 -19.34 -50.54 9.69
C GLN B 324 -18.54 -49.65 8.76
N LEU B 325 -19.23 -48.96 7.86
CA LEU B 325 -18.56 -48.08 6.93
C LEU B 325 -18.00 -46.84 7.63
N THR B 326 -18.61 -46.47 8.75
CA THR B 326 -18.14 -45.29 9.50
C THR B 326 -17.15 -45.69 10.58
N LEU B 327 -17.30 -46.89 11.09
CA LEU B 327 -16.42 -47.40 12.11
C LEU B 327 -15.14 -47.83 11.43
N LEU B 328 -15.22 -48.04 10.12
CA LEU B 328 -14.07 -48.44 9.33
C LEU B 328 -13.18 -47.22 9.05
N VAL B 329 -13.83 -46.09 8.81
CA VAL B 329 -13.14 -44.84 8.54
C VAL B 329 -12.13 -44.46 9.61
N ARG B 330 -12.62 -44.26 10.83
CA ARG B 330 -11.72 -43.89 11.93
C ARG B 330 -10.80 -45.06 12.28
N GLU B 331 -11.11 -46.23 11.75
CA GLU B 331 -10.31 -47.43 11.98
C GLU B 331 -9.07 -47.39 11.10
N PHE B 332 -9.28 -47.12 9.82
CA PHE B 332 -8.20 -47.08 8.84
C PHE B 332 -7.36 -45.80 8.74
N PHE B 333 -8.00 -44.64 8.75
CA PHE B 333 -7.25 -43.39 8.64
C PHE B 333 -7.13 -42.60 9.93
N ASP B 334 -6.08 -41.77 10.00
CA ASP B 334 -5.82 -40.90 11.16
C ASP B 334 -6.10 -39.46 10.71
N LEU B 335 -7.17 -38.87 11.24
CA LEU B 335 -7.52 -37.51 10.86
C LEU B 335 -6.99 -36.49 11.84
N ARG B 336 -6.09 -36.92 12.72
CA ARG B 336 -5.51 -35.99 13.66
C ARG B 336 -4.49 -35.16 12.90
N PRO B 337 -4.39 -33.86 13.21
CA PRO B 337 -3.44 -33.00 12.52
C PRO B 337 -2.13 -33.66 12.16
N TYR B 338 -1.45 -34.19 13.16
CA TYR B 338 -0.15 -34.79 12.92
C TYR B 338 -0.13 -36.25 12.49
N GLY B 339 -1.26 -36.67 11.93
CA GLY B 339 -1.45 -38.01 11.42
C GLY B 339 -1.71 -37.98 9.92
N LEU B 340 -2.43 -36.95 9.47
CA LEU B 340 -2.72 -36.77 8.05
C LEU B 340 -1.47 -36.29 7.31
N ILE B 341 -0.68 -35.42 7.95
CA ILE B 341 0.52 -34.91 7.31
C ILE B 341 1.48 -36.04 7.00
N GLN B 342 1.58 -37.01 7.91
CA GLN B 342 2.45 -38.16 7.65
C GLN B 342 1.70 -39.06 6.66
N MET B 343 0.40 -39.20 6.89
CA MET B 343 -0.45 -40.01 6.04
C MET B 343 -0.26 -39.65 4.58
N LEU B 344 -0.20 -38.35 4.30
CA LEU B 344 -0.05 -37.88 2.93
C LEU B 344 1.32 -37.26 2.63
N ASP B 345 2.19 -37.23 3.62
CA ASP B 345 3.52 -36.64 3.46
C ASP B 345 3.40 -35.24 2.91
N LEU B 346 2.70 -34.37 3.63
CA LEU B 346 2.48 -33.00 3.20
C LEU B 346 3.62 -31.98 3.42
N LEU B 347 4.70 -32.37 4.11
CA LEU B 347 5.79 -31.43 4.35
C LEU B 347 6.72 -31.33 3.15
N HIS B 348 6.20 -30.85 2.03
CA HIS B 348 6.99 -30.70 0.81
C HIS B 348 6.42 -29.59 -0.06
N PRO B 349 7.26 -29.00 -0.92
CA PRO B 349 6.78 -27.92 -1.76
C PRO B 349 6.10 -28.51 -2.99
N ILE B 350 4.83 -28.87 -2.84
CA ILE B 350 4.05 -29.45 -3.92
C ILE B 350 2.72 -28.75 -4.14
N TYR B 351 2.56 -27.55 -3.60
CA TYR B 351 1.28 -26.85 -3.70
C TYR B 351 1.06 -25.85 -4.84
N LYS B 352 2.07 -25.08 -5.23
CA LYS B 352 1.87 -24.16 -6.34
C LYS B 352 1.12 -24.87 -7.47
N GLU B 353 1.67 -26.00 -7.90
CA GLU B 353 1.06 -26.83 -8.96
C GLU B 353 -0.41 -27.11 -8.71
N THR B 354 -0.83 -26.98 -7.46
CA THR B 354 -2.20 -27.25 -7.11
C THR B 354 -3.08 -26.00 -7.16
N ALA B 355 -2.49 -24.84 -7.35
CA ALA B 355 -3.24 -23.57 -7.37
C ALA B 355 -4.05 -23.17 -8.63
N ALA B 356 -4.02 -23.99 -9.68
CA ALA B 356 -4.77 -23.68 -10.88
C ALA B 356 -5.24 -24.99 -11.49
N TYR B 357 -6.51 -25.03 -11.84
CA TYR B 357 -7.13 -26.21 -12.44
C TYR B 357 -7.51 -27.39 -11.52
N GLY B 358 -8.00 -27.07 -10.33
CA GLY B 358 -8.44 -28.09 -9.40
C GLY B 358 -7.41 -28.72 -8.51
N HIS B 359 -7.80 -29.00 -7.27
CA HIS B 359 -6.92 -29.63 -6.30
C HIS B 359 -7.14 -31.13 -6.31
N PHE B 360 -8.18 -31.56 -7.01
CA PHE B 360 -8.51 -32.98 -7.11
C PHE B 360 -8.62 -33.41 -8.56
N GLY B 361 -8.36 -34.69 -8.81
CA GLY B 361 -8.44 -35.23 -10.16
C GLY B 361 -7.08 -35.60 -10.75
N ARG B 362 -6.01 -35.08 -10.15
CA ARG B 362 -4.65 -35.36 -10.60
C ARG B 362 -4.11 -36.51 -9.78
N GLU B 363 -4.24 -37.71 -10.34
CA GLU B 363 -3.84 -38.94 -9.70
C GLU B 363 -2.40 -39.02 -9.21
N HIS B 364 -1.55 -38.07 -9.57
CA HIS B 364 -0.19 -38.13 -9.06
C HIS B 364 -0.06 -37.40 -7.73
N PHE B 365 -1.14 -36.74 -7.29
CA PHE B 365 -1.14 -36.03 -6.01
C PHE B 365 -1.27 -37.13 -4.97
N PRO B 366 -0.62 -36.96 -3.81
CA PRO B 366 -0.68 -37.95 -2.73
C PRO B 366 -2.09 -38.31 -2.24
N TRP B 367 -3.03 -37.37 -2.32
CA TRP B 367 -4.40 -37.63 -1.86
C TRP B 367 -5.28 -38.26 -2.94
N GLU B 368 -4.78 -38.32 -4.16
CA GLU B 368 -5.53 -38.90 -5.27
C GLU B 368 -5.27 -40.38 -5.39
N LYS B 369 -4.23 -40.84 -4.72
CA LYS B 369 -3.86 -42.26 -4.77
C LYS B 369 -4.86 -43.14 -4.03
N THR B 370 -5.05 -44.35 -4.53
CA THR B 370 -5.98 -45.25 -3.86
C THR B 370 -5.27 -46.56 -3.53
N ASP B 371 -4.51 -46.55 -2.44
CA ASP B 371 -3.78 -47.73 -2.00
C ASP B 371 -4.56 -48.45 -0.91
N LYS B 372 -5.28 -47.68 -0.10
CA LYS B 372 -6.08 -48.23 0.99
C LYS B 372 -7.40 -48.91 0.55
N ALA B 373 -7.77 -48.76 -0.72
CA ALA B 373 -9.00 -49.36 -1.22
C ALA B 373 -9.08 -50.86 -0.97
N GLN B 374 -8.19 -51.61 -1.63
CA GLN B 374 -8.18 -53.07 -1.47
C GLN B 374 -8.17 -53.48 0.00
N LEU B 375 -7.44 -52.74 0.83
CA LEU B 375 -7.37 -53.07 2.25
C LEU B 375 -8.63 -52.63 2.97
N LEU B 376 -9.29 -51.61 2.42
CA LEU B 376 -10.54 -51.10 2.97
C LEU B 376 -11.61 -52.10 2.56
N ARG B 377 -11.28 -52.93 1.58
CA ARG B 377 -12.19 -53.97 1.09
C ARG B 377 -12.11 -55.18 2.00
N ASP B 378 -10.89 -55.59 2.34
CA ASP B 378 -10.66 -56.74 3.21
C ASP B 378 -11.49 -56.60 4.48
N ALA B 379 -11.59 -55.39 5.00
CA ALA B 379 -12.32 -55.12 6.22
C ALA B 379 -13.84 -55.28 6.02
N ALA B 380 -14.24 -55.73 4.84
CA ALA B 380 -15.66 -55.95 4.56
C ALA B 380 -15.83 -56.85 3.33
N GLY B 381 -16.28 -58.08 3.54
CA GLY B 381 -16.46 -59.00 2.42
C GLY B 381 -15.37 -58.87 1.37
N LEU B 382 -14.19 -59.39 1.66
CA LEU B 382 -13.06 -59.30 0.73
C LEU B 382 -13.46 -59.85 -0.64
N LYS B 383 -13.39 -61.16 -0.78
CA LYS B 383 -13.71 -61.87 -2.02
C LYS B 383 -13.70 -60.99 -3.28
N ALA C 1 39.67 37.03 -9.51
CA ALA C 1 39.37 35.87 -8.62
C ALA C 1 38.53 34.81 -9.34
N LYS C 2 39.19 33.75 -9.79
CA LYS C 2 38.52 32.67 -10.50
C LYS C 2 37.98 31.61 -9.54
N HIS C 3 36.89 30.97 -9.95
CA HIS C 3 36.26 29.91 -9.16
C HIS C 3 35.16 29.20 -9.94
N LEU C 4 34.87 27.96 -9.56
CA LEU C 4 33.85 27.17 -10.25
C LEU C 4 32.57 26.92 -9.45
N PHE C 5 31.41 27.14 -10.09
CA PHE C 5 30.13 26.91 -9.44
C PHE C 5 29.28 25.95 -10.27
N THR C 6 28.74 24.92 -9.62
CA THR C 6 27.92 23.94 -10.31
C THR C 6 26.47 23.87 -9.86
N SER C 7 25.56 23.73 -10.82
CA SER C 7 24.12 23.62 -10.53
C SER C 7 23.57 22.43 -11.35
N GLU C 8 22.33 22.04 -11.07
CA GLU C 8 21.72 20.91 -11.78
C GLU C 8 20.22 21.03 -11.88
N SER C 9 19.66 20.27 -12.82
CA SER C 9 18.23 20.25 -13.02
C SER C 9 17.78 18.85 -13.46
N VAL C 10 16.46 18.61 -13.41
CA VAL C 10 15.88 17.31 -13.79
C VAL C 10 14.65 17.46 -14.68
N SER C 11 14.47 16.51 -15.58
CA SER C 11 13.35 16.52 -16.51
C SER C 11 12.05 16.29 -15.79
N GLU C 12 10.94 16.56 -16.48
CA GLU C 12 9.62 16.36 -15.88
C GLU C 12 9.39 14.86 -15.73
N GLY C 13 10.28 14.08 -16.35
CA GLY C 13 10.16 12.64 -16.28
C GLY C 13 10.93 12.04 -15.13
N HIS C 14 11.55 12.87 -14.30
CA HIS C 14 12.32 12.39 -13.15
C HIS C 14 11.39 11.98 -11.98
N PRO C 15 11.62 10.79 -11.40
CA PRO C 15 10.79 10.29 -10.30
C PRO C 15 10.34 11.35 -9.31
N ASP C 16 11.30 12.00 -8.68
CA ASP C 16 10.97 13.02 -7.71
C ASP C 16 10.01 14.04 -8.32
N LYS C 17 10.34 14.56 -9.50
CA LYS C 17 9.49 15.54 -10.14
C LYS C 17 8.10 14.99 -10.44
N ILE C 18 8.02 13.71 -10.81
CA ILE C 18 6.73 13.10 -11.10
C ILE C 18 5.86 13.30 -9.87
N ALA C 19 6.44 13.02 -8.72
CA ALA C 19 5.73 13.18 -7.48
C ALA C 19 5.18 14.62 -7.39
N ASP C 20 6.10 15.58 -7.36
CA ASP C 20 5.73 16.99 -7.27
C ASP C 20 4.57 17.33 -8.22
N GLN C 21 4.72 16.99 -9.49
CA GLN C 21 3.69 17.28 -10.48
C GLN C 21 2.36 16.72 -9.99
N ILE C 22 2.38 15.45 -9.58
CA ILE C 22 1.18 14.80 -9.09
C ILE C 22 0.67 15.59 -7.90
N SER C 23 1.55 15.79 -6.92
CA SER C 23 1.15 16.51 -5.73
C SER C 23 0.47 17.83 -6.06
N ASP C 24 1.13 18.66 -6.85
CA ASP C 24 0.56 19.95 -7.21
C ASP C 24 -0.59 19.83 -8.20
N ALA C 25 -0.69 18.67 -8.85
CA ALA C 25 -1.79 18.44 -9.78
C ALA C 25 -3.09 18.28 -8.97
N VAL C 26 -2.98 17.61 -7.83
CA VAL C 26 -4.13 17.38 -6.97
C VAL C 26 -4.61 18.68 -6.35
N LEU C 27 -3.67 19.48 -5.84
CA LEU C 27 -4.02 20.75 -5.22
C LEU C 27 -4.79 21.66 -6.17
N ASP C 28 -4.24 21.83 -7.38
CA ASP C 28 -4.87 22.65 -8.40
C ASP C 28 -6.33 22.21 -8.60
N ALA C 29 -6.51 20.92 -8.87
CA ALA C 29 -7.85 20.39 -9.07
C ALA C 29 -8.72 20.80 -7.89
N ILE C 30 -8.20 20.54 -6.70
CA ILE C 30 -8.94 20.88 -5.50
C ILE C 30 -9.24 22.37 -5.43
N LEU C 31 -8.21 23.19 -5.53
CA LEU C 31 -8.39 24.63 -5.46
C LEU C 31 -9.40 25.14 -6.46
N GLU C 32 -9.35 24.63 -7.69
CA GLU C 32 -10.29 25.09 -8.71
C GLU C 32 -11.69 25.08 -8.13
N GLN C 33 -11.96 24.05 -7.34
CA GLN C 33 -13.26 23.89 -6.72
C GLN C 33 -13.43 24.66 -5.43
N ASP C 34 -12.35 24.78 -4.67
CA ASP C 34 -12.38 25.48 -3.40
C ASP C 34 -11.02 26.12 -3.14
N PRO C 35 -10.95 27.46 -3.29
CA PRO C 35 -9.72 28.24 -3.09
C PRO C 35 -9.20 28.25 -1.67
N LYS C 36 -10.12 28.24 -0.71
CA LYS C 36 -9.70 28.25 0.68
C LYS C 36 -9.46 26.87 1.28
N ALA C 37 -9.29 25.86 0.43
CA ALA C 37 -9.03 24.50 0.89
C ALA C 37 -7.66 24.41 1.58
N ARG C 38 -7.48 23.41 2.43
CA ARG C 38 -6.19 23.22 3.11
C ARG C 38 -5.64 21.88 2.63
N VAL C 39 -4.65 21.98 1.74
CA VAL C 39 -4.03 20.82 1.12
C VAL C 39 -2.58 20.58 1.49
N ALA C 40 -2.32 19.45 2.15
CA ALA C 40 -0.96 19.06 2.48
C ALA C 40 -0.80 17.66 1.88
N CYS C 41 -0.47 17.60 0.58
CA CYS C 41 -0.38 16.32 -0.13
C CYS C 41 1.03 15.82 -0.47
N GLU C 42 1.37 14.63 0.03
CA GLU C 42 2.68 14.04 -0.22
C GLU C 42 2.54 12.81 -1.11
N THR C 43 3.34 12.74 -2.18
CA THR C 43 3.27 11.61 -3.10
C THR C 43 4.53 10.78 -3.15
N TYR C 44 4.36 9.46 -3.19
CA TYR C 44 5.46 8.49 -3.22
C TYR C 44 5.30 7.69 -4.51
N VAL C 45 6.38 7.57 -5.28
CA VAL C 45 6.32 6.85 -6.54
C VAL C 45 7.41 5.84 -6.78
N LYS C 46 7.01 4.61 -7.12
CA LYS C 46 7.95 3.52 -7.41
C LYS C 46 7.46 2.61 -8.53
N THR C 47 8.32 1.66 -8.91
CA THR C 47 8.10 0.71 -10.01
C THR C 47 6.70 0.59 -10.65
N GLY C 48 5.68 0.18 -9.91
CA GLY C 48 4.41 0.05 -10.58
C GLY C 48 3.33 0.79 -9.86
N MET C 49 3.72 1.69 -8.96
CA MET C 49 2.70 2.38 -8.20
C MET C 49 2.93 3.86 -8.02
N VAL C 50 1.93 4.51 -7.44
CA VAL C 50 1.93 5.92 -7.15
C VAL C 50 1.09 6.05 -5.88
N LEU C 51 1.69 6.59 -4.81
CA LEU C 51 1.01 6.75 -3.53
C LEU C 51 0.74 8.23 -3.26
N VAL C 52 -0.54 8.58 -3.19
CA VAL C 52 -0.93 9.96 -2.92
C VAL C 52 -1.54 10.00 -1.53
N GLY C 53 -0.83 10.64 -0.60
CA GLY C 53 -1.30 10.74 0.76
C GLY C 53 -1.13 12.11 1.42
N GLY C 54 -1.28 12.12 2.75
CA GLY C 54 -1.14 13.34 3.52
C GLY C 54 -2.44 13.77 4.15
N GLU C 55 -2.59 15.07 4.38
CA GLU C 55 -3.83 15.56 4.97
C GLU C 55 -4.48 16.63 4.09
N ILE C 56 -5.75 16.42 3.76
CA ILE C 56 -6.50 17.34 2.94
C ILE C 56 -7.87 17.57 3.58
N THR C 57 -8.22 18.83 3.80
CA THR C 57 -9.51 19.19 4.36
C THR C 57 -10.14 20.21 3.40
N THR C 58 -11.03 19.73 2.55
CA THR C 58 -11.66 20.60 1.56
C THR C 58 -13.11 20.19 1.36
N SER C 59 -13.88 21.06 0.73
CA SER C 59 -15.26 20.77 0.45
C SER C 59 -15.35 20.28 -0.99
N ALA C 60 -14.24 20.39 -1.70
CA ALA C 60 -14.18 19.97 -3.10
C ALA C 60 -14.29 18.46 -3.25
N TRP C 61 -14.65 18.00 -4.44
CA TRP C 61 -14.73 16.57 -4.68
C TRP C 61 -13.89 16.27 -5.91
N VAL C 62 -12.81 15.52 -5.72
CA VAL C 62 -11.91 15.21 -6.81
C VAL C 62 -11.60 13.72 -7.00
N ASP C 63 -11.07 13.38 -8.16
CA ASP C 63 -10.74 12.00 -8.48
C ASP C 63 -9.21 11.86 -8.57
N ILE C 64 -8.62 11.28 -7.52
CA ILE C 64 -7.18 11.08 -7.44
C ILE C 64 -6.62 10.18 -8.56
N GLU C 65 -7.27 9.07 -8.85
CA GLU C 65 -6.78 8.17 -9.91
C GLU C 65 -6.71 8.92 -11.25
N GLU C 66 -7.81 9.58 -11.63
CA GLU C 66 -7.86 10.33 -12.89
C GLU C 66 -6.82 11.42 -12.95
N ILE C 67 -6.76 12.28 -11.93
CA ILE C 67 -5.78 13.35 -11.91
C ILE C 67 -4.37 12.76 -12.02
N THR C 68 -4.12 11.70 -11.25
CA THR C 68 -2.84 11.03 -11.27
C THR C 68 -2.54 10.40 -12.66
N ARG C 69 -3.31 9.42 -13.07
CA ARG C 69 -3.08 8.78 -14.36
C ARG C 69 -2.85 9.80 -15.47
N ASN C 70 -3.69 10.83 -15.49
CA ASN C 70 -3.58 11.87 -16.51
C ASN C 70 -2.30 12.63 -16.35
N THR C 71 -1.93 12.96 -15.12
CA THR C 71 -0.70 13.70 -14.90
C THR C 71 0.52 12.92 -15.38
N VAL C 72 0.60 11.64 -15.02
CA VAL C 72 1.73 10.82 -15.43
C VAL C 72 1.67 10.68 -16.94
N ARG C 73 0.48 10.32 -17.44
CA ARG C 73 0.30 10.18 -18.87
C ARG C 73 0.99 11.33 -19.61
N GLU C 74 0.62 12.57 -19.27
CA GLU C 74 1.20 13.74 -19.91
C GLU C 74 2.71 13.77 -19.75
N ILE C 75 3.21 13.36 -18.58
CA ILE C 75 4.65 13.34 -18.39
C ILE C 75 5.27 12.52 -19.51
N GLY C 76 4.72 11.35 -19.80
CA GLY C 76 5.25 10.55 -20.88
C GLY C 76 5.22 9.04 -20.75
N TYR C 77 5.23 8.52 -19.53
CA TYR C 77 5.22 7.07 -19.32
C TYR C 77 3.88 6.44 -19.68
N VAL C 78 3.85 5.80 -20.86
CA VAL C 78 2.63 5.17 -21.33
C VAL C 78 2.81 3.75 -21.90
N HIS C 79 3.86 3.06 -21.48
CA HIS C 79 4.09 1.72 -21.97
C HIS C 79 5.05 1.06 -20.98
N SER C 80 4.92 -0.26 -20.81
CA SER C 80 5.80 -1.00 -19.90
C SER C 80 7.24 -0.93 -20.45
N ASP C 81 7.36 -0.72 -21.76
CA ASP C 81 8.64 -0.59 -22.42
C ASP C 81 9.51 0.49 -21.74
N MET C 82 8.89 1.57 -21.28
CA MET C 82 9.64 2.64 -20.62
C MET C 82 9.73 2.46 -19.10
N GLY C 83 9.16 1.36 -18.59
CA GLY C 83 9.23 1.10 -17.17
C GLY C 83 8.03 1.48 -16.31
N PHE C 84 7.24 2.46 -16.75
CA PHE C 84 6.06 2.92 -16.01
C PHE C 84 4.95 3.23 -17.03
N ASP C 85 3.70 3.06 -16.65
CA ASP C 85 2.57 3.34 -17.55
C ASP C 85 1.37 3.90 -16.81
N ALA C 86 1.02 5.14 -17.11
CA ALA C 86 -0.11 5.80 -16.48
C ALA C 86 -1.35 4.93 -16.49
N ASN C 87 -1.56 4.22 -17.59
CA ASN C 87 -2.75 3.37 -17.73
C ASN C 87 -2.76 2.12 -16.90
N SER C 88 -1.62 1.47 -16.76
CA SER C 88 -1.55 0.20 -16.04
C SER C 88 -0.87 0.21 -14.67
N CYS C 89 -0.40 1.37 -14.23
CA CYS C 89 0.25 1.45 -12.92
C CYS C 89 -0.81 1.47 -11.82
N ALA C 90 -0.38 1.23 -10.59
CA ALA C 90 -1.30 1.27 -9.47
C ALA C 90 -1.39 2.69 -8.92
N VAL C 91 -2.55 3.07 -8.42
CA VAL C 91 -2.75 4.39 -7.82
C VAL C 91 -3.32 4.18 -6.43
N LEU C 92 -2.50 4.42 -5.41
CA LEU C 92 -2.91 4.25 -4.02
C LEU C 92 -3.16 5.60 -3.34
N SER C 93 -4.00 5.60 -2.30
CA SER C 93 -4.31 6.81 -1.56
C SER C 93 -4.42 6.60 -0.05
N ALA C 94 -3.76 7.47 0.70
CA ALA C 94 -3.78 7.47 2.17
C ALA C 94 -3.91 8.92 2.57
N ILE C 95 -5.06 9.52 2.26
CA ILE C 95 -5.30 10.92 2.54
C ILE C 95 -6.27 11.18 3.68
N GLY C 96 -5.77 11.74 4.77
CA GLY C 96 -6.63 12.05 5.90
C GLY C 96 -6.96 13.53 5.87
N LYS C 97 -7.53 14.05 6.96
CA LYS C 97 -7.88 15.46 7.05
C LYS C 97 -6.88 16.18 7.95
N GLN C 98 -6.72 17.49 7.75
CA GLN C 98 -5.78 18.26 8.55
C GLN C 98 -6.17 18.29 10.02
N SER C 99 -5.19 18.17 10.89
CA SER C 99 -5.45 18.19 12.33
C SER C 99 -6.08 19.51 12.81
N PRO C 100 -7.17 19.42 13.58
CA PRO C 100 -7.84 20.62 14.09
C PRO C 100 -6.92 21.46 14.98
N ASP C 101 -6.03 20.77 15.70
CA ASP C 101 -5.09 21.44 16.58
C ASP C 101 -4.27 22.45 15.80
N ILE C 102 -3.84 22.06 14.60
CA ILE C 102 -3.06 22.96 13.76
C ILE C 102 -3.98 24.07 13.28
N ASN C 103 -5.13 23.67 12.77
CA ASN C 103 -6.10 24.62 12.22
C ASN C 103 -6.56 25.79 13.09
N GLN C 104 -6.65 25.57 14.40
CA GLN C 104 -7.09 26.65 15.28
C GLN C 104 -6.09 27.79 15.27
N GLY C 105 -4.82 27.46 15.04
CA GLY C 105 -3.78 28.47 15.01
C GLY C 105 -3.66 29.14 13.64
N VAL C 106 -4.19 28.49 12.61
CA VAL C 106 -4.11 29.05 11.26
C VAL C 106 -5.30 29.95 10.95
N ASP C 107 -6.50 29.36 10.93
CA ASP C 107 -7.70 30.11 10.65
C ASP C 107 -8.36 30.59 11.94
N ARG C 108 -8.20 31.87 12.25
CA ARG C 108 -8.80 32.45 13.46
C ARG C 108 -9.98 33.34 13.06
N ALA C 109 -10.70 33.85 14.06
CA ALA C 109 -11.85 34.69 13.82
C ALA C 109 -11.59 35.73 12.74
N ASP C 110 -10.65 36.62 13.02
CA ASP C 110 -10.28 37.66 12.08
C ASP C 110 -9.32 37.09 11.05
N PRO C 111 -9.70 37.17 9.76
CA PRO C 111 -8.89 36.67 8.64
C PRO C 111 -7.46 37.22 8.56
N LEU C 112 -7.28 38.49 8.91
CA LEU C 112 -5.96 39.11 8.87
C LEU C 112 -5.04 38.49 9.90
N GLU C 113 -5.56 38.28 11.12
CA GLU C 113 -4.79 37.70 12.21
C GLU C 113 -4.41 36.25 11.94
N GLN C 114 -5.08 35.63 10.99
CA GLN C 114 -4.84 34.23 10.65
C GLN C 114 -3.35 33.91 10.59
N GLY C 115 -2.97 32.84 11.28
CA GLY C 115 -1.57 32.45 11.38
C GLY C 115 -0.87 31.55 10.39
N ALA C 116 0.45 31.57 10.47
CA ALA C 116 1.33 30.76 9.64
C ALA C 116 1.01 29.28 9.78
N GLY C 117 1.03 28.57 8.66
CA GLY C 117 0.74 27.15 8.66
C GLY C 117 1.73 26.31 9.46
N ASP C 118 2.93 26.84 9.66
CA ASP C 118 3.95 26.12 10.40
C ASP C 118 5.10 27.05 10.79
N GLN C 119 6.08 26.54 11.51
CA GLN C 119 7.23 27.35 11.89
C GLN C 119 8.23 27.14 10.76
N GLY C 120 9.31 27.91 10.74
CA GLY C 120 10.28 27.72 9.69
C GLY C 120 10.86 28.99 9.12
N LEU C 121 11.84 28.83 8.24
CA LEU C 121 12.51 29.96 7.61
C LEU C 121 12.55 29.76 6.11
N MET C 122 12.48 30.86 5.37
CA MET C 122 12.51 30.80 3.91
C MET C 122 13.47 31.82 3.32
N PHE C 123 14.09 31.45 2.20
CA PHE C 123 15.04 32.32 1.56
C PHE C 123 14.59 32.80 0.19
N GLY C 124 14.70 34.11 -0.03
CA GLY C 124 14.36 34.72 -1.30
C GLY C 124 15.66 35.15 -1.96
N TYR C 125 15.70 35.24 -3.28
CA TYR C 125 16.93 35.64 -3.96
C TYR C 125 16.72 36.30 -5.32
N ALA C 126 17.64 37.21 -5.65
CA ALA C 126 17.59 37.92 -6.93
C ALA C 126 19.01 38.31 -7.29
N THR C 127 19.28 38.39 -8.60
CA THR C 127 20.61 38.74 -9.10
C THR C 127 20.51 39.36 -10.51
N ASN C 128 21.33 40.35 -10.80
CA ASN C 128 21.28 41.00 -12.11
C ASN C 128 22.07 40.24 -13.17
N GLU C 129 22.46 39.01 -12.85
CA GLU C 129 23.22 38.18 -13.79
C GLU C 129 22.42 37.93 -15.07
N THR C 130 21.09 38.06 -14.98
CA THR C 130 20.24 37.83 -16.16
C THR C 130 18.98 38.69 -16.12
N ASP C 131 18.34 38.82 -17.28
CA ASP C 131 17.12 39.62 -17.42
C ASP C 131 16.05 39.28 -16.40
N VAL C 132 15.82 37.99 -16.20
CA VAL C 132 14.80 37.56 -15.26
C VAL C 132 15.36 37.60 -13.84
N LEU C 133 16.50 38.28 -13.69
CA LEU C 133 17.13 38.42 -12.40
C LEU C 133 17.32 37.10 -11.66
N MET C 134 17.63 36.05 -12.42
CA MET C 134 17.87 34.73 -11.86
C MET C 134 19.34 34.40 -12.10
N PRO C 135 19.90 33.48 -11.30
CA PRO C 135 21.30 33.12 -11.48
C PRO C 135 21.39 32.38 -12.82
N ALA C 136 22.57 32.38 -13.44
CA ALA C 136 22.72 31.75 -14.74
C ALA C 136 22.76 30.24 -14.72
N PRO C 137 23.62 29.64 -13.88
CA PRO C 137 23.68 28.18 -13.84
C PRO C 137 22.34 27.44 -13.77
N ILE C 138 21.46 27.82 -12.85
CA ILE C 138 20.18 27.13 -12.75
C ILE C 138 19.36 27.38 -14.02
N THR C 139 19.41 28.59 -14.56
CA THR C 139 18.65 28.89 -15.76
C THR C 139 19.01 28.02 -16.94
N TYR C 140 20.29 27.74 -17.14
CA TYR C 140 20.69 26.92 -18.29
C TYR C 140 20.46 25.44 -18.06
N ALA C 141 20.65 24.98 -16.82
CA ALA C 141 20.42 23.58 -16.53
C ALA C 141 18.95 23.27 -16.82
N HIS C 142 18.07 24.15 -16.34
CA HIS C 142 16.63 23.99 -16.54
C HIS C 142 16.34 23.92 -18.04
N ARG C 143 16.96 24.81 -18.79
CA ARG C 143 16.76 24.87 -20.21
C ARG C 143 17.17 23.58 -20.88
N LEU C 144 18.21 22.94 -20.34
CA LEU C 144 18.71 21.68 -20.89
C LEU C 144 17.71 20.53 -20.78
N VAL C 145 17.22 20.24 -19.58
CA VAL C 145 16.24 19.16 -19.43
C VAL C 145 14.94 19.51 -20.15
N GLN C 146 14.59 20.79 -20.16
CA GLN C 146 13.38 21.24 -20.83
C GLN C 146 13.48 20.99 -22.32
N ARG C 147 14.66 21.25 -22.87
CA ARG C 147 14.84 21.04 -24.30
C ARG C 147 14.68 19.55 -24.60
N GLN C 148 15.38 18.71 -23.87
CA GLN C 148 15.33 17.26 -24.05
C GLN C 148 13.90 16.76 -24.07
N ALA C 149 13.06 17.32 -23.21
CA ALA C 149 11.67 16.89 -23.14
C ALA C 149 10.89 17.32 -24.36
N GLU C 150 11.23 18.49 -24.90
CA GLU C 150 10.55 19.04 -26.07
C GLU C 150 10.98 18.35 -27.37
N VAL C 151 12.23 17.95 -27.44
CA VAL C 151 12.76 17.26 -28.62
C VAL C 151 12.24 15.82 -28.59
N ARG C 152 11.76 15.40 -27.42
CA ARG C 152 11.23 14.06 -27.25
C ARG C 152 9.77 14.07 -27.68
N LYS C 153 9.01 15.01 -27.13
CA LYS C 153 7.60 15.16 -27.45
C LYS C 153 7.32 15.51 -28.92
N ASN C 154 8.12 16.40 -29.48
CA ASN C 154 7.92 16.79 -30.88
C ASN C 154 8.35 15.69 -31.82
N GLY C 155 8.94 14.64 -31.28
CA GLY C 155 9.35 13.53 -32.13
C GLY C 155 10.66 13.71 -32.88
N THR C 156 11.45 14.67 -32.45
CA THR C 156 12.73 14.91 -33.10
C THR C 156 13.63 13.72 -32.80
N LEU C 157 13.63 13.33 -31.54
CA LEU C 157 14.42 12.19 -31.07
C LEU C 157 13.40 11.24 -30.42
N PRO C 158 12.69 10.46 -31.24
CA PRO C 158 11.67 9.51 -30.77
C PRO C 158 12.15 8.45 -29.79
N TRP C 159 13.45 8.20 -29.75
CA TRP C 159 13.99 7.18 -28.86
C TRP C 159 14.33 7.70 -27.46
N LEU C 160 14.01 8.96 -27.20
CA LEU C 160 14.26 9.55 -25.88
C LEU C 160 13.14 9.14 -24.95
N ARG C 161 13.47 8.88 -23.69
CA ARG C 161 12.46 8.50 -22.70
C ARG C 161 12.30 9.66 -21.72
N PRO C 162 11.20 9.70 -20.96
CA PRO C 162 10.97 10.80 -20.01
C PRO C 162 12.10 11.15 -19.05
N ASP C 163 12.61 10.13 -18.35
CA ASP C 163 13.67 10.32 -17.37
C ASP C 163 14.97 10.94 -17.89
N ALA C 164 15.41 12.04 -17.27
CA ALA C 164 16.64 12.73 -17.66
C ALA C 164 17.09 13.75 -16.61
N LYS C 165 18.39 13.97 -16.53
CA LYS C 165 18.98 14.91 -15.58
C LYS C 165 20.11 15.66 -16.26
N SER C 166 20.30 16.91 -15.84
CA SER C 166 21.32 17.78 -16.41
C SER C 166 22.16 18.51 -15.37
N GLN C 167 23.45 18.61 -15.65
CA GLN C 167 24.40 19.31 -14.76
C GLN C 167 25.37 20.18 -15.59
N VAL C 168 25.63 21.39 -15.08
CA VAL C 168 26.51 22.32 -15.76
C VAL C 168 27.29 23.08 -14.71
N THR C 169 28.55 23.35 -15.01
CA THR C 169 29.38 24.10 -14.10
C THR C 169 30.00 25.28 -14.86
N PHE C 170 29.78 26.50 -14.36
CA PHE C 170 30.29 27.68 -15.01
C PHE C 170 31.65 28.11 -14.47
N GLN C 171 32.37 28.89 -15.26
CA GLN C 171 33.67 29.42 -14.84
C GLN C 171 33.37 30.83 -14.40
N TYR C 172 33.76 31.17 -13.18
CA TYR C 172 33.50 32.51 -12.68
C TYR C 172 34.80 33.23 -12.33
N ASP C 173 35.10 34.26 -13.09
CA ASP C 173 36.30 35.05 -12.86
C ASP C 173 35.85 36.50 -12.73
N ASP C 174 36.50 37.25 -11.86
CA ASP C 174 36.15 38.65 -11.67
C ASP C 174 34.66 38.72 -11.29
N GLY C 175 34.15 37.60 -10.77
CA GLY C 175 32.75 37.54 -10.36
C GLY C 175 31.74 37.40 -11.50
N LYS C 176 32.23 37.34 -12.74
CA LYS C 176 31.34 37.20 -13.89
C LYS C 176 31.62 35.89 -14.59
N ILE C 177 30.73 35.48 -15.47
CA ILE C 177 30.88 34.22 -16.19
C ILE C 177 31.86 34.37 -17.33
N VAL C 178 32.79 33.43 -17.46
CA VAL C 178 33.75 33.49 -18.54
C VAL C 178 33.54 32.30 -19.45
N GLY C 179 32.85 31.30 -18.94
CA GLY C 179 32.59 30.11 -19.74
C GLY C 179 32.07 28.94 -18.95
N ILE C 180 32.10 27.76 -19.58
CA ILE C 180 31.62 26.56 -18.92
C ILE C 180 32.64 25.44 -19.04
N ASP C 181 33.09 24.93 -17.90
CA ASP C 181 34.08 23.87 -17.87
C ASP C 181 33.52 22.48 -18.20
N ALA C 182 32.52 22.02 -17.45
CA ALA C 182 31.94 20.70 -17.68
C ALA C 182 30.42 20.69 -17.89
N VAL C 183 29.95 19.81 -18.75
CA VAL C 183 28.52 19.68 -19.06
C VAL C 183 28.07 18.24 -18.85
N VAL C 184 27.00 18.03 -18.09
CA VAL C 184 26.50 16.68 -17.84
C VAL C 184 25.08 16.56 -18.30
N LEU C 185 24.80 15.52 -19.07
CA LEU C 185 23.45 15.30 -19.55
C LEU C 185 23.13 13.80 -19.60
N SER C 186 22.25 13.36 -18.69
CA SER C 186 21.85 11.95 -18.64
C SER C 186 20.39 11.86 -19.06
N THR C 187 20.10 10.96 -20.02
CA THR C 187 18.74 10.77 -20.50
C THR C 187 18.41 9.34 -20.78
N GLN C 188 17.22 8.91 -20.38
CA GLN C 188 16.77 7.54 -20.59
C GLN C 188 16.55 7.37 -22.10
N HIS C 189 16.71 6.14 -22.60
CA HIS C 189 16.53 5.87 -24.02
C HIS C 189 16.05 4.47 -24.33
N SER C 190 15.78 4.20 -25.60
CA SER C 190 15.28 2.90 -26.02
C SER C 190 16.42 1.93 -26.34
N GLU C 191 16.09 0.63 -26.37
CA GLU C 191 17.07 -0.40 -26.68
C GLU C 191 17.45 -0.34 -28.15
N GLU C 192 16.86 0.61 -28.88
CA GLU C 192 17.10 0.74 -30.30
C GLU C 192 18.33 1.52 -30.77
N ILE C 193 18.76 2.51 -30.00
CA ILE C 193 19.90 3.33 -30.39
C ILE C 193 21.18 3.09 -29.59
N ASP C 194 22.33 3.35 -30.21
CA ASP C 194 23.63 3.14 -29.58
C ASP C 194 24.16 4.38 -28.84
N GLN C 195 25.08 4.15 -27.91
CA GLN C 195 25.66 5.24 -27.10
C GLN C 195 26.22 6.38 -27.93
N LYS C 196 27.19 6.06 -28.78
CA LYS C 196 27.80 7.07 -29.63
C LYS C 196 26.74 7.89 -30.34
N SER C 197 25.92 7.24 -31.16
CA SER C 197 24.84 7.92 -31.87
C SER C 197 24.10 8.82 -30.88
N LEU C 198 23.64 8.23 -29.78
CA LEU C 198 22.92 8.96 -28.74
C LEU C 198 23.71 10.17 -28.28
N GLN C 199 24.96 9.93 -27.93
CA GLN C 199 25.80 11.02 -27.45
C GLN C 199 25.89 12.12 -28.50
N GLU C 200 26.29 11.74 -29.71
CA GLU C 200 26.42 12.66 -30.82
C GLU C 200 25.12 13.40 -31.10
N ALA C 201 23.99 12.71 -30.93
CA ALA C 201 22.67 13.29 -31.17
C ALA C 201 22.26 14.26 -30.06
N VAL C 202 22.62 13.92 -28.81
CA VAL C 202 22.28 14.77 -27.68
C VAL C 202 22.96 16.12 -27.80
N MET C 203 24.18 16.11 -28.35
CA MET C 203 24.96 17.34 -28.52
C MET C 203 24.32 18.30 -29.51
N GLU C 204 24.00 17.80 -30.69
CA GLU C 204 23.37 18.58 -31.75
C GLU C 204 21.98 19.10 -31.39
N GLU C 205 21.12 18.19 -30.93
CA GLU C 205 19.75 18.52 -30.58
C GLU C 205 19.48 19.13 -29.22
N ILE C 206 20.23 18.74 -28.20
CA ILE C 206 19.97 19.27 -26.87
C ILE C 206 20.99 20.24 -26.26
N ILE C 207 22.27 19.92 -26.36
CA ILE C 207 23.26 20.79 -25.76
C ILE C 207 23.67 21.98 -26.61
N LYS C 208 24.13 21.70 -27.82
CA LYS C 208 24.59 22.75 -28.73
C LYS C 208 23.55 23.85 -28.91
N PRO C 209 22.27 23.47 -29.06
CA PRO C 209 21.30 24.55 -29.23
C PRO C 209 20.99 25.34 -27.97
N ILE C 210 21.31 24.80 -26.80
CA ILE C 210 20.95 25.51 -25.58
C ILE C 210 22.07 26.24 -24.91
N LEU C 211 23.27 25.72 -24.96
CA LEU C 211 24.40 26.42 -24.33
C LEU C 211 25.03 27.47 -25.26
N PRO C 212 25.20 28.70 -24.77
CA PRO C 212 25.79 29.79 -25.58
C PRO C 212 27.15 29.35 -26.13
N ALA C 213 27.28 29.36 -27.45
CA ALA C 213 28.52 28.94 -28.08
C ALA C 213 29.76 29.65 -27.58
N GLU C 214 29.60 30.86 -27.04
CA GLU C 214 30.74 31.62 -26.53
C GLU C 214 31.40 30.93 -25.33
N TRP C 215 30.58 30.44 -24.41
CA TRP C 215 31.05 29.78 -23.21
C TRP C 215 31.57 28.37 -23.43
N LEU C 216 31.40 27.86 -24.65
CA LEU C 216 31.87 26.52 -24.98
C LEU C 216 33.20 26.62 -25.71
N THR C 217 34.21 25.97 -25.16
CA THR C 217 35.53 25.99 -25.74
C THR C 217 36.05 24.57 -25.78
N SER C 218 37.20 24.40 -26.41
CA SER C 218 37.84 23.09 -26.53
C SER C 218 38.14 22.52 -25.14
N ALA C 219 38.04 23.37 -24.13
CA ALA C 219 38.29 22.94 -22.76
C ALA C 219 37.09 22.20 -22.21
N THR C 220 35.90 22.75 -22.39
CA THR C 220 34.68 22.13 -21.88
C THR C 220 34.71 20.62 -22.01
N LYS C 221 34.24 19.94 -20.98
CA LYS C 221 34.21 18.47 -20.94
C LYS C 221 32.73 18.04 -20.92
N PHE C 222 32.37 17.10 -21.77
CA PHE C 222 30.98 16.65 -21.85
C PHE C 222 30.79 15.24 -21.32
N PHE C 223 29.83 15.10 -20.42
CA PHE C 223 29.51 13.82 -19.82
C PHE C 223 28.10 13.44 -20.23
N ILE C 224 28.00 12.49 -21.16
CA ILE C 224 26.72 12.02 -21.67
C ILE C 224 26.47 10.54 -21.37
N ASN C 225 25.50 10.27 -20.50
CA ASN C 225 25.14 8.90 -20.10
C ASN C 225 26.38 8.09 -19.72
N PRO C 226 27.20 8.62 -18.81
CA PRO C 226 28.43 8.00 -18.33
C PRO C 226 28.46 6.51 -17.99
N THR C 227 27.47 5.98 -17.26
CA THR C 227 27.55 4.56 -16.94
C THR C 227 27.65 3.80 -18.26
N GLY C 228 27.36 4.50 -19.35
CA GLY C 228 27.41 3.88 -20.65
C GLY C 228 26.08 3.24 -21.04
N ARG C 229 25.11 3.26 -20.12
CA ARG C 229 23.80 2.69 -20.41
C ARG C 229 22.70 3.16 -19.47
N PHE C 230 21.65 3.73 -20.06
CA PHE C 230 20.52 4.26 -19.29
C PHE C 230 19.25 3.88 -20.07
N VAL C 231 18.86 2.62 -19.99
CA VAL C 231 17.67 2.14 -20.68
C VAL C 231 16.55 1.97 -19.64
N ILE C 232 16.97 1.73 -18.40
CA ILE C 232 16.05 1.55 -17.28
C ILE C 232 16.02 2.84 -16.48
N GLY C 233 14.86 3.47 -16.40
CA GLY C 233 14.73 4.70 -15.65
C GLY C 233 13.37 4.86 -14.99
N GLY C 234 13.02 6.09 -14.64
CA GLY C 234 11.74 6.32 -14.01
C GLY C 234 11.68 5.61 -12.67
N PRO C 235 10.49 5.49 -12.08
CA PRO C 235 10.36 4.83 -10.78
C PRO C 235 10.98 3.44 -10.69
N MET C 236 11.21 2.81 -11.82
CA MET C 236 11.80 1.48 -11.76
C MET C 236 13.27 1.57 -11.39
N GLY C 237 13.95 2.59 -11.91
CA GLY C 237 15.36 2.76 -11.62
C GLY C 237 15.63 3.63 -10.42
N ASP C 238 14.64 4.42 -10.01
CA ASP C 238 14.82 5.32 -8.88
C ASP C 238 13.52 5.79 -8.23
N CYS C 239 13.41 5.61 -6.92
CA CYS C 239 12.21 6.01 -6.17
C CYS C 239 11.92 7.52 -6.20
N GLY C 240 10.68 7.88 -6.55
CA GLY C 240 10.31 9.29 -6.61
C GLY C 240 9.53 9.73 -5.38
N LEU C 241 9.90 10.88 -4.82
CA LEU C 241 9.25 11.40 -3.63
C LEU C 241 8.94 12.90 -3.76
N THR C 242 7.93 13.37 -3.06
CA THR C 242 7.59 14.79 -3.13
C THR C 242 8.56 15.64 -2.32
N GLY C 243 8.87 16.83 -2.84
CA GLY C 243 9.75 17.76 -2.16
C GLY C 243 11.18 17.30 -1.95
N ARG C 244 11.77 16.63 -2.94
CA ARG C 244 13.15 16.19 -2.82
C ARG C 244 14.02 16.88 -3.88
N LYS C 245 13.45 17.92 -4.49
CA LYS C 245 14.15 18.72 -5.48
C LYS C 245 14.17 20.18 -5.01
N ILE C 246 14.14 20.35 -3.69
CA ILE C 246 14.16 21.63 -3.01
C ILE C 246 15.04 22.69 -3.71
N ILE C 247 16.30 22.33 -3.99
CA ILE C 247 17.26 23.26 -4.60
C ILE C 247 17.04 23.59 -6.08
N VAL C 248 16.83 22.57 -6.92
CA VAL C 248 16.60 22.83 -8.34
C VAL C 248 15.27 23.57 -8.52
N ASP C 249 14.41 23.44 -7.52
CA ASP C 249 13.11 24.09 -7.53
C ASP C 249 13.30 25.57 -7.33
N THR C 250 14.41 25.95 -6.71
CA THR C 250 14.69 27.35 -6.43
C THR C 250 15.77 28.16 -7.20
N TYR C 251 17.01 28.14 -6.69
CA TYR C 251 18.12 28.90 -7.29
C TYR C 251 19.40 28.13 -7.65
N GLY C 252 19.32 26.79 -7.71
CA GLY C 252 20.46 25.97 -8.06
C GLY C 252 21.61 25.84 -7.06
N GLY C 253 21.43 26.33 -5.85
CA GLY C 253 22.51 26.24 -4.87
C GLY C 253 23.29 27.53 -4.76
N MET C 254 22.94 28.50 -5.61
CA MET C 254 23.58 29.80 -5.63
C MET C 254 23.19 30.57 -4.37
N ALA C 255 21.91 30.57 -4.06
CA ALA C 255 21.39 31.24 -2.87
C ALA C 255 21.20 30.21 -1.75
N ARG C 256 20.63 30.64 -0.64
CA ARG C 256 20.40 29.73 0.47
C ARG C 256 18.99 29.14 0.45
N HIS C 257 18.74 28.19 1.37
CA HIS C 257 17.44 27.52 1.50
C HIS C 257 17.13 27.11 2.93
N GLY C 258 15.85 27.21 3.31
CA GLY C 258 15.41 26.86 4.66
C GLY C 258 14.97 25.42 4.89
N GLY C 259 14.60 24.73 3.82
CA GLY C 259 14.22 23.35 3.98
C GLY C 259 12.75 23.06 3.76
N GLY C 260 12.03 24.04 3.21
CA GLY C 260 10.62 23.83 2.94
C GLY C 260 10.33 23.59 1.46
N ALA C 261 9.63 22.50 1.17
CA ALA C 261 9.26 22.13 -0.18
C ALA C 261 8.08 22.97 -0.64
N PHE C 262 7.79 22.92 -1.93
CA PHE C 262 6.69 23.68 -2.50
C PHE C 262 5.43 22.86 -2.88
N SER C 263 5.59 21.92 -3.79
CA SER C 263 4.47 21.11 -4.25
C SER C 263 3.62 20.40 -3.18
N GLY C 264 2.32 20.39 -3.41
CA GLY C 264 1.41 19.69 -2.51
C GLY C 264 0.73 20.51 -1.44
N LYS C 265 1.20 21.72 -1.23
CA LYS C 265 0.62 22.57 -0.20
C LYS C 265 -0.04 23.85 -0.69
N ASP C 266 -1.14 24.20 -0.04
CA ASP C 266 -1.89 25.41 -0.37
C ASP C 266 -1.07 26.58 0.17
N PRO C 267 -1.38 27.82 -0.26
CA PRO C 267 -0.69 29.05 0.16
C PRO C 267 -0.65 29.38 1.65
N SER C 268 -1.56 28.83 2.45
CA SER C 268 -1.56 29.09 3.87
C SER C 268 -0.33 28.44 4.49
N LYS C 269 0.43 27.72 3.65
CA LYS C 269 1.67 27.06 4.07
C LYS C 269 2.83 27.99 3.72
N VAL C 270 3.36 28.69 4.72
CA VAL C 270 4.46 29.63 4.52
C VAL C 270 5.67 29.06 3.75
N ASP C 271 5.82 27.74 3.79
CA ASP C 271 6.91 27.10 3.09
C ASP C 271 6.88 27.54 1.63
N ARG C 272 5.68 27.62 1.06
CA ARG C 272 5.53 27.99 -0.34
C ARG C 272 5.25 29.48 -0.59
N SER C 273 4.30 30.03 0.17
CA SER C 273 3.89 31.42 0.04
C SER C 273 4.94 32.47 0.51
N ALA C 274 5.56 32.23 1.66
CA ALA C 274 6.55 33.16 2.17
C ALA C 274 7.79 33.07 1.29
N ALA C 275 8.00 31.89 0.69
CA ALA C 275 9.13 31.69 -0.20
C ALA C 275 8.89 32.57 -1.43
N TYR C 276 7.74 32.39 -2.07
CA TYR C 276 7.41 33.18 -3.25
C TYR C 276 7.51 34.68 -2.94
N ALA C 277 6.90 35.10 -1.84
CA ALA C 277 6.93 36.50 -1.44
C ALA C 277 8.36 36.99 -1.27
N ALA C 278 9.26 36.08 -0.91
CA ALA C 278 10.65 36.47 -0.70
C ALA C 278 11.39 36.68 -2.03
N ARG C 279 11.03 35.91 -3.06
CA ARG C 279 11.67 36.08 -4.35
C ARG C 279 11.13 37.39 -4.91
N TYR C 280 9.88 37.65 -4.57
CA TYR C 280 9.15 38.85 -5.00
C TYR C 280 9.82 40.16 -4.58
N VAL C 281 10.19 40.29 -3.31
CA VAL C 281 10.83 41.53 -2.88
C VAL C 281 12.28 41.56 -3.35
N ALA C 282 12.98 40.43 -3.25
CA ALA C 282 14.36 40.36 -3.67
C ALA C 282 14.48 40.83 -5.12
N LYS C 283 13.69 40.21 -5.99
CA LYS C 283 13.71 40.57 -7.40
C LYS C 283 13.36 42.04 -7.52
N ASN C 284 12.26 42.43 -6.89
CA ASN C 284 11.82 43.80 -6.96
C ASN C 284 12.85 44.83 -6.45
N ILE C 285 13.66 44.44 -5.48
CA ILE C 285 14.68 45.33 -4.94
C ILE C 285 15.74 45.56 -6.01
N VAL C 286 16.19 44.48 -6.67
CA VAL C 286 17.21 44.59 -7.70
C VAL C 286 16.66 45.34 -8.91
N ALA C 287 15.44 45.05 -9.30
CA ALA C 287 14.85 45.76 -10.43
C ALA C 287 14.78 47.25 -10.05
N ALA C 288 14.45 47.51 -8.79
CA ALA C 288 14.37 48.87 -8.28
C ALA C 288 15.77 49.49 -8.30
N GLY C 289 16.78 48.66 -8.55
CA GLY C 289 18.15 49.13 -8.59
C GLY C 289 18.75 49.48 -7.23
N LEU C 290 18.13 49.01 -6.16
CA LEU C 290 18.65 49.29 -4.84
C LEU C 290 19.83 48.37 -4.47
N ALA C 291 20.07 47.35 -5.31
CA ALA C 291 21.17 46.41 -5.07
C ALA C 291 21.34 45.54 -6.29
N ASP C 292 22.55 45.03 -6.50
CA ASP C 292 22.82 44.18 -7.65
C ASP C 292 22.35 42.76 -7.41
N ARG C 293 22.34 42.35 -6.15
CA ARG C 293 21.89 41.02 -5.78
C ARG C 293 21.62 41.00 -4.29
N CYS C 294 20.49 40.45 -3.90
CA CYS C 294 20.21 40.38 -2.48
C CYS C 294 19.39 39.17 -2.12
N GLU C 295 19.74 38.61 -0.97
CA GLU C 295 19.09 37.44 -0.42
C GLU C 295 18.21 37.93 0.71
N ILE C 296 16.96 37.48 0.73
CA ILE C 296 16.02 37.86 1.78
C ILE C 296 15.74 36.61 2.60
N GLN C 297 15.35 36.78 3.86
CA GLN C 297 15.06 35.62 4.68
C GLN C 297 14.04 35.93 5.75
N VAL C 298 12.95 35.18 5.75
CA VAL C 298 11.91 35.38 6.74
C VAL C 298 11.80 34.05 7.45
N SER C 299 11.26 34.09 8.67
CA SER C 299 11.04 32.88 9.46
C SER C 299 9.69 33.08 10.14
N TYR C 300 8.98 32.00 10.43
CA TYR C 300 7.67 32.13 11.07
C TYR C 300 7.46 31.17 12.22
N ALA C 301 6.36 31.40 12.93
CA ALA C 301 5.98 30.54 14.04
C ALA C 301 4.53 30.10 13.80
N ILE C 302 4.28 28.80 13.90
CA ILE C 302 2.96 28.24 13.69
C ILE C 302 1.88 28.99 14.45
N GLY C 303 0.74 29.21 13.78
CA GLY C 303 -0.38 29.87 14.41
C GLY C 303 -0.17 31.34 14.70
N VAL C 304 1.03 31.81 14.39
CA VAL C 304 1.39 33.21 14.62
C VAL C 304 1.43 33.92 13.27
N ALA C 305 0.72 35.03 13.16
CA ALA C 305 0.63 35.78 11.90
C ALA C 305 1.83 36.67 11.58
N GLU C 306 2.45 37.26 12.61
CA GLU C 306 3.59 38.14 12.40
C GLU C 306 4.95 37.44 12.35
N PRO C 307 5.69 37.63 11.24
CA PRO C 307 7.01 37.02 11.05
C PRO C 307 7.92 37.11 12.27
N THR C 308 8.59 36.01 12.57
CA THR C 308 9.50 35.96 13.70
C THR C 308 10.87 36.56 13.38
N SER C 309 11.18 36.68 12.09
CA SER C 309 12.46 37.23 11.66
C SER C 309 12.47 37.65 10.19
N ILE C 310 13.29 38.65 9.89
CA ILE C 310 13.43 39.14 8.54
C ILE C 310 14.84 39.70 8.46
N MET C 311 15.49 39.50 7.32
CA MET C 311 16.84 39.98 7.12
C MET C 311 17.15 40.08 5.64
N VAL C 312 17.71 41.21 5.23
CA VAL C 312 18.06 41.37 3.83
C VAL C 312 19.58 41.36 3.73
N GLU C 313 20.11 40.62 2.75
CA GLU C 313 21.56 40.56 2.54
C GLU C 313 21.86 41.03 1.12
N THR C 314 22.63 42.10 0.98
CA THR C 314 22.96 42.64 -0.33
C THR C 314 24.41 42.43 -0.74
N PHE C 315 25.16 41.70 0.09
CA PHE C 315 26.56 41.39 -0.20
C PHE C 315 27.33 42.63 -0.59
N GLY C 316 27.01 43.75 0.07
CA GLY C 316 27.69 45.00 -0.22
C GLY C 316 27.27 45.67 -1.51
N THR C 317 26.60 44.93 -2.38
CA THR C 317 26.18 45.49 -3.66
C THR C 317 25.02 46.46 -3.53
N GLU C 318 24.65 46.78 -2.30
CA GLU C 318 23.52 47.69 -2.09
C GLU C 318 23.87 49.11 -2.50
N LYS C 319 22.86 49.94 -2.72
CA LYS C 319 23.08 51.31 -3.16
C LYS C 319 22.49 52.33 -2.18
N VAL C 320 21.80 51.81 -1.16
CA VAL C 320 21.23 52.64 -0.12
C VAL C 320 21.59 51.89 1.15
N PRO C 321 22.03 52.61 2.20
CA PRO C 321 22.38 51.87 3.42
C PRO C 321 21.32 50.86 3.81
N SER C 322 21.75 49.62 3.93
CA SER C 322 20.85 48.52 4.28
C SER C 322 19.76 49.02 5.20
N GLU C 323 20.14 49.84 6.18
CA GLU C 323 19.20 50.40 7.15
C GLU C 323 17.86 50.74 6.51
N GLN C 324 17.84 51.76 5.68
CA GLN C 324 16.61 52.18 5.02
C GLN C 324 16.13 51.09 4.08
N LEU C 325 17.05 50.26 3.64
CA LEU C 325 16.70 49.18 2.73
C LEU C 325 15.91 48.09 3.45
N THR C 326 16.15 47.97 4.76
CA THR C 326 15.46 46.96 5.55
C THR C 326 14.17 47.52 6.12
N LEU C 327 14.18 48.83 6.40
CA LEU C 327 13.00 49.49 6.95
C LEU C 327 12.02 49.74 5.82
N LEU C 328 12.52 49.67 4.60
CA LEU C 328 11.69 49.86 3.41
C LEU C 328 10.92 48.57 3.13
N VAL C 329 11.58 47.43 3.31
CA VAL C 329 11.00 46.12 3.08
C VAL C 329 9.68 45.95 3.85
N ARG C 330 9.74 46.01 5.18
CA ARG C 330 8.54 45.85 6.00
C ARG C 330 7.57 47.01 5.79
N GLU C 331 8.08 48.04 5.15
CA GLU C 331 7.27 49.21 4.89
C GLU C 331 6.36 48.95 3.69
N PHE C 332 6.94 48.41 2.62
CA PHE C 332 6.21 48.15 1.37
C PHE C 332 5.42 46.85 1.25
N PHE C 333 5.99 45.74 1.72
CA PHE C 333 5.31 44.45 1.63
C PHE C 333 4.76 43.91 2.95
N ASP C 334 3.71 43.09 2.84
CA ASP C 334 3.07 42.46 3.98
C ASP C 334 3.43 40.98 3.96
N LEU C 335 4.30 40.56 4.89
CA LEU C 335 4.73 39.16 4.94
C LEU C 335 3.89 38.31 5.87
N ARG C 336 2.81 38.88 6.37
CA ARG C 336 1.92 38.13 7.25
C ARG C 336 1.17 37.12 6.38
N PRO C 337 0.94 35.91 6.91
CA PRO C 337 0.25 34.90 6.13
C PRO C 337 -0.84 35.43 5.21
N TYR C 338 -1.83 36.09 5.80
CA TYR C 338 -2.96 36.59 5.04
C TYR C 338 -2.78 37.93 4.37
N GLY C 339 -1.50 38.27 4.16
CA GLY C 339 -1.11 39.49 3.48
C GLY C 339 -0.41 39.14 2.18
N LEU C 340 0.40 38.09 2.21
CA LEU C 340 1.12 37.62 1.02
C LEU C 340 0.17 36.94 0.05
N ILE C 341 -0.85 36.27 0.58
CA ILE C 341 -1.81 35.58 -0.26
C ILE C 341 -2.57 36.58 -1.13
N GLN C 342 -2.89 37.72 -0.55
CA GLN C 342 -3.59 38.74 -1.31
C GLN C 342 -2.55 39.45 -2.18
N MET C 343 -1.39 39.68 -1.60
CA MET C 343 -0.30 40.33 -2.30
C MET C 343 0.00 39.66 -3.64
N LEU C 344 -0.05 38.33 -3.67
CA LEU C 344 0.25 37.61 -4.90
C LEU C 344 -0.94 36.86 -5.44
N ASP C 345 -2.09 36.99 -4.79
CA ASP C 345 -3.31 36.32 -5.23
C ASP C 345 -3.05 34.84 -5.41
N LEU C 346 -2.66 34.16 -4.34
CA LEU C 346 -2.34 32.75 -4.37
C LEU C 346 -3.51 31.75 -4.35
N LEU C 347 -4.74 32.24 -4.14
CA LEU C 347 -5.92 31.37 -4.09
C LEU C 347 -6.38 30.88 -5.43
N HIS C 348 -5.46 30.37 -6.26
CA HIS C 348 -5.83 29.86 -7.59
C HIS C 348 -5.04 28.61 -7.98
N PRO C 349 -5.58 27.83 -8.94
CA PRO C 349 -4.90 26.61 -9.38
C PRO C 349 -3.86 26.98 -10.43
N ILE C 350 -2.70 27.41 -9.94
CA ILE C 350 -1.60 27.81 -10.81
C ILE C 350 -0.27 27.15 -10.45
N TYR C 351 -0.32 26.12 -9.60
CA TYR C 351 0.91 25.47 -9.16
C TYR C 351 1.43 24.26 -9.91
N LYS C 352 0.57 23.41 -10.47
CA LYS C 352 1.07 22.26 -11.21
C LYS C 352 2.18 22.74 -12.15
N GLU C 353 1.84 23.72 -12.99
CA GLU C 353 2.77 24.33 -13.95
C GLU C 353 4.11 24.70 -13.31
N THR C 354 4.09 24.92 -12.02
CA THR C 354 5.27 25.32 -11.31
C THR C 354 6.09 24.12 -10.84
N ALA C 355 5.54 22.91 -10.98
CA ALA C 355 6.19 21.68 -10.49
C ALA C 355 7.39 21.10 -11.27
N ALA C 356 7.71 21.64 -12.44
CA ALA C 356 8.85 21.13 -13.19
C ALA C 356 9.54 22.31 -13.81
N TYR C 357 10.86 22.29 -13.77
CA TYR C 357 11.68 23.34 -14.35
C TYR C 357 11.73 24.70 -13.63
N GLY C 358 11.85 24.66 -12.31
CA GLY C 358 11.98 25.88 -11.53
C GLY C 358 10.72 26.66 -11.19
N HIS C 359 10.68 27.17 -9.97
CA HIS C 359 9.56 27.95 -9.49
C HIS C 359 9.82 29.42 -9.77
N PHE C 360 11.06 29.72 -10.12
CA PHE C 360 11.43 31.10 -10.41
C PHE C 360 12.02 31.26 -11.80
N GLY C 361 11.86 32.44 -12.37
CA GLY C 361 12.37 32.71 -13.72
C GLY C 361 11.27 32.91 -14.74
N ARG C 362 10.06 32.44 -14.42
CA ARG C 362 8.90 32.58 -15.31
C ARG C 362 8.15 33.85 -14.99
N GLU C 363 8.54 34.93 -15.67
CA GLU C 363 7.97 36.26 -15.48
C GLU C 363 6.45 36.36 -15.44
N HIS C 364 5.73 35.34 -15.89
CA HIS C 364 4.27 35.39 -15.87
C HIS C 364 3.70 34.93 -14.55
N PHE C 365 4.56 34.42 -13.69
CA PHE C 365 4.14 34.02 -12.35
C PHE C 365 3.95 35.31 -11.56
N PRO C 366 2.94 35.36 -10.68
CA PRO C 366 2.69 36.56 -9.88
C PRO C 366 3.89 37.07 -9.07
N TRP C 367 4.76 36.17 -8.61
CA TRP C 367 5.92 36.59 -7.81
C TRP C 367 7.13 37.03 -8.63
N GLU C 368 7.06 36.84 -9.95
CA GLU C 368 8.14 37.19 -10.84
C GLU C 368 7.96 38.60 -11.34
N LYS C 369 6.74 39.11 -11.21
CA LYS C 369 6.44 40.47 -11.66
C LYS C 369 7.15 41.52 -10.82
N THR C 370 7.53 42.62 -11.44
CA THR C 370 8.21 43.67 -10.71
C THR C 370 7.46 44.99 -10.90
N ASP C 371 6.43 45.17 -10.10
CA ASP C 371 5.63 46.39 -10.19
C ASP C 371 6.04 47.35 -9.08
N LYS C 372 6.43 46.78 -7.94
CA LYS C 372 6.84 47.58 -6.79
C LYS C 372 8.22 48.23 -6.92
N ALA C 373 8.98 47.83 -7.95
CA ALA C 373 10.31 48.38 -8.12
C ALA C 373 10.31 49.91 -8.19
N GLN C 374 9.72 50.47 -9.24
CA GLN C 374 9.68 51.92 -9.40
C GLN C 374 9.20 52.64 -8.18
N LEU C 375 8.29 52.02 -7.45
CA LEU C 375 7.77 52.65 -6.24
C LEU C 375 8.75 52.42 -5.10
N LEU C 376 9.47 51.31 -5.16
CA LEU C 376 10.46 51.00 -4.14
C LEU C 376 11.62 51.93 -4.37
N ARG C 377 11.63 52.55 -5.55
CA ARG C 377 12.67 53.49 -5.95
C ARG C 377 12.34 54.86 -5.38
N ASP C 378 11.08 55.26 -5.53
CA ASP C 378 10.63 56.53 -4.99
C ASP C 378 11.01 56.70 -3.52
N ALA C 379 10.91 55.62 -2.76
CA ALA C 379 11.23 55.64 -1.34
C ALA C 379 12.71 55.85 -1.08
N ALA C 380 13.48 56.06 -2.14
CA ALA C 380 14.91 56.28 -2.00
C ALA C 380 15.47 56.90 -3.28
N GLY C 381 15.85 58.18 -3.20
CA GLY C 381 16.40 58.87 -4.36
C GLY C 381 15.74 58.46 -5.66
N LEU C 382 14.52 58.96 -5.87
CA LEU C 382 13.77 58.63 -7.08
C LEU C 382 14.61 58.92 -8.32
N LYS C 383 14.59 60.18 -8.75
CA LYS C 383 15.31 60.65 -9.92
C LYS C 383 15.69 59.53 -10.91
N ALA D 1 27.20 46.37 11.83
CA ALA D 1 26.14 45.86 10.90
C ALA D 1 25.29 44.78 11.57
N LYS D 2 24.08 45.16 11.97
CA LYS D 2 23.16 44.24 12.63
C LYS D 2 22.25 43.53 11.63
N HIS D 3 21.86 42.31 11.97
CA HIS D 3 20.98 41.50 11.13
C HIS D 3 20.53 40.24 11.88
N LEU D 4 19.40 39.69 11.46
CA LEU D 4 18.87 38.50 12.12
C LEU D 4 18.92 37.24 11.26
N PHE D 5 19.37 36.13 11.86
CA PHE D 5 19.43 34.86 11.17
C PHE D 5 18.67 33.79 11.94
N THR D 6 17.81 33.04 11.24
CA THR D 6 17.01 32.00 11.88
C THR D 6 17.28 30.58 11.37
N SER D 7 17.28 29.63 12.30
CA SER D 7 17.50 28.22 11.98
C SER D 7 16.44 27.42 12.73
N GLU D 8 16.35 26.11 12.46
CA GLU D 8 15.35 25.25 13.11
C GLU D 8 15.78 23.80 13.18
N SER D 9 15.17 23.06 14.09
CA SER D 9 15.49 21.66 14.20
C SER D 9 14.23 20.87 14.60
N VAL D 10 14.29 19.55 14.47
CA VAL D 10 13.13 18.71 14.84
C VAL D 10 13.52 17.52 15.71
N SER D 11 12.60 17.13 16.59
CA SER D 11 12.85 15.99 17.48
C SER D 11 12.92 14.68 16.69
N GLU D 12 13.42 13.63 17.35
CA GLU D 12 13.49 12.32 16.71
C GLU D 12 12.07 11.78 16.52
N GLY D 13 11.11 12.47 17.13
CA GLY D 13 9.71 12.05 17.04
C GLY D 13 8.95 12.72 15.89
N HIS D 14 9.65 13.51 15.10
CA HIS D 14 9.05 14.19 13.96
C HIS D 14 8.90 13.22 12.77
N PRO D 15 7.72 13.18 12.15
CA PRO D 15 7.42 12.30 11.02
C PRO D 15 8.56 12.11 10.04
N ASP D 16 9.02 13.22 9.49
CA ASP D 16 10.12 13.17 8.55
C ASP D 16 11.30 12.44 9.15
N LYS D 17 11.69 12.83 10.36
CA LYS D 17 12.83 12.20 11.03
C LYS D 17 12.61 10.72 11.26
N ILE D 18 11.37 10.35 11.59
CA ILE D 18 11.04 8.94 11.82
C ILE D 18 11.44 8.16 10.58
N ALA D 19 11.09 8.72 9.43
CA ALA D 19 11.43 8.10 8.15
C ALA D 19 12.96 7.89 8.09
N ASP D 20 13.70 9.00 8.13
CA ASP D 20 15.16 8.96 8.08
C ASP D 20 15.75 7.89 8.98
N GLN D 21 15.29 7.87 10.24
CA GLN D 21 15.78 6.90 11.21
C GLN D 21 15.55 5.52 10.66
N ILE D 22 14.32 5.26 10.24
CA ILE D 22 13.96 3.97 9.68
C ILE D 22 14.88 3.68 8.51
N SER D 23 14.88 4.59 7.55
CA SER D 23 15.72 4.43 6.37
C SER D 23 17.15 4.02 6.73
N ASP D 24 17.80 4.83 7.55
CA ASP D 24 19.17 4.56 7.97
C ASP D 24 19.28 3.38 8.92
N ALA D 25 18.15 3.01 9.52
CA ALA D 25 18.15 1.86 10.42
C ALA D 25 18.28 0.60 9.54
N VAL D 26 17.61 0.60 8.40
CA VAL D 26 17.68 -0.56 7.51
C VAL D 26 19.07 -0.70 6.91
N LEU D 27 19.64 0.38 6.43
CA LEU D 27 20.98 0.32 5.83
C LEU D 27 22.00 -0.27 6.79
N ASP D 28 22.03 0.25 8.01
CA ASP D 28 22.97 -0.19 9.03
C ASP D 28 22.85 -1.71 9.15
N ALA D 29 21.63 -2.16 9.42
CA ALA D 29 21.38 -3.59 9.56
C ALA D 29 22.01 -4.31 8.39
N ILE D 30 21.68 -3.85 7.20
CA ILE D 30 22.21 -4.47 6.00
C ILE D 30 23.74 -4.45 5.98
N LEU D 31 24.30 -3.25 6.14
CA LEU D 31 25.74 -3.07 6.11
C LEU D 31 26.46 -3.96 7.09
N GLU D 32 25.89 -4.11 8.29
CA GLU D 32 26.51 -4.96 9.30
C GLU D 32 26.83 -6.30 8.70
N GLN D 33 25.93 -6.76 7.84
CA GLN D 33 26.06 -8.06 7.17
C GLN D 33 26.86 -7.99 5.88
N ASP D 34 26.78 -6.86 5.20
CA ASP D 34 27.50 -6.69 3.95
C ASP D 34 27.84 -5.21 3.75
N PRO D 35 29.12 -4.85 3.95
CA PRO D 35 29.60 -3.47 3.81
C PRO D 35 29.53 -2.94 2.40
N LYS D 36 29.73 -3.80 1.41
CA LYS D 36 29.69 -3.36 0.03
C LYS D 36 28.31 -3.43 -0.62
N ALA D 37 27.26 -3.49 0.20
CA ALA D 37 25.89 -3.54 -0.29
C ALA D 37 25.49 -2.21 -0.94
N ARG D 38 24.51 -2.23 -1.84
CA ARG D 38 24.06 -1.00 -2.46
C ARG D 38 22.61 -0.77 -1.99
N VAL D 39 22.47 0.21 -1.11
CA VAL D 39 21.19 0.54 -0.50
C VAL D 39 20.66 1.92 -0.82
N ALA D 40 19.53 1.96 -1.51
CA ALA D 40 18.85 3.22 -1.82
C ALA D 40 17.44 3.04 -1.25
N CYS D 41 17.29 3.29 0.06
CA CYS D 41 16.02 3.08 0.74
C CYS D 41 15.21 4.31 1.14
N GLU D 42 14.00 4.42 0.58
CA GLU D 42 13.11 5.55 0.85
C GLU D 42 11.89 5.13 1.69
N THR D 43 11.63 5.86 2.76
CA THR D 43 10.52 5.54 3.65
C THR D 43 9.42 6.57 3.71
N TYR D 44 8.18 6.10 3.71
CA TYR D 44 7.00 6.95 3.73
C TYR D 44 6.22 6.59 4.98
N VAL D 45 5.88 7.59 5.79
CA VAL D 45 5.16 7.35 7.05
C VAL D 45 3.90 8.18 7.27
N LYS D 46 2.80 7.50 7.57
CA LYS D 46 1.51 8.16 7.84
C LYS D 46 0.71 7.46 8.92
N THR D 47 -0.41 8.08 9.28
CA THR D 47 -1.31 7.62 10.34
C THR D 47 -1.16 6.22 10.94
N GLY D 48 -1.29 5.16 10.17
CA GLY D 48 -1.15 3.86 10.80
C GLY D 48 -0.15 2.96 10.11
N MET D 49 0.63 3.54 9.21
CA MET D 49 1.57 2.74 8.46
C MET D 49 2.95 3.31 8.34
N VAL D 50 3.80 2.51 7.74
CA VAL D 50 5.19 2.83 7.47
C VAL D 50 5.51 2.08 6.19
N LEU D 51 5.95 2.84 5.18
CA LEU D 51 6.29 2.27 3.88
C LEU D 51 7.79 2.32 3.63
N VAL D 52 8.43 1.15 3.59
CA VAL D 52 9.86 1.07 3.32
C VAL D 52 10.03 0.54 1.92
N GLY D 53 10.57 1.39 1.03
CA GLY D 53 10.78 1.00 -0.35
C GLY D 53 12.07 1.51 -0.98
N GLY D 54 12.15 1.41 -2.30
CA GLY D 54 13.34 1.86 -3.00
C GLY D 54 14.04 0.69 -3.64
N GLU D 55 15.35 0.81 -3.84
CA GLU D 55 16.08 -0.27 -4.46
C GLU D 55 17.25 -0.70 -3.60
N ILE D 56 17.30 -1.99 -3.31
CA ILE D 56 18.37 -2.56 -2.50
C ILE D 56 18.94 -3.81 -3.14
N THR D 57 20.26 -3.85 -3.32
CA THR D 57 20.93 -5.00 -3.90
C THR D 57 22.03 -5.43 -2.94
N THR D 58 21.75 -6.42 -2.12
CA THR D 58 22.71 -6.91 -1.13
C THR D 58 22.59 -8.41 -0.97
N SER D 59 23.60 -9.03 -0.36
CA SER D 59 23.59 -10.45 -0.14
C SER D 59 23.14 -10.69 1.29
N ALA D 60 22.94 -9.60 2.02
CA ALA D 60 22.51 -9.67 3.42
C ALA D 60 21.04 -10.09 3.52
N TRP D 61 20.66 -10.59 4.69
CA TRP D 61 19.28 -10.99 4.90
C TRP D 61 18.79 -10.31 6.16
N VAL D 62 17.85 -9.38 5.97
CA VAL D 62 17.32 -8.60 7.08
C VAL D 62 15.80 -8.64 7.20
N ASP D 63 15.31 -8.26 8.36
CA ASP D 63 13.88 -8.24 8.63
C ASP D 63 13.40 -6.79 8.77
N ILE D 64 12.74 -6.29 7.72
CA ILE D 64 12.23 -4.93 7.71
C ILE D 64 11.21 -4.63 8.82
N GLU D 65 10.25 -5.53 9.04
CA GLU D 65 9.25 -5.28 10.08
C GLU D 65 9.90 -5.07 11.44
N GLU D 66 10.79 -6.00 11.81
CA GLU D 66 11.50 -5.93 13.09
C GLU D 66 12.37 -4.68 13.20
N ILE D 67 13.16 -4.38 12.18
CA ILE D 67 14.01 -3.19 12.27
C ILE D 67 13.12 -1.96 12.40
N THR D 68 12.03 -1.94 11.63
CA THR D 68 11.10 -0.82 11.65
C THR D 68 10.40 -0.72 13.01
N ARG D 69 9.59 -1.71 13.37
CA ARG D 69 8.89 -1.70 14.64
C ARG D 69 9.81 -1.26 15.78
N ASN D 70 10.98 -1.88 15.86
CA ASN D 70 11.97 -1.56 16.89
C ASN D 70 12.43 -0.13 16.77
N THR D 71 12.71 0.31 15.55
CA THR D 71 13.15 1.69 15.38
C THR D 71 12.11 2.70 15.84
N VAL D 72 10.84 2.48 15.47
CA VAL D 72 9.79 3.40 15.88
C VAL D 72 9.65 3.29 17.39
N ARG D 73 9.52 2.06 17.87
CA ARG D 73 9.41 1.81 19.31
C ARG D 73 10.37 2.71 20.10
N GLU D 74 11.66 2.61 19.77
CA GLU D 74 12.68 3.40 20.44
C GLU D 74 12.39 4.89 20.33
N ILE D 75 11.85 5.31 19.18
CA ILE D 75 11.55 6.71 19.02
C ILE D 75 10.59 7.11 20.13
N GLY D 76 9.55 6.32 20.36
CA GLY D 76 8.63 6.66 21.43
C GLY D 76 7.16 6.29 21.27
N TYR D 77 6.66 6.23 20.05
CA TYR D 77 5.25 5.91 19.81
C TYR D 77 4.93 4.45 20.10
N VAL D 78 4.29 4.21 21.25
CA VAL D 78 3.96 2.85 21.63
C VAL D 78 2.53 2.67 22.14
N HIS D 79 1.66 3.60 21.79
CA HIS D 79 0.27 3.56 22.23
C HIS D 79 -0.57 4.38 21.26
N SER D 80 -1.81 3.96 21.04
CA SER D 80 -2.70 4.69 20.14
C SER D 80 -2.96 6.07 20.73
N ASP D 81 -2.74 6.19 22.04
CA ASP D 81 -2.93 7.46 22.75
C ASP D 81 -2.08 8.57 22.15
N MET D 82 -0.87 8.22 21.67
CA MET D 82 0.01 9.22 21.06
C MET D 82 -0.17 9.30 19.55
N GLY D 83 -1.10 8.53 19.00
CA GLY D 83 -1.36 8.56 17.57
C GLY D 83 -0.72 7.49 16.69
N PHE D 84 0.42 6.94 17.13
CA PHE D 84 1.14 5.91 16.37
C PHE D 84 1.65 4.86 17.37
N ASP D 85 1.79 3.61 16.94
CA ASP D 85 2.29 2.55 17.80
C ASP D 85 3.13 1.51 17.05
N ALA D 86 4.41 1.44 17.40
CA ALA D 86 5.33 0.49 16.78
C ALA D 86 4.78 -0.93 16.74
N ASN D 87 4.07 -1.32 17.79
CA ASN D 87 3.53 -2.68 17.86
C ASN D 87 2.30 -2.93 17.01
N SER D 88 1.43 -1.93 16.89
CA SER D 88 0.18 -2.11 16.14
C SER D 88 0.05 -1.40 14.79
N CYS D 89 1.10 -0.69 14.37
CA CYS D 89 1.06 0.00 13.09
C CYS D 89 1.35 -0.98 11.95
N ALA D 90 1.05 -0.55 10.73
CA ALA D 90 1.31 -1.39 9.58
C ALA D 90 2.74 -1.15 9.06
N VAL D 91 3.36 -2.19 8.54
CA VAL D 91 4.70 -2.10 7.97
C VAL D 91 4.67 -2.65 6.55
N LEU D 92 4.74 -1.76 5.57
CA LEU D 92 4.69 -2.12 4.15
C LEU D 92 6.08 -2.03 3.48
N SER D 93 6.29 -2.87 2.46
CA SER D 93 7.56 -2.86 1.76
C SER D 93 7.41 -2.97 0.25
N ALA D 94 8.13 -2.09 -0.44
CA ALA D 94 8.18 -2.09 -1.90
C ALA D 94 9.65 -1.88 -2.25
N ILE D 95 10.47 -2.90 -1.98
CA ILE D 95 11.90 -2.82 -2.24
C ILE D 95 12.38 -3.68 -3.39
N GLY D 96 12.81 -3.03 -4.46
CA GLY D 96 13.34 -3.76 -5.59
C GLY D 96 14.86 -3.74 -5.51
N LYS D 97 15.52 -4.14 -6.60
CA LYS D 97 16.99 -4.16 -6.66
C LYS D 97 17.49 -3.00 -7.51
N GLN D 98 18.74 -2.60 -7.29
CA GLN D 98 19.33 -1.50 -8.04
C GLN D 98 19.49 -1.82 -9.53
N SER D 99 19.18 -0.85 -10.38
CA SER D 99 19.29 -1.01 -11.82
C SER D 99 20.70 -1.33 -12.28
N PRO D 100 20.86 -2.41 -13.06
CA PRO D 100 22.21 -2.78 -13.53
C PRO D 100 22.81 -1.66 -14.39
N ASP D 101 21.93 -0.92 -15.06
CA ASP D 101 22.36 0.19 -15.91
C ASP D 101 23.17 1.18 -15.09
N ILE D 102 22.68 1.50 -13.90
CA ILE D 102 23.40 2.42 -13.03
C ILE D 102 24.67 1.72 -12.56
N ASN D 103 24.52 0.51 -12.03
CA ASN D 103 25.63 -0.26 -11.51
C ASN D 103 26.89 -0.39 -12.36
N GLN D 104 26.73 -0.51 -13.67
CA GLN D 104 27.90 -0.67 -14.53
C GLN D 104 28.80 0.55 -14.48
N GLY D 105 28.21 1.71 -14.21
CA GLY D 105 29.00 2.92 -14.13
C GLY D 105 29.58 3.15 -12.74
N VAL D 106 29.03 2.45 -11.75
CA VAL D 106 29.50 2.60 -10.38
C VAL D 106 30.61 1.63 -10.05
N ASP D 107 30.31 0.35 -10.13
CA ASP D 107 31.31 -0.68 -9.83
C ASP D 107 31.98 -1.17 -11.11
N ARG D 108 33.19 -0.69 -11.37
CA ARG D 108 33.94 -1.10 -12.55
C ARG D 108 35.04 -2.09 -12.17
N ALA D 109 35.72 -2.63 -13.17
CA ALA D 109 36.79 -3.61 -12.94
C ALA D 109 37.70 -3.15 -11.83
N ASP D 110 38.40 -2.04 -12.07
CA ASP D 110 39.31 -1.48 -11.09
C ASP D 110 38.51 -0.71 -10.04
N PRO D 111 38.63 -1.12 -8.77
CA PRO D 111 37.92 -0.46 -7.66
C PRO D 111 38.16 1.03 -7.53
N LEU D 112 39.37 1.48 -7.85
CA LEU D 112 39.70 2.90 -7.76
C LEU D 112 38.90 3.71 -8.75
N GLU D 113 38.82 3.20 -9.99
CA GLU D 113 38.09 3.87 -11.07
C GLU D 113 36.58 3.92 -10.85
N GLN D 114 36.10 3.10 -9.92
CA GLN D 114 34.68 3.01 -9.63
C GLN D 114 34.04 4.40 -9.57
N GLY D 115 32.93 4.56 -10.27
CA GLY D 115 32.26 5.84 -10.35
C GLY D 115 31.20 6.30 -9.37
N ALA D 116 30.94 7.61 -9.42
CA ALA D 116 29.95 8.25 -8.58
C ALA D 116 28.59 7.60 -8.78
N GLY D 117 27.84 7.44 -7.68
CA GLY D 117 26.53 6.83 -7.77
C GLY D 117 25.52 7.67 -8.53
N ASP D 118 25.80 8.95 -8.68
CA ASP D 118 24.88 9.84 -9.38
C ASP D 118 25.54 11.17 -9.68
N GLN D 119 24.85 12.03 -10.42
CA GLN D 119 25.39 13.34 -10.74
C GLN D 119 24.91 14.22 -9.61
N GLY D 120 25.45 15.43 -9.50
CA GLY D 120 24.99 16.29 -8.43
C GLY D 120 26.10 17.11 -7.79
N LEU D 121 25.70 18.02 -6.92
CA LEU D 121 26.64 18.90 -6.24
C LEU D 121 26.40 18.86 -4.73
N MET D 122 27.47 18.97 -3.96
CA MET D 122 27.38 18.94 -2.50
C MET D 122 28.15 20.09 -1.86
N PHE D 123 27.64 20.59 -0.73
CA PHE D 123 28.27 21.70 -0.02
C PHE D 123 28.79 21.35 1.37
N GLY D 124 30.06 21.66 1.60
CA GLY D 124 30.68 21.42 2.90
C GLY D 124 30.82 22.77 3.59
N TYR D 125 30.86 22.78 4.92
CA TYR D 125 30.99 24.05 5.62
C TYR D 125 31.63 23.95 6.99
N ALA D 126 32.34 25.01 7.37
CA ALA D 126 33.00 25.08 8.66
C ALA D 126 33.05 26.54 9.08
N THR D 127 33.06 26.78 10.39
CA THR D 127 33.10 28.13 10.94
C THR D 127 33.66 28.11 12.35
N ASN D 128 34.43 29.14 12.70
CA ASN D 128 35.04 29.20 14.03
C ASN D 128 34.09 29.79 15.07
N GLU D 129 32.81 29.85 14.73
CA GLU D 129 31.81 30.38 15.63
C GLU D 129 31.69 29.51 16.88
N THR D 130 32.13 28.26 16.78
CA THR D 130 32.06 27.35 17.92
C THR D 130 33.20 26.32 17.88
N ASP D 131 33.44 25.70 19.03
CA ASP D 131 34.50 24.69 19.18
C ASP D 131 34.44 23.59 18.11
N VAL D 132 33.25 23.05 17.91
CA VAL D 132 33.06 21.99 16.92
C VAL D 132 33.03 22.59 15.50
N LEU D 133 33.40 23.87 15.39
CA LEU D 133 33.42 24.58 14.12
C LEU D 133 32.09 24.52 13.37
N MET D 134 30.99 24.53 14.12
CA MET D 134 29.65 24.50 13.55
C MET D 134 28.98 25.83 13.80
N PRO D 135 28.02 26.21 12.96
CA PRO D 135 27.35 27.49 13.18
C PRO D 135 26.61 27.36 14.50
N ALA D 136 26.33 28.49 15.15
CA ALA D 136 25.65 28.47 16.44
C ALA D 136 24.15 28.20 16.39
N PRO D 137 23.41 28.91 15.51
CA PRO D 137 21.96 28.66 15.45
C PRO D 137 21.54 27.20 15.31
N ILE D 138 22.10 26.48 14.35
CA ILE D 138 21.72 25.08 14.20
C ILE D 138 22.12 24.29 15.45
N THR D 139 23.26 24.62 16.06
CA THR D 139 23.71 23.90 17.25
C THR D 139 22.76 24.01 18.44
N TYR D 140 22.21 25.19 18.66
CA TYR D 140 21.30 25.35 19.79
C TYR D 140 19.90 24.81 19.51
N ALA D 141 19.47 24.89 18.27
CA ALA D 141 18.15 24.37 17.89
C ALA D 141 18.16 22.86 18.11
N HIS D 142 19.21 22.20 17.64
CA HIS D 142 19.35 20.75 17.83
C HIS D 142 19.31 20.42 19.31
N ARG D 143 20.02 21.20 20.11
CA ARG D 143 20.08 20.99 21.54
C ARG D 143 18.72 21.12 22.18
N LEU D 144 17.89 22.00 21.63
CA LEU D 144 16.55 22.18 22.17
C LEU D 144 15.65 20.96 21.98
N VAL D 145 15.55 20.45 20.76
CA VAL D 145 14.71 19.27 20.55
C VAL D 145 15.29 18.06 21.25
N GLN D 146 16.61 18.01 21.30
CA GLN D 146 17.30 16.90 21.93
C GLN D 146 17.01 16.87 23.43
N ARG D 147 16.96 18.05 24.03
CA ARG D 147 16.70 18.15 25.45
C ARG D 147 15.28 17.66 25.70
N GLN D 148 14.35 18.18 24.92
CA GLN D 148 12.94 17.82 25.05
C GLN D 148 12.79 16.31 25.04
N ALA D 149 13.51 15.67 24.14
CA ALA D 149 13.41 14.22 24.01
C ALA D 149 13.90 13.52 25.27
N GLU D 150 14.98 14.04 25.84
CA GLU D 150 15.63 13.46 27.01
C GLU D 150 14.84 13.68 28.29
N VAL D 151 14.17 14.83 28.39
CA VAL D 151 13.38 15.16 29.57
C VAL D 151 12.11 14.31 29.49
N ARG D 152 11.82 13.81 28.29
CA ARG D 152 10.64 12.98 28.08
C ARG D 152 10.96 11.55 28.48
N LYS D 153 12.04 11.03 27.92
CA LYS D 153 12.48 9.67 28.20
C LYS D 153 12.84 9.43 29.66
N ASN D 154 13.51 10.39 30.30
CA ASN D 154 13.90 10.24 31.70
C ASN D 154 12.72 10.37 32.64
N GLY D 155 11.55 10.73 32.09
CA GLY D 155 10.38 10.86 32.92
C GLY D 155 10.25 12.17 33.68
N THR D 156 11.06 13.17 33.33
CA THR D 156 10.96 14.45 34.01
C THR D 156 9.61 15.07 33.67
N LEU D 157 9.28 15.05 32.38
CA LEU D 157 8.02 15.56 31.89
C LEU D 157 7.33 14.40 31.17
N PRO D 158 6.72 13.49 31.95
CA PRO D 158 6.03 12.31 31.43
C PRO D 158 4.90 12.58 30.44
N TRP D 159 4.34 13.78 30.46
CA TRP D 159 3.24 14.12 29.57
C TRP D 159 3.72 14.62 28.20
N LEU D 160 5.03 14.54 27.96
CA LEU D 160 5.59 14.96 26.68
C LEU D 160 5.43 13.79 25.71
N ARG D 161 5.16 14.12 24.45
CA ARG D 161 5.03 13.10 23.42
C ARG D 161 6.22 13.25 22.47
N PRO D 162 6.54 12.20 21.70
CA PRO D 162 7.69 12.28 20.78
C PRO D 162 7.77 13.48 19.83
N ASP D 163 6.67 13.80 19.17
CA ASP D 163 6.67 14.89 18.19
C ASP D 163 6.99 16.28 18.74
N ALA D 164 8.01 16.93 18.17
CA ALA D 164 8.40 18.28 18.61
C ALA D 164 9.33 18.98 17.61
N LYS D 165 9.24 20.30 17.57
CA LYS D 165 10.05 21.10 16.66
C LYS D 165 10.54 22.36 17.38
N SER D 166 11.70 22.84 16.98
CA SER D 166 12.28 24.01 17.61
C SER D 166 12.86 25.02 16.63
N GLN D 167 12.61 26.31 16.92
CA GLN D 167 13.12 27.40 16.10
C GLN D 167 13.75 28.52 16.97
N VAL D 168 14.91 29.00 16.54
CA VAL D 168 15.61 30.06 17.26
C VAL D 168 16.23 31.04 16.28
N THR D 169 16.16 32.32 16.61
CA THR D 169 16.74 33.33 15.74
C THR D 169 17.72 34.17 16.56
N PHE D 170 18.95 34.26 16.08
CA PHE D 170 19.99 35.00 16.78
C PHE D 170 20.13 36.44 16.30
N GLN D 171 20.71 37.27 17.14
CA GLN D 171 20.96 38.67 16.79
C GLN D 171 22.41 38.69 16.36
N TYR D 172 22.68 39.21 15.18
CA TYR D 172 24.05 39.25 14.70
C TYR D 172 24.48 40.67 14.40
N ASP D 173 25.41 41.17 15.21
CA ASP D 173 25.92 42.52 15.06
C ASP D 173 27.44 42.40 14.95
N ASP D 174 28.04 43.23 14.10
CA ASP D 174 29.47 43.20 13.94
C ASP D 174 29.90 41.79 13.51
N GLY D 175 28.95 41.04 12.94
CA GLY D 175 29.24 39.69 12.49
C GLY D 175 29.30 38.65 13.60
N LYS D 176 29.05 39.07 14.84
CA LYS D 176 29.08 38.14 15.96
C LYS D 176 27.71 38.11 16.63
N ILE D 177 27.47 37.09 17.44
CA ILE D 177 26.20 36.95 18.14
C ILE D 177 26.13 37.89 19.33
N VAL D 178 25.01 38.59 19.47
CA VAL D 178 24.83 39.50 20.58
C VAL D 178 23.71 38.98 21.45
N GLY D 179 22.83 38.18 20.86
CA GLY D 179 21.73 37.64 21.61
C GLY D 179 20.73 36.87 20.78
N ILE D 180 19.56 36.62 21.36
CA ILE D 180 18.51 35.89 20.67
C ILE D 180 17.18 36.62 20.81
N ASP D 181 16.61 37.02 19.67
CA ASP D 181 15.35 37.75 19.65
C ASP D 181 14.11 36.87 19.90
N ALA D 182 13.94 35.81 19.12
CA ALA D 182 12.76 34.95 19.29
C ALA D 182 13.10 33.48 19.45
N VAL D 183 12.31 32.80 20.28
CA VAL D 183 12.49 31.37 20.55
C VAL D 183 11.18 30.63 20.28
N VAL D 184 11.23 29.59 19.45
CA VAL D 184 10.03 28.81 19.14
C VAL D 184 10.22 27.36 19.58
N LEU D 185 9.24 26.83 20.28
CA LEU D 185 9.31 25.45 20.74
C LEU D 185 7.91 24.81 20.71
N SER D 186 7.73 23.85 19.82
CA SER D 186 6.46 23.17 19.71
C SER D 186 6.67 21.71 20.09
N THR D 187 5.84 21.20 20.99
CA THR D 187 5.93 19.82 21.42
C THR D 187 4.57 19.19 21.61
N GLN D 188 4.46 17.92 21.24
CA GLN D 188 3.21 17.19 21.38
C GLN D 188 3.04 16.87 22.87
N HIS D 189 1.80 16.76 23.33
CA HIS D 189 1.54 16.48 24.75
C HIS D 189 0.26 15.67 24.99
N SER D 190 0.02 15.32 26.25
CA SER D 190 -1.15 14.55 26.60
C SER D 190 -2.35 15.44 26.94
N GLU D 191 -3.53 14.85 26.90
CA GLU D 191 -4.76 15.55 27.21
C GLU D 191 -4.80 15.91 28.70
N GLU D 192 -3.79 15.47 29.44
CA GLU D 192 -3.73 15.70 30.87
C GLU D 192 -3.24 17.05 31.37
N ILE D 193 -2.35 17.72 30.64
CA ILE D 193 -1.82 19.00 31.09
C ILE D 193 -2.33 20.23 30.31
N ASP D 194 -2.37 21.37 31.00
CA ASP D 194 -2.84 22.63 30.39
C ASP D 194 -1.73 23.43 29.71
N GLN D 195 -2.12 24.33 28.81
CA GLN D 195 -1.17 25.13 28.06
C GLN D 195 -0.21 25.89 28.95
N LYS D 196 -0.75 26.76 29.79
CA LYS D 196 0.07 27.56 30.70
C LYS D 196 1.10 26.69 31.41
N SER D 197 0.63 25.72 32.18
CA SER D 197 1.54 24.81 32.86
C SER D 197 2.61 24.33 31.87
N LEU D 198 2.15 23.76 30.77
CA LEU D 198 3.04 23.26 29.71
C LEU D 198 4.08 24.32 29.38
N GLN D 199 3.60 25.48 28.95
CA GLN D 199 4.49 26.57 28.57
C GLN D 199 5.47 26.84 29.68
N GLU D 200 4.96 27.09 30.87
CA GLU D 200 5.82 27.37 32.02
C GLU D 200 6.83 26.27 32.26
N ALA D 201 6.40 25.02 32.06
CA ALA D 201 7.28 23.86 32.27
C ALA D 201 8.35 23.73 31.20
N VAL D 202 7.98 24.02 29.95
CA VAL D 202 8.91 23.92 28.84
C VAL D 202 10.07 24.91 29.03
N MET D 203 9.76 26.07 29.60
CA MET D 203 10.77 27.08 29.82
C MET D 203 11.83 26.62 30.81
N GLU D 204 11.38 26.15 31.97
CA GLU D 204 12.27 25.68 33.03
C GLU D 204 13.10 24.45 32.67
N GLU D 205 12.41 23.44 32.12
CA GLU D 205 13.03 22.18 31.75
C GLU D 205 13.75 22.12 30.41
N ILE D 206 13.20 22.75 29.39
CA ILE D 206 13.82 22.68 28.06
C ILE D 206 14.53 23.90 27.50
N ILE D 207 13.93 25.08 27.63
CA ILE D 207 14.56 26.28 27.09
C ILE D 207 15.60 26.92 28.01
N LYS D 208 15.18 27.25 29.23
CA LYS D 208 16.10 27.87 30.17
C LYS D 208 17.41 27.11 30.35
N PRO D 209 17.34 25.78 30.48
CA PRO D 209 18.60 25.05 30.66
C PRO D 209 19.48 24.93 29.41
N ILE D 210 18.92 25.20 28.24
CA ILE D 210 19.68 25.05 27.02
C ILE D 210 20.21 26.33 26.40
N LEU D 211 19.41 27.40 26.46
CA LEU D 211 19.86 28.65 25.89
C LEU D 211 20.72 29.46 26.85
N PRO D 212 21.89 29.94 26.38
CA PRO D 212 22.78 30.72 27.24
C PRO D 212 22.04 31.93 27.82
N ALA D 213 22.00 32.02 29.15
CA ALA D 213 21.32 33.09 29.84
C ALA D 213 21.76 34.49 29.39
N GLU D 214 22.98 34.61 28.87
CA GLU D 214 23.48 35.90 28.41
C GLU D 214 22.69 36.43 27.23
N TRP D 215 22.43 35.54 26.26
CA TRP D 215 21.69 35.90 25.05
C TRP D 215 20.19 36.10 25.26
N LEU D 216 19.71 35.76 26.45
CA LEU D 216 18.30 35.91 26.76
C LEU D 216 18.09 37.22 27.53
N THR D 217 17.23 38.07 26.98
CA THR D 217 16.94 39.35 27.58
C THR D 217 15.44 39.55 27.62
N SER D 218 15.01 40.64 28.24
CA SER D 218 13.60 40.96 28.34
C SER D 218 13.00 41.18 26.95
N ALA D 219 13.87 41.29 25.95
CA ALA D 219 13.42 41.50 24.58
C ALA D 219 12.97 40.19 23.96
N THR D 220 13.77 39.15 24.14
CA THR D 220 13.47 37.83 23.59
C THR D 220 11.97 37.52 23.66
N LYS D 221 11.46 36.91 22.59
CA LYS D 221 10.05 36.54 22.51
C LYS D 221 9.94 35.02 22.42
N PHE D 222 9.09 34.44 23.27
CA PHE D 222 8.94 32.99 23.30
C PHE D 222 7.62 32.51 22.75
N PHE D 223 7.70 31.59 21.79
CA PHE D 223 6.54 31.02 21.14
C PHE D 223 6.44 29.54 21.48
N ILE D 224 5.53 29.22 22.41
CA ILE D 224 5.35 27.84 22.85
C ILE D 224 3.98 27.26 22.48
N ASN D 225 3.96 26.32 21.54
CA ASN D 225 2.73 25.67 21.10
C ASN D 225 1.66 26.70 20.73
N PRO D 226 2.02 27.67 19.87
CA PRO D 226 1.14 28.75 19.41
C PRO D 226 -0.32 28.46 19.03
N THR D 227 -0.59 27.39 18.29
CA THR D 227 -1.99 27.16 17.93
C THR D 227 -2.81 27.04 19.21
N GLY D 228 -2.12 26.90 20.32
CA GLY D 228 -2.81 26.79 21.59
C GLY D 228 -3.11 25.35 21.95
N ARG D 229 -2.83 24.43 21.03
CA ARG D 229 -3.08 23.00 21.26
C ARG D 229 -2.33 22.07 20.30
N PHE D 230 -1.53 21.17 20.87
CA PHE D 230 -0.75 20.21 20.10
C PHE D 230 -0.87 18.84 20.82
N VAL D 231 -2.02 18.19 20.69
CA VAL D 231 -2.24 16.88 21.33
C VAL D 231 -2.12 15.82 20.25
N ILE D 232 -2.44 16.22 19.03
CA ILE D 232 -2.39 15.34 17.88
C ILE D 232 -1.09 15.61 17.13
N GLY D 233 -0.27 14.57 16.97
CA GLY D 233 0.98 14.73 16.27
C GLY D 233 1.43 13.46 15.61
N GLY D 234 2.71 13.37 15.32
CA GLY D 234 3.21 12.19 14.67
C GLY D 234 2.56 12.05 13.32
N PRO D 235 2.79 10.92 12.64
CA PRO D 235 2.22 10.69 11.31
C PRO D 235 0.74 11.03 11.17
N MET D 236 0.01 11.04 12.28
CA MET D 236 -1.42 11.36 12.22
C MET D 236 -1.65 12.83 11.89
N GLY D 237 -0.83 13.70 12.46
CA GLY D 237 -0.98 15.11 12.20
C GLY D 237 -0.14 15.58 11.03
N ASP D 238 0.86 14.79 10.65
CA ASP D 238 1.73 15.18 9.55
C ASP D 238 2.48 14.03 8.86
N CYS D 239 2.41 13.99 7.53
CA CYS D 239 3.05 12.94 6.76
C CYS D 239 4.59 12.99 6.81
N GLY D 240 5.20 11.86 7.14
CA GLY D 240 6.66 11.80 7.24
C GLY D 240 7.26 11.18 6.01
N LEU D 241 8.35 11.78 5.52
CA LEU D 241 9.03 11.30 4.33
C LEU D 241 10.55 11.32 4.50
N THR D 242 11.26 10.44 3.80
CA THR D 242 12.72 10.42 3.89
C THR D 242 13.36 11.59 3.13
N GLY D 243 14.41 12.15 3.72
CA GLY D 243 15.12 13.24 3.06
C GLY D 243 14.38 14.54 2.87
N ARG D 244 13.58 14.92 3.85
CA ARG D 244 12.85 16.17 3.73
C ARG D 244 13.33 17.15 4.81
N LYS D 245 14.39 16.75 5.51
CA LYS D 245 15.02 17.58 6.54
C LYS D 245 16.45 17.92 6.13
N ILE D 246 16.64 17.98 4.82
CA ILE D 246 17.90 18.31 4.18
C ILE D 246 18.73 19.37 4.94
N ILE D 247 18.12 20.53 5.23
CA ILE D 247 18.79 21.64 5.90
C ILE D 247 19.10 21.47 7.40
N VAL D 248 18.14 21.01 8.20
CA VAL D 248 18.42 20.82 9.62
C VAL D 248 19.45 19.68 9.79
N ASP D 249 19.51 18.83 8.78
CA ASP D 249 20.44 17.71 8.78
C ASP D 249 21.87 18.22 8.63
N THR D 250 22.02 19.39 8.01
CA THR D 250 23.33 19.98 7.77
C THR D 250 23.85 21.21 8.58
N TYR D 251 23.55 22.42 8.08
CA TYR D 251 24.03 23.65 8.73
C TYR D 251 22.97 24.70 9.08
N GLY D 252 21.70 24.30 9.09
CA GLY D 252 20.63 25.23 9.45
C GLY D 252 20.29 26.37 8.51
N GLY D 253 20.85 26.35 7.30
CA GLY D 253 20.56 27.43 6.38
C GLY D 253 21.67 28.47 6.35
N MET D 254 22.65 28.30 7.23
CA MET D 254 23.77 29.23 7.29
C MET D 254 24.62 29.05 6.04
N ALA D 255 24.91 27.81 5.71
CA ALA D 255 25.69 27.46 4.53
C ALA D 255 24.76 27.10 3.37
N ARG D 256 25.33 26.67 2.26
CA ARG D 256 24.53 26.30 1.11
C ARG D 256 24.25 24.79 1.06
N HIS D 257 23.43 24.39 0.10
CA HIS D 257 23.05 22.98 -0.08
C HIS D 257 22.76 22.66 -1.55
N GLY D 258 23.11 21.44 -1.95
CA GLY D 258 22.90 21.00 -3.34
C GLY D 258 21.63 20.22 -3.63
N GLY D 259 21.02 19.66 -2.59
CA GLY D 259 19.79 18.92 -2.79
C GLY D 259 19.84 17.41 -2.56
N GLY D 260 20.95 16.91 -2.06
CA GLY D 260 21.07 15.48 -1.80
C GLY D 260 20.79 15.18 -0.34
N ALA D 261 19.90 14.23 -0.08
CA ALA D 261 19.54 13.82 1.26
C ALA D 261 20.60 12.82 1.71
N PHE D 262 20.57 12.47 2.99
CA PHE D 262 21.55 11.52 3.49
C PHE D 262 21.02 10.11 3.79
N SER D 263 20.05 10.01 4.68
CA SER D 263 19.51 8.73 5.09
C SER D 263 19.02 7.79 4.00
N GLY D 264 19.28 6.51 4.20
CA GLY D 264 18.83 5.49 3.27
C GLY D 264 19.79 5.07 2.19
N LYS D 265 20.91 5.77 2.06
CA LYS D 265 21.87 5.44 1.02
C LYS D 265 23.27 5.05 1.51
N ASP D 266 23.84 4.05 0.87
CA ASP D 266 25.18 3.60 1.21
C ASP D 266 26.16 4.68 0.73
N PRO D 267 27.43 4.62 1.19
CA PRO D 267 28.47 5.59 0.83
C PRO D 267 28.80 5.74 -0.67
N SER D 268 28.55 4.73 -1.49
CA SER D 268 28.84 4.83 -2.90
C SER D 268 27.95 5.92 -3.51
N LYS D 269 27.06 6.48 -2.67
CA LYS D 269 26.15 7.55 -3.07
C LYS D 269 26.78 8.89 -2.65
N VAL D 270 27.37 9.58 -3.62
CA VAL D 270 28.02 10.85 -3.37
C VAL D 270 27.19 11.87 -2.59
N ASP D 271 25.87 11.76 -2.65
CA ASP D 271 24.99 12.68 -1.92
C ASP D 271 25.38 12.68 -0.43
N ARG D 272 25.71 11.51 0.08
CA ARG D 272 26.08 11.39 1.50
C ARG D 272 27.59 11.41 1.77
N SER D 273 28.36 10.68 0.97
CA SER D 273 29.81 10.58 1.10
C SER D 273 30.63 11.82 0.70
N ALA D 274 30.26 12.46 -0.41
CA ALA D 274 30.98 13.64 -0.88
C ALA D 274 30.61 14.80 0.01
N ALA D 275 29.41 14.71 0.59
CA ALA D 275 28.92 15.73 1.48
C ALA D 275 29.78 15.65 2.75
N TYR D 276 29.84 14.46 3.34
CA TYR D 276 30.64 14.26 4.54
C TYR D 276 32.07 14.70 4.29
N ALA D 277 32.68 14.20 3.21
CA ALA D 277 34.05 14.56 2.87
C ALA D 277 34.18 16.06 2.74
N ALA D 278 33.12 16.75 2.33
CA ALA D 278 33.19 18.20 2.19
C ALA D 278 33.22 18.90 3.54
N ARG D 279 32.49 18.38 4.51
CA ARG D 279 32.49 18.99 5.83
C ARG D 279 33.88 18.75 6.41
N TYR D 280 34.45 17.60 6.07
CA TYR D 280 35.77 17.17 6.51
C TYR D 280 36.90 18.14 6.15
N VAL D 281 37.00 18.53 4.88
CA VAL D 281 38.07 19.45 4.50
C VAL D 281 37.77 20.86 4.99
N ALA D 282 36.51 21.28 4.91
CA ALA D 282 36.13 22.62 5.37
C ALA D 282 36.50 22.76 6.84
N LYS D 283 36.05 21.81 7.66
CA LYS D 283 36.37 21.87 9.07
C LYS D 283 37.88 21.86 9.22
N ASN D 284 38.52 20.90 8.58
CA ASN D 284 39.98 20.76 8.65
C ASN D 284 40.77 21.98 8.21
N ILE D 285 40.20 22.77 7.30
CA ILE D 285 40.86 23.98 6.83
C ILE D 285 40.82 25.04 7.92
N VAL D 286 39.66 25.22 8.55
CA VAL D 286 39.51 26.21 9.62
C VAL D 286 40.37 25.82 10.82
N ALA D 287 40.32 24.53 11.18
CA ALA D 287 41.13 24.03 12.29
C ALA D 287 42.61 24.32 11.96
N ALA D 288 42.97 24.09 10.70
CA ALA D 288 44.32 24.33 10.22
C ALA D 288 44.59 25.83 10.25
N GLY D 289 43.56 26.59 10.56
CA GLY D 289 43.71 28.03 10.65
C GLY D 289 43.95 28.73 9.32
N LEU D 290 43.66 28.05 8.23
CA LEU D 290 43.85 28.65 6.92
C LEU D 290 42.71 29.59 6.56
N ALA D 291 41.66 29.59 7.38
CA ALA D 291 40.50 30.49 7.18
C ALA D 291 39.55 30.46 8.38
N ASP D 292 38.82 31.54 8.58
CA ASP D 292 37.89 31.59 9.70
C ASP D 292 36.61 30.83 9.42
N ARG D 293 36.26 30.75 8.14
CA ARG D 293 35.08 30.04 7.71
C ARG D 293 35.16 29.80 6.21
N CYS D 294 34.89 28.58 5.79
CA CYS D 294 34.92 28.33 4.38
C CYS D 294 33.88 27.32 3.95
N GLU D 295 33.34 27.54 2.76
CA GLU D 295 32.33 26.68 2.17
C GLU D 295 33.01 25.96 1.02
N ILE D 296 32.87 24.64 0.98
CA ILE D 296 33.43 23.83 -0.10
C ILE D 296 32.29 23.30 -0.97
N GLN D 297 32.58 23.04 -2.22
CA GLN D 297 31.56 22.52 -3.11
C GLN D 297 32.14 21.61 -4.16
N VAL D 298 31.63 20.40 -4.22
CA VAL D 298 32.08 19.46 -5.22
C VAL D 298 30.82 19.06 -5.97
N SER D 299 31.00 18.57 -7.20
CA SER D 299 29.89 18.14 -8.05
C SER D 299 30.39 16.91 -8.79
N TYR D 300 29.50 15.96 -9.09
CA TYR D 300 29.94 14.78 -9.79
C TYR D 300 29.06 14.41 -10.96
N ALA D 301 29.49 13.40 -11.70
CA ALA D 301 28.77 12.88 -12.85
C ALA D 301 28.66 11.37 -12.69
N ILE D 302 27.44 10.84 -12.76
CA ILE D 302 27.20 9.41 -12.62
C ILE D 302 28.19 8.56 -13.40
N GLY D 303 28.58 7.43 -12.82
CA GLY D 303 29.51 6.53 -13.50
C GLY D 303 30.91 7.07 -13.67
N VAL D 304 31.11 8.34 -13.34
CA VAL D 304 32.42 9.00 -13.45
C VAL D 304 33.04 9.12 -12.06
N ALA D 305 34.31 8.73 -11.94
CA ALA D 305 35.03 8.76 -10.66
C ALA D 305 35.63 10.11 -10.28
N GLU D 306 36.07 10.86 -11.27
CA GLU D 306 36.70 12.16 -11.02
C GLU D 306 35.72 13.32 -10.97
N PRO D 307 35.68 14.04 -9.82
CA PRO D 307 34.81 15.20 -9.58
C PRO D 307 34.74 16.16 -10.76
N THR D 308 33.54 16.60 -11.09
CA THR D 308 33.34 17.50 -12.21
C THR D 308 33.63 18.94 -11.82
N SER D 309 33.62 19.21 -10.53
CA SER D 309 33.86 20.57 -10.06
C SER D 309 34.22 20.62 -8.57
N ILE D 310 35.02 21.61 -8.22
CA ILE D 310 35.45 21.83 -6.84
C ILE D 310 35.67 23.32 -6.72
N MET D 311 35.30 23.87 -5.56
CA MET D 311 35.45 25.29 -5.33
C MET D 311 35.47 25.56 -3.83
N VAL D 312 36.42 26.36 -3.37
CA VAL D 312 36.49 26.69 -1.95
C VAL D 312 36.17 28.18 -1.80
N GLU D 313 35.26 28.50 -0.87
CA GLU D 313 34.88 29.89 -0.63
C GLU D 313 35.22 30.23 0.81
N THR D 314 36.10 31.21 1.00
CA THR D 314 36.52 31.60 2.34
C THR D 314 35.99 32.95 2.76
N PHE D 315 35.15 33.57 1.92
CA PHE D 315 34.55 34.85 2.24
C PHE D 315 35.59 35.87 2.70
N GLY D 316 36.77 35.81 2.09
CA GLY D 316 37.82 36.74 2.46
C GLY D 316 38.55 36.41 3.75
N THR D 317 37.94 35.60 4.60
CA THR D 317 38.56 35.24 5.86
C THR D 317 39.74 34.30 5.72
N GLU D 318 40.17 34.08 4.48
CA GLU D 318 41.29 33.18 4.26
C GLU D 318 42.60 33.84 4.71
N LYS D 319 43.61 33.02 4.98
CA LYS D 319 44.91 33.50 5.44
C LYS D 319 46.04 33.19 4.46
N VAL D 320 45.72 32.45 3.42
CA VAL D 320 46.68 32.10 2.37
C VAL D 320 45.89 32.34 1.09
N PRO D 321 46.51 32.98 0.09
CA PRO D 321 45.75 33.20 -1.14
C PRO D 321 45.00 31.95 -1.55
N SER D 322 43.70 32.12 -1.77
CA SER D 322 42.83 31.01 -2.18
C SER D 322 43.58 30.06 -3.11
N GLU D 323 44.32 30.63 -4.05
CA GLU D 323 45.10 29.87 -5.02
C GLU D 323 45.71 28.61 -4.42
N GLN D 324 46.69 28.79 -3.55
CA GLN D 324 47.36 27.67 -2.92
C GLN D 324 46.38 26.92 -2.03
N LEU D 325 45.35 27.64 -1.56
CA LEU D 325 44.34 27.04 -0.70
C LEU D 325 43.47 26.06 -1.47
N THR D 326 43.32 26.29 -2.78
CA THR D 326 42.51 25.41 -3.63
C THR D 326 43.37 24.31 -4.21
N LEU D 327 44.64 24.60 -4.46
CA LEU D 327 45.55 23.62 -5.02
C LEU D 327 45.98 22.68 -3.90
N LEU D 328 45.80 23.11 -2.67
CA LEU D 328 46.16 22.29 -1.52
C LEU D 328 45.06 21.25 -1.31
N VAL D 329 43.81 21.67 -1.48
CA VAL D 329 42.65 20.80 -1.31
C VAL D 329 42.78 19.51 -2.12
N ARG D 330 42.85 19.63 -3.43
CA ARG D 330 42.96 18.46 -4.29
C ARG D 330 44.29 17.78 -4.07
N GLU D 331 45.19 18.45 -3.37
CA GLU D 331 46.49 17.90 -3.10
C GLU D 331 46.41 16.92 -1.93
N PHE D 332 45.74 17.34 -0.87
CA PHE D 332 45.62 16.53 0.34
C PHE D 332 44.54 15.46 0.38
N PHE D 333 43.33 15.81 -0.05
CA PHE D 333 42.21 14.86 -0.03
C PHE D 333 41.86 14.25 -1.38
N ASP D 334 41.29 13.05 -1.32
CA ASP D 334 40.84 12.31 -2.51
C ASP D 334 39.31 12.35 -2.51
N LEU D 335 38.73 13.12 -3.42
CA LEU D 335 37.27 13.24 -3.51
C LEU D 335 36.65 12.25 -4.49
N ARG D 336 37.46 11.34 -5.00
CA ARG D 336 36.96 10.33 -5.92
C ARG D 336 36.13 9.36 -5.10
N PRO D 337 35.02 8.88 -5.66
CA PRO D 337 34.15 7.95 -4.94
C PRO D 337 34.89 6.98 -4.04
N TYR D 338 35.74 6.18 -4.64
CA TYR D 338 36.46 5.17 -3.89
C TYR D 338 37.73 5.62 -3.19
N GLY D 339 37.76 6.92 -2.90
CA GLY D 339 38.86 7.54 -2.20
C GLY D 339 38.33 8.12 -0.89
N LEU D 340 37.12 8.68 -0.93
CA LEU D 340 36.46 9.24 0.27
C LEU D 340 35.97 8.15 1.19
N ILE D 341 35.54 7.03 0.62
CA ILE D 341 35.07 5.92 1.43
C ILE D 341 36.20 5.37 2.29
N GLN D 342 37.42 5.30 1.73
CA GLN D 342 38.55 4.81 2.50
C GLN D 342 39.00 5.95 3.43
N MET D 343 38.99 7.16 2.87
CA MET D 343 39.37 8.35 3.61
C MET D 343 38.63 8.45 4.93
N LEU D 344 37.34 8.11 4.92
CA LEU D 344 36.54 8.18 6.14
C LEU D 344 36.05 6.81 6.62
N ASP D 345 36.46 5.75 5.93
CA ASP D 345 36.04 4.41 6.32
C ASP D 345 34.52 4.33 6.47
N LEU D 346 33.80 4.63 5.39
CA LEU D 346 32.35 4.63 5.41
C LEU D 346 31.64 3.26 5.31
N LEU D 347 32.40 2.19 5.10
CA LEU D 347 31.83 0.85 4.99
C LEU D 347 31.41 0.25 6.33
N HIS D 348 30.72 1.02 7.16
CA HIS D 348 30.26 0.52 8.46
C HIS D 348 28.86 0.97 8.84
N PRO D 349 28.17 0.20 9.70
CA PRO D 349 26.82 0.60 10.10
C PRO D 349 26.89 1.68 11.17
N ILE D 350 27.11 2.91 10.72
CA ILE D 350 27.24 4.04 11.65
C ILE D 350 26.30 5.19 11.29
N TYR D 351 25.29 4.94 10.46
CA TYR D 351 24.41 6.02 10.04
C TYR D 351 23.11 6.29 10.79
N LYS D 352 22.46 5.24 11.30
CA LYS D 352 21.21 5.46 12.02
C LYS D 352 21.41 6.59 13.04
N GLU D 353 22.49 6.47 13.82
CA GLU D 353 22.82 7.47 14.84
C GLU D 353 22.92 8.87 14.25
N THR D 354 23.10 8.95 12.95
CA THR D 354 23.25 10.23 12.29
C THR D 354 21.94 10.79 11.77
N ALA D 355 20.87 9.99 11.87
CA ALA D 355 19.54 10.37 11.37
C ALA D 355 18.70 11.37 12.21
N ALA D 356 19.17 11.72 13.39
CA ALA D 356 18.42 12.66 14.20
C ALA D 356 19.38 13.58 14.90
N TYR D 357 19.09 14.88 14.84
CA TYR D 357 19.90 15.90 15.49
C TYR D 357 21.22 16.29 14.82
N GLY D 358 21.19 16.47 13.49
CA GLY D 358 22.37 16.89 12.76
C GLY D 358 23.41 15.84 12.39
N HIS D 359 23.93 15.97 11.17
CA HIS D 359 24.93 15.05 10.64
C HIS D 359 26.32 15.59 10.97
N PHE D 360 26.36 16.84 11.42
CA PHE D 360 27.63 17.46 11.75
C PHE D 360 27.60 18.02 13.16
N GLY D 361 28.80 18.12 13.76
CA GLY D 361 28.90 18.62 15.12
C GLY D 361 29.33 17.56 16.13
N ARG D 362 29.13 16.29 15.78
CA ARG D 362 29.49 15.18 16.65
C ARG D 362 30.90 14.75 16.33
N GLU D 363 31.86 15.34 17.03
CA GLU D 363 33.27 15.10 16.86
C GLU D 363 33.71 13.63 16.78
N HIS D 364 32.85 12.71 17.22
CA HIS D 364 33.23 11.30 17.16
C HIS D 364 32.93 10.68 15.80
N PHE D 365 32.28 11.44 14.93
CA PHE D 365 31.99 10.98 13.58
C PHE D 365 33.31 11.12 12.82
N PRO D 366 33.62 10.16 11.93
CA PRO D 366 34.86 10.21 11.15
C PRO D 366 35.10 11.50 10.37
N TRP D 367 34.03 12.18 9.96
CA TRP D 367 34.20 13.41 9.19
C TRP D 367 34.34 14.62 10.07
N GLU D 368 34.13 14.45 11.37
CA GLU D 368 34.24 15.58 12.30
C GLU D 368 35.66 15.72 12.83
N LYS D 369 36.43 14.65 12.67
CA LYS D 369 37.81 14.63 13.13
C LYS D 369 38.69 15.60 12.34
N THR D 370 39.67 16.19 13.02
CA THR D 370 40.56 17.12 12.34
C THR D 370 42.00 16.68 12.56
N ASP D 371 42.43 15.71 11.77
CA ASP D 371 43.78 15.20 11.87
C ASP D 371 44.67 15.85 10.80
N LYS D 372 44.07 16.12 9.64
CA LYS D 372 44.78 16.74 8.52
C LYS D 372 45.09 18.22 8.71
N ALA D 373 44.52 18.84 9.73
CA ALA D 373 44.74 20.27 9.97
C ALA D 373 46.21 20.63 10.09
N GLN D 374 46.88 20.11 11.11
CA GLN D 374 48.29 20.41 11.32
C GLN D 374 49.14 20.15 10.08
N LEU D 375 48.77 19.11 9.33
CA LEU D 375 49.50 18.77 8.11
C LEU D 375 49.09 19.69 6.98
N LEU D 376 47.84 20.18 7.05
CA LEU D 376 47.31 21.10 6.07
C LEU D 376 47.94 22.45 6.37
N ARG D 377 48.54 22.55 7.55
CA ARG D 377 49.22 23.75 8.00
C ARG D 377 50.64 23.75 7.45
N ASP D 378 51.32 22.60 7.58
CA ASP D 378 52.68 22.44 7.08
C ASP D 378 52.81 22.89 5.64
N ALA D 379 51.75 22.63 4.86
CA ALA D 379 51.74 22.98 3.45
C ALA D 379 51.60 24.50 3.22
N ALA D 380 51.64 25.27 4.30
CA ALA D 380 51.55 26.72 4.20
C ALA D 380 52.02 27.37 5.52
N GLY D 381 53.18 28.02 5.48
CA GLY D 381 53.73 28.67 6.66
C GLY D 381 53.47 27.87 7.93
N LEU D 382 54.23 26.78 8.12
CA LEU D 382 54.04 25.95 9.30
C LEU D 382 54.08 26.77 10.58
N LYS D 383 55.30 27.04 11.04
CA LYS D 383 55.57 27.80 12.27
C LYS D 383 54.38 27.88 13.24
K K E . -6.06 -15.33 7.01
MG MG F . -12.60 -21.08 8.66
MG MG G . -9.95 -16.15 6.88
PG ANP H . -10.63 -19.30 6.16
O1G ANP H . -11.77 -20.03 6.66
O2G ANP H . -11.09 -17.98 5.95
O3G ANP H . -10.07 -19.93 4.89
PB ANP H . -8.26 -18.74 7.91
O1B ANP H . -7.00 -19.49 7.91
O2B ANP H . -8.21 -17.39 7.47
N3B ANP H . -9.30 -19.56 7.10
PA ANP H . -10.28 -18.22 9.80
O1A ANP H . -11.18 -19.36 9.62
O2A ANP H . -10.83 -17.15 8.86
O3A ANP H . -8.76 -18.58 9.40
O5' ANP H . -10.38 -17.45 11.22
C5' ANP H . -9.36 -17.68 12.30
C4' ANP H . -9.72 -17.00 13.31
O4' ANP H . -8.94 -17.61 14.40
C3' ANP H . -9.26 -15.54 13.47
O3' ANP H . -9.69 -14.54 12.64
C2' ANP H . -9.55 -15.49 15.05
O2' ANP H . -11.07 -15.20 15.12
C1' ANP H . -9.28 -16.90 15.58
N9 ANP H . -8.30 -16.94 16.49
C8 ANP H . -7.09 -16.23 16.53
N7 ANP H . -6.31 -16.45 17.51
C5 ANP H . -7.00 -17.36 18.20
C6 ANP H . -6.63 -17.99 19.41
N6 ANP H . -5.52 -17.85 20.14
N1 ANP H . -7.54 -18.95 19.95
C2 ANP H . -8.77 -19.22 19.26
N3 ANP H . -9.21 -18.65 18.10
C4 ANP H . -8.23 -17.71 17.60
N MET I . -15.75 -6.61 -10.51
CA MET I . -16.41 -6.92 -11.82
C MET I . -17.25 -5.69 -12.12
O MET I . -18.42 -5.85 -12.52
CB MET I . -17.30 -8.16 -11.70
CG MET I . -16.62 -9.50 -12.02
SD MET I . -15.82 -9.65 -13.60
CE MET I . -17.32 -9.94 -14.69
OXT MET I . -16.80 -4.54 -11.99
K K J . -13.43 -8.79 -7.72
MG MG K . -17.50 -16.48 -9.58
MG MG L . -13.31 -12.88 -7.51
N MET M . -3.41 -17.25 9.89
CA MET M . -3.60 -18.01 11.15
C MET M . -2.23 -18.49 11.51
O MET M . -2.08 -19.67 11.81
CB MET M . -4.57 -19.19 10.94
CG MET M . -6.03 -18.90 11.28
SD MET M . -6.32 -18.17 12.87
CE MET M . -6.49 -19.72 13.90
OXT MET M . -1.25 -17.73 11.51
PG ANP N . -16.33 -14.29 -7.08
O1G ANP N . -16.78 -15.53 -7.64
O2G ANP N . -14.94 -14.46 -6.84
O3G ANP N . -17.10 -13.92 -5.82
PB ANP N . -16.23 -11.79 -8.73
O1B ANP N . -17.23 -10.71 -8.72
O2B ANP N . -14.94 -11.46 -8.24
N3B ANP N . -16.83 -13.01 -7.99
PA ANP N . -15.24 -13.57 -10.66
O1A ANP N . -16.16 -14.69 -10.55
O2A ANP N . -14.10 -13.91 -9.71
O3A ANP N . -15.93 -12.17 -10.23
O5' ANP N . -14.42 -13.45 -12.05
C5' ANP N . -14.83 -12.46 -13.11
C4' ANP N . -14.05 -12.63 -14.12
O4' ANP N . -14.79 -11.95 -15.20
C3' ANP N . -12.72 -11.86 -14.19
O3' ANP N . -11.68 -12.11 -13.34
C2' ANP N . -12.56 -12.07 -15.78
O2' ANP N . -11.96 -13.49 -15.89
C1' ANP N . -13.97 -12.08 -16.36
N9 ANP N . -14.20 -11.09 -17.23
C8 ANP N . -13.77 -9.76 -17.21
N7 ANP N . -14.11 -9.01 -18.17
C5 ANP N . -14.84 -9.84 -18.92
C6 ANP N . -15.49 -9.57 -20.13
N6 ANP N . -15.57 -8.43 -20.83
N1 ANP N . -16.22 -10.65 -20.75
C2 ANP N . -16.24 -11.93 -20.11
N3 ANP N . -15.63 -12.29 -18.94
C4 ANP N . -14.92 -11.15 -18.38
K K O . 15.55 7.60 -4.62
MG MG P . 15.11 11.51 -5.06
MG MG Q . 8.70 23.43 7.26
N SAM R . 18.72 4.69 -6.40
CA SAM R . 19.83 4.55 -7.36
C SAM R . 20.72 3.40 -6.93
O SAM R . 21.94 3.58 -6.92
OXT SAM R . 20.11 2.32 -6.59
CB SAM R . 20.63 5.86 -7.42
CG SAM R . 19.79 7.01 -7.88
SD SAM R . 19.76 7.42 -9.66
CE SAM R . 21.48 7.66 -10.10
C5' SAM R . 19.05 9.00 -9.71
C4' SAM R . 18.61 9.50 -11.05
O4' SAM R . 19.61 9.22 -12.05
C3' SAM R . 17.36 8.83 -11.59
O3' SAM R . 16.24 9.54 -11.00
C2' SAM R . 17.46 9.10 -13.06
O2' SAM R . 16.88 10.28 -13.59
C1' SAM R . 18.98 8.97 -13.29
N9 SAM R . 19.41 7.65 -13.78
C8 SAM R . 18.87 6.40 -13.61
N7 SAM R . 19.53 5.45 -14.22
C5 SAM R . 20.59 6.11 -14.84
C6 SAM R . 21.69 5.66 -15.67
N6 SAM R . 21.86 4.38 -16.01
N1 SAM R . 22.59 6.60 -16.14
C2 SAM R . 22.41 7.90 -15.80
N3 SAM R . 21.42 8.44 -15.04
C4 SAM R . 20.53 7.47 -14.58
N SAM S . 0.30 19.01 7.23
CA SAM S . -0.08 20.12 8.15
C SAM S . -1.34 20.80 7.67
O SAM S . -1.38 22.04 7.65
OXT SAM S . -2.29 20.01 7.30
CB SAM S . 1.07 21.15 8.24
CG SAM S . 2.33 20.50 8.68
SD SAM S . 2.70 20.54 10.45
CE SAM S . 2.54 22.27 10.93
C5' SAM S . 4.41 20.21 10.58
C4' SAM S . 4.91 19.82 11.95
O4' SAM S . 4.37 20.72 12.97
C3' SAM S . 4.46 18.44 12.42
O3' SAM S . 5.36 17.48 11.84
C2' SAM S . 4.64 18.54 13.90
O2' SAM S . 5.88 18.17 14.50
C1' SAM S . 4.19 20.01 14.17
N9 SAM S . 2.80 20.14 14.61
C8 SAM S . 1.68 19.36 14.35
N7 SAM S . 0.59 19.79 14.91
C5 SAM S . 0.99 20.93 15.59
C6 SAM S . 0.28 21.88 16.41
N6 SAM S . -1.03 21.78 16.67
N1 SAM S . 0.98 22.94 16.97
C2 SAM S . 2.33 23.03 16.71
N3 SAM S . 3.08 22.19 15.95
C4 SAM S . 2.35 21.15 15.41
O1G PPK T . 19.42 14.15 -4.65
PG PPK T . 18.48 13.21 -4.00
O2G PPK T . 17.15 13.56 -4.43
O3G PPK T . 18.68 13.17 -2.51
N3B PPK T . 18.93 11.63 -4.17
PB PPK T . 18.51 10.47 -5.11
O1B PPK T . 19.19 9.22 -4.67
O2B PPK T . 17.04 10.49 -5.14
O3A PPK T . 18.82 10.79 -6.66
PA PPK T . 18.21 12.04 -7.46
O1A PPK T . 19.09 13.30 -7.27
O2A PPK T . 16.82 12.39 -6.96
O4A PPK T . 18.21 11.71 -8.97
MG MG U . 21.21 13.87 -6.43
K K V . 3.94 16.65 5.35
MG MG W . 7.94 17.11 5.86
O1G PPK X . 9.46 21.75 5.74
PG PPK X . 8.75 20.68 5.02
O2G PPK X . 9.39 19.41 5.31
O3G PPK X . 8.69 21.00 3.55
N3B PPK X . 7.15 20.81 5.23
PB PPK X . 6.14 20.09 6.14
O1B PPK X . 4.78 20.50 5.76
O2B PPK X . 6.46 18.65 6.06
O3A PPK X . 6.38 20.40 7.69
PA PPK X . 7.72 20.03 8.53
O1A PPK X . 8.77 21.15 8.37
O2A PPK X . 8.33 18.76 8.05
O4A PPK X . 7.35 19.93 10.02
#